data_1F7R
# 
_entry.id   1F7R 
# 
_audit_conform.dict_name       mmcif_pdbx.dic 
_audit_conform.dict_version    5.385 
_audit_conform.dict_location   http://mmcif.pdb.org/dictionaries/ascii/mmcif_pdbx.dic 
# 
loop_
_database_2.database_id 
_database_2.database_code 
_database_2.pdbx_database_accession 
_database_2.pdbx_DOI 
PDB   1F7R         pdb_00001f7r 10.2210/pdb1f7r/pdb 
RCSB  RCSB011346   ?            ?                   
WWPDB D_1000011346 ?            ?                   
# 
loop_
_pdbx_audit_revision_history.ordinal 
_pdbx_audit_revision_history.data_content_type 
_pdbx_audit_revision_history.major_revision 
_pdbx_audit_revision_history.minor_revision 
_pdbx_audit_revision_history.revision_date 
1 'Structure model' 1 0 2000-09-06 
2 'Structure model' 1 1 2007-10-16 
3 'Structure model' 1 2 2011-07-13 
4 'Structure model' 1 3 2024-02-07 
# 
_pdbx_audit_revision_details.ordinal             1 
_pdbx_audit_revision_details.revision_ordinal    1 
_pdbx_audit_revision_details.data_content_type   'Structure model' 
_pdbx_audit_revision_details.provider            repository 
_pdbx_audit_revision_details.type                'Initial release' 
_pdbx_audit_revision_details.description         ? 
_pdbx_audit_revision_details.details             ? 
# 
loop_
_pdbx_audit_revision_group.ordinal 
_pdbx_audit_revision_group.revision_ordinal 
_pdbx_audit_revision_group.data_content_type 
_pdbx_audit_revision_group.group 
1 2 'Structure model' 'Version format compliance' 
2 3 'Structure model' 'Derived calculations'      
3 3 'Structure model' 'Version format compliance' 
4 4 'Structure model' 'Data collection'           
5 4 'Structure model' 'Database references'       
6 4 'Structure model' 'Derived calculations'      
# 
loop_
_pdbx_audit_revision_category.ordinal 
_pdbx_audit_revision_category.revision_ordinal 
_pdbx_audit_revision_category.data_content_type 
_pdbx_audit_revision_category.category 
1 4 'Structure model' chem_comp_atom 
2 4 'Structure model' chem_comp_bond 
3 4 'Structure model' database_2     
4 4 'Structure model' struct_conn    
5 4 'Structure model' struct_site    
# 
loop_
_pdbx_audit_revision_item.ordinal 
_pdbx_audit_revision_item.revision_ordinal 
_pdbx_audit_revision_item.data_content_type 
_pdbx_audit_revision_item.item 
1  4 'Structure model' '_database_2.pdbx_DOI'                
2  4 'Structure model' '_database_2.pdbx_database_accession' 
3  4 'Structure model' '_struct_conn.ptnr1_auth_comp_id'     
4  4 'Structure model' '_struct_conn.ptnr1_auth_seq_id'      
5  4 'Structure model' '_struct_conn.ptnr1_label_asym_id'    
6  4 'Structure model' '_struct_conn.ptnr1_label_atom_id'    
7  4 'Structure model' '_struct_conn.ptnr1_label_comp_id'    
8  4 'Structure model' '_struct_conn.ptnr1_label_seq_id'     
9  4 'Structure model' '_struct_conn.ptnr1_symmetry'         
10 4 'Structure model' '_struct_conn.ptnr2_auth_comp_id'     
11 4 'Structure model' '_struct_conn.ptnr2_auth_seq_id'      
12 4 'Structure model' '_struct_conn.ptnr2_label_asym_id'    
13 4 'Structure model' '_struct_conn.ptnr2_label_atom_id'    
14 4 'Structure model' '_struct_conn.ptnr2_label_comp_id'    
15 4 'Structure model' '_struct_conn.ptnr2_label_seq_id'     
16 4 'Structure model' '_struct_conn.ptnr2_symmetry'         
17 4 'Structure model' '_struct_site.pdbx_auth_asym_id'      
18 4 'Structure model' '_struct_site.pdbx_auth_comp_id'      
19 4 'Structure model' '_struct_site.pdbx_auth_seq_id'       
# 
_pdbx_database_status.status_code                     REL 
_pdbx_database_status.entry_id                        1F7R 
_pdbx_database_status.recvd_initial_deposition_date   2000-06-27 
_pdbx_database_status.deposit_site                    RCSB 
_pdbx_database_status.process_site                    RCSB 
_pdbx_database_status.SG_entry                        . 
_pdbx_database_status.pdb_format_compatible           Y 
_pdbx_database_status.status_code_mr                  ? 
_pdbx_database_status.status_code_sf                  ? 
_pdbx_database_status.status_code_cs                  ? 
_pdbx_database_status.status_code_nmr_data            ? 
_pdbx_database_status.methods_development_category    ? 
# 
loop_
_pdbx_database_related.db_name 
_pdbx_database_related.db_id 
_pdbx_database_related.details 
_pdbx_database_related.content_type 
PDB 1F7D '1F7D contains the same protein in P63'                          unspecified 
PDB 1F7K '1F7K contains the same protein complexed with dUMP in P63'      unspecified 
PDB 1F7N '1F7N contains the same protein complexed with dUMP in P63'      unspecified 
PDB 1F7O '1F7O contains the same protein in P212121'                      unspecified 
PDB 1F7P '1F7P contains the same protein in complex with dUDP in P212121' unspecified 
PDB 1F7Q '1F7Q contains the same protein in complex with dUTP in P212121' unspecified 
# 
loop_
_audit_author.name 
_audit_author.pdbx_ordinal 
'Prasad, G.S.' 1 
'Stura, E.A.'  2 
'Elder, J.H.'  3 
'Stout, C.D.'  4 
# 
loop_
_citation.id 
_citation.title 
_citation.journal_abbrev 
_citation.journal_volume 
_citation.page_first 
_citation.page_last 
_citation.year 
_citation.journal_id_ASTM 
_citation.country 
_citation.journal_id_ISSN 
_citation.journal_id_CSD 
_citation.book_publisher 
_citation.pdbx_database_id_PubMed 
_citation.pdbx_database_id_DOI 
primary 'Structures of feline immunodeficiency virus dUTP pyrophosphatase and its nucleotide complexes in three crystal forms.' 
'Acta Crystallogr.,Sect.D' 56 1100 1109 2000 ABCRE6 DK 0907-4449 0766 ? 10957629 10.1107/S0907444900009197 
1       'Crystal Structure of dUTP Pyrophosphatase from Feline Immunodeficiency Virus'                                          
'Protein Sci.'             5  2429 2437 1996 PRCIEI US 0961-8368 0795 ? ?        ?                         
# 
loop_
_citation_author.citation_id 
_citation_author.name 
_citation_author.ordinal 
_citation_author.identifier_ORCID 
primary 'Prasad, G.S.'        1  ? 
primary 'Stura, E.A.'         2  ? 
primary 'Elder, J.H.'         3  ? 
primary 'Stout, C.D.'         4  ? 
1       'Prasad, G.S.'        5  ? 
1       'Stura, E.A.'         6  ? 
1       'McRee, D.E.'         7  ? 
1       'Laco, G.S.'          8  ? 
1       'Hasselkus-Light, C.' 9  ? 
1       'Elder, J.H.'         10 ? 
1       'Stout, C.D.'         11 ? 
# 
loop_
_entity.id 
_entity.type 
_entity.src_method 
_entity.pdbx_description 
_entity.formula_weight 
_entity.pdbx_number_of_molecules 
_entity.pdbx_ec 
_entity.pdbx_mutation 
_entity.pdbx_fragment 
_entity.details 
1 polymer     man 'POL POLYPROTEIN'        14730.169 1  3.6.1.23 ? DUTPASE ? 
2 non-polymer syn 'MAGNESIUM ION'          24.305    1  ?        ? ?       ? 
3 non-polymer syn "URIDINE-5'-DIPHOSPHATE" 404.161   1  ?        ? ?       ? 
4 water       nat water                    18.015    54 ?        ? ?       ? 
# 
_entity_poly.entity_id                      1 
_entity_poly.type                           'polypeptide(L)' 
_entity_poly.nstd_linkage                   no 
_entity_poly.nstd_monomer                   no 
_entity_poly.pdbx_seq_one_letter_code       
;MIIEGDGILDKRSEDAGYDLLAAKEIHLLPGEVKVIPTGVKLMLPKGYWGLIIGKSSIGSKGLDVLGGVIDEGYRGEIGV
IMINVSRKSITLMERQKIAQLIILPCKHEVLEQGKVVMDSERGDNGYGSTGVFSSW
;
_entity_poly.pdbx_seq_one_letter_code_can   
;MIIEGDGILDKRSEDAGYDLLAAKEIHLLPGEVKVIPTGVKLMLPKGYWGLIIGKSSIGSKGLDVLGGVIDEGYRGEIGV
IMINVSRKSITLMERQKIAQLIILPCKHEVLEQGKVVMDSERGDNGYGSTGVFSSW
;
_entity_poly.pdbx_strand_id                 A 
_entity_poly.pdbx_target_identifier         ? 
# 
loop_
_pdbx_entity_nonpoly.entity_id 
_pdbx_entity_nonpoly.name 
_pdbx_entity_nonpoly.comp_id 
2 'MAGNESIUM ION'          MG  
3 "URIDINE-5'-DIPHOSPHATE" UDP 
4 water                    HOH 
# 
loop_
_entity_poly_seq.entity_id 
_entity_poly_seq.num 
_entity_poly_seq.mon_id 
_entity_poly_seq.hetero 
1 1   MET n 
1 2   ILE n 
1 3   ILE n 
1 4   GLU n 
1 5   GLY n 
1 6   ASP n 
1 7   GLY n 
1 8   ILE n 
1 9   LEU n 
1 10  ASP n 
1 11  LYS n 
1 12  ARG n 
1 13  SER n 
1 14  GLU n 
1 15  ASP n 
1 16  ALA n 
1 17  GLY n 
1 18  TYR n 
1 19  ASP n 
1 20  LEU n 
1 21  LEU n 
1 22  ALA n 
1 23  ALA n 
1 24  LYS n 
1 25  GLU n 
1 26  ILE n 
1 27  HIS n 
1 28  LEU n 
1 29  LEU n 
1 30  PRO n 
1 31  GLY n 
1 32  GLU n 
1 33  VAL n 
1 34  LYS n 
1 35  VAL n 
1 36  ILE n 
1 37  PRO n 
1 38  THR n 
1 39  GLY n 
1 40  VAL n 
1 41  LYS n 
1 42  LEU n 
1 43  MET n 
1 44  LEU n 
1 45  PRO n 
1 46  LYS n 
1 47  GLY n 
1 48  TYR n 
1 49  TRP n 
1 50  GLY n 
1 51  LEU n 
1 52  ILE n 
1 53  ILE n 
1 54  GLY n 
1 55  LYS n 
1 56  SER n 
1 57  SER n 
1 58  ILE n 
1 59  GLY n 
1 60  SER n 
1 61  LYS n 
1 62  GLY n 
1 63  LEU n 
1 64  ASP n 
1 65  VAL n 
1 66  LEU n 
1 67  GLY n 
1 68  GLY n 
1 69  VAL n 
1 70  ILE n 
1 71  ASP n 
1 72  GLU n 
1 73  GLY n 
1 74  TYR n 
1 75  ARG n 
1 76  GLY n 
1 77  GLU n 
1 78  ILE n 
1 79  GLY n 
1 80  VAL n 
1 81  ILE n 
1 82  MET n 
1 83  ILE n 
1 84  ASN n 
1 85  VAL n 
1 86  SER n 
1 87  ARG n 
1 88  LYS n 
1 89  SER n 
1 90  ILE n 
1 91  THR n 
1 92  LEU n 
1 93  MET n 
1 94  GLU n 
1 95  ARG n 
1 96  GLN n 
1 97  LYS n 
1 98  ILE n 
1 99  ALA n 
1 100 GLN n 
1 101 LEU n 
1 102 ILE n 
1 103 ILE n 
1 104 LEU n 
1 105 PRO n 
1 106 CYS n 
1 107 LYS n 
1 108 HIS n 
1 109 GLU n 
1 110 VAL n 
1 111 LEU n 
1 112 GLU n 
1 113 GLN n 
1 114 GLY n 
1 115 LYS n 
1 116 VAL n 
1 117 VAL n 
1 118 MET n 
1 119 ASP n 
1 120 SER n 
1 121 GLU n 
1 122 ARG n 
1 123 GLY n 
1 124 ASP n 
1 125 ASN n 
1 126 GLY n 
1 127 TYR n 
1 128 GLY n 
1 129 SER n 
1 130 THR n 
1 131 GLY n 
1 132 VAL n 
1 133 PHE n 
1 134 SER n 
1 135 SER n 
1 136 TRP n 
# 
_entity_src_gen.entity_id                          1 
_entity_src_gen.pdbx_src_id                        1 
_entity_src_gen.pdbx_alt_source_flag               sample 
_entity_src_gen.pdbx_seq_type                      ? 
_entity_src_gen.pdbx_beg_seq_num                   ? 
_entity_src_gen.pdbx_end_seq_num                   ? 
_entity_src_gen.gene_src_common_name               ? 
_entity_src_gen.gene_src_genus                     Lentivirus 
_entity_src_gen.pdbx_gene_src_gene                 ? 
_entity_src_gen.gene_src_species                   ? 
_entity_src_gen.gene_src_strain                    ? 
_entity_src_gen.gene_src_tissue                    ? 
_entity_src_gen.gene_src_tissue_fraction           ? 
_entity_src_gen.gene_src_details                   ? 
_entity_src_gen.pdbx_gene_src_fragment             ? 
_entity_src_gen.pdbx_gene_src_scientific_name      'Feline immunodeficiency virus' 
_entity_src_gen.pdbx_gene_src_ncbi_taxonomy_id     11673 
_entity_src_gen.pdbx_gene_src_variant              ? 
_entity_src_gen.pdbx_gene_src_cell_line            ? 
_entity_src_gen.pdbx_gene_src_atcc                 ? 
_entity_src_gen.pdbx_gene_src_organ                ? 
_entity_src_gen.pdbx_gene_src_organelle            ? 
_entity_src_gen.pdbx_gene_src_cell                 ? 
_entity_src_gen.pdbx_gene_src_cellular_location    ? 
_entity_src_gen.host_org_common_name               'cabbage looper' 
_entity_src_gen.pdbx_host_org_scientific_name      'Trichoplusia ni' 
_entity_src_gen.pdbx_host_org_ncbi_taxonomy_id     7111 
_entity_src_gen.host_org_genus                     Trichoplusia 
_entity_src_gen.pdbx_host_org_gene                 ? 
_entity_src_gen.pdbx_host_org_organ                ? 
_entity_src_gen.host_org_species                   ? 
_entity_src_gen.pdbx_host_org_tissue               ? 
_entity_src_gen.pdbx_host_org_tissue_fraction      ? 
_entity_src_gen.pdbx_host_org_strain               ? 
_entity_src_gen.pdbx_host_org_variant              ? 
_entity_src_gen.pdbx_host_org_cell_line            ? 
_entity_src_gen.pdbx_host_org_atcc                 ? 
_entity_src_gen.pdbx_host_org_culture_collection   ? 
_entity_src_gen.pdbx_host_org_cell                 ? 
_entity_src_gen.pdbx_host_org_organelle            ? 
_entity_src_gen.pdbx_host_org_cellular_location    ? 
_entity_src_gen.pdbx_host_org_vector_type          BACULOVIRUS 
_entity_src_gen.pdbx_host_org_vector               ? 
_entity_src_gen.host_org_details                   ? 
_entity_src_gen.expression_system_id               ? 
_entity_src_gen.plasmid_name                       FIV-34TF10 
_entity_src_gen.plasmid_details                    ? 
_entity_src_gen.pdbx_description                   ? 
# 
loop_
_chem_comp.id 
_chem_comp.type 
_chem_comp.mon_nstd_flag 
_chem_comp.name 
_chem_comp.pdbx_synonyms 
_chem_comp.formula 
_chem_comp.formula_weight 
ALA 'L-peptide linking' y ALANINE                  ? 'C3 H7 N O2'       89.093  
ARG 'L-peptide linking' y ARGININE                 ? 'C6 H15 N4 O2 1'   175.209 
ASN 'L-peptide linking' y ASPARAGINE               ? 'C4 H8 N2 O3'      132.118 
ASP 'L-peptide linking' y 'ASPARTIC ACID'          ? 'C4 H7 N O4'       133.103 
CYS 'L-peptide linking' y CYSTEINE                 ? 'C3 H7 N O2 S'     121.158 
GLN 'L-peptide linking' y GLUTAMINE                ? 'C5 H10 N2 O3'     146.144 
GLU 'L-peptide linking' y 'GLUTAMIC ACID'          ? 'C5 H9 N O4'       147.129 
GLY 'peptide linking'   y GLYCINE                  ? 'C2 H5 N O2'       75.067  
HIS 'L-peptide linking' y HISTIDINE                ? 'C6 H10 N3 O2 1'   156.162 
HOH non-polymer         . WATER                    ? 'H2 O'             18.015  
ILE 'L-peptide linking' y ISOLEUCINE               ? 'C6 H13 N O2'      131.173 
LEU 'L-peptide linking' y LEUCINE                  ? 'C6 H13 N O2'      131.173 
LYS 'L-peptide linking' y LYSINE                   ? 'C6 H15 N2 O2 1'   147.195 
MET 'L-peptide linking' y METHIONINE               ? 'C5 H11 N O2 S'    149.211 
MG  non-polymer         . 'MAGNESIUM ION'          ? 'Mg 2'             24.305  
PHE 'L-peptide linking' y PHENYLALANINE            ? 'C9 H11 N O2'      165.189 
PRO 'L-peptide linking' y PROLINE                  ? 'C5 H9 N O2'       115.130 
SER 'L-peptide linking' y SERINE                   ? 'C3 H7 N O3'       105.093 
THR 'L-peptide linking' y THREONINE                ? 'C4 H9 N O3'       119.119 
TRP 'L-peptide linking' y TRYPTOPHAN               ? 'C11 H12 N2 O2'    204.225 
TYR 'L-peptide linking' y TYROSINE                 ? 'C9 H11 N O3'      181.189 
UDP 'RNA linking'       . "URIDINE-5'-DIPHOSPHATE" ? 'C9 H14 N2 O12 P2' 404.161 
VAL 'L-peptide linking' y VALINE                   ? 'C5 H11 N O2'      117.146 
# 
loop_
_pdbx_poly_seq_scheme.asym_id 
_pdbx_poly_seq_scheme.entity_id 
_pdbx_poly_seq_scheme.seq_id 
_pdbx_poly_seq_scheme.mon_id 
_pdbx_poly_seq_scheme.ndb_seq_num 
_pdbx_poly_seq_scheme.pdb_seq_num 
_pdbx_poly_seq_scheme.auth_seq_num 
_pdbx_poly_seq_scheme.pdb_mon_id 
_pdbx_poly_seq_scheme.auth_mon_id 
_pdbx_poly_seq_scheme.pdb_strand_id 
_pdbx_poly_seq_scheme.pdb_ins_code 
_pdbx_poly_seq_scheme.hetero 
A 1 1   MET 1   1   1   MET MET A . n 
A 1 2   ILE 2   2   2   ILE ILE A . n 
A 1 3   ILE 3   3   3   ILE ILE A . n 
A 1 4   GLU 4   4   4   GLU GLU A . n 
A 1 5   GLY 5   5   5   GLY GLY A . n 
A 1 6   ASP 6   6   6   ASP ASP A . n 
A 1 7   GLY 7   7   7   GLY GLY A . n 
A 1 8   ILE 8   8   8   ILE ILE A . n 
A 1 9   LEU 9   9   9   LEU LEU A . n 
A 1 10  ASP 10  10  10  ASP ASP A . n 
A 1 11  LYS 11  11  11  LYS LYS A . n 
A 1 12  ARG 12  12  12  ARG ARG A . n 
A 1 13  SER 13  13  13  SER SER A . n 
A 1 14  GLU 14  14  14  GLU GLU A . n 
A 1 15  ASP 15  15  15  ASP ASP A . n 
A 1 16  ALA 16  16  16  ALA ALA A . n 
A 1 17  GLY 17  17  17  GLY GLY A . n 
A 1 18  TYR 18  18  18  TYR TYR A . n 
A 1 19  ASP 19  19  19  ASP ASP A . n 
A 1 20  LEU 20  20  20  LEU LEU A . n 
A 1 21  LEU 21  21  21  LEU LEU A . n 
A 1 22  ALA 22  22  22  ALA ALA A . n 
A 1 23  ALA 23  23  23  ALA ALA A . n 
A 1 24  LYS 24  24  24  LYS LYS A . n 
A 1 25  GLU 25  25  25  GLU GLU A . n 
A 1 26  ILE 26  26  26  ILE ILE A . n 
A 1 27  HIS 27  27  27  HIS HIS A . n 
A 1 28  LEU 28  28  28  LEU LEU A . n 
A 1 29  LEU 29  29  29  LEU LEU A . n 
A 1 30  PRO 30  30  30  PRO PRO A . n 
A 1 31  GLY 31  31  31  GLY GLY A . n 
A 1 32  GLU 32  32  32  GLU GLU A . n 
A 1 33  VAL 33  33  33  VAL VAL A . n 
A 1 34  LYS 34  34  34  LYS LYS A . n 
A 1 35  VAL 35  35  35  VAL VAL A . n 
A 1 36  ILE 36  36  36  ILE ILE A . n 
A 1 37  PRO 37  37  37  PRO PRO A . n 
A 1 38  THR 38  38  38  THR THR A . n 
A 1 39  GLY 39  39  39  GLY GLY A . n 
A 1 40  VAL 40  40  40  VAL VAL A . n 
A 1 41  LYS 41  41  41  LYS LYS A . n 
A 1 42  LEU 42  42  42  LEU LEU A . n 
A 1 43  MET 43  43  43  MET MET A . n 
A 1 44  LEU 44  44  44  LEU LEU A . n 
A 1 45  PRO 45  45  45  PRO PRO A . n 
A 1 46  LYS 46  46  46  LYS LYS A . n 
A 1 47  GLY 47  47  47  GLY GLY A . n 
A 1 48  TYR 48  48  48  TYR TYR A . n 
A 1 49  TRP 49  49  49  TRP TRP A . n 
A 1 50  GLY 50  50  50  GLY GLY A . n 
A 1 51  LEU 51  51  51  LEU LEU A . n 
A 1 52  ILE 52  52  52  ILE ILE A . n 
A 1 53  ILE 53  53  53  ILE ILE A . n 
A 1 54  GLY 54  54  54  GLY GLY A . n 
A 1 55  LYS 55  55  55  LYS LYS A . n 
A 1 56  SER 56  56  56  SER SER A . n 
A 1 57  SER 57  57  57  SER SER A . n 
A 1 58  ILE 58  58  58  ILE ILE A . n 
A 1 59  GLY 59  59  59  GLY GLY A . n 
A 1 60  SER 60  60  60  SER SER A . n 
A 1 61  LYS 61  61  61  LYS LYS A . n 
A 1 62  GLY 62  62  62  GLY GLY A . n 
A 1 63  LEU 63  63  63  LEU LEU A . n 
A 1 64  ASP 64  64  64  ASP ASP A . n 
A 1 65  VAL 65  65  65  VAL VAL A . n 
A 1 66  LEU 66  66  66  LEU LEU A . n 
A 1 67  GLY 67  67  67  GLY GLY A . n 
A 1 68  GLY 68  68  68  GLY GLY A . n 
A 1 69  VAL 69  69  69  VAL VAL A . n 
A 1 70  ILE 70  70  70  ILE ILE A . n 
A 1 71  ASP 71  71  71  ASP ASP A . n 
A 1 72  GLU 72  72  72  GLU GLU A . n 
A 1 73  GLY 73  73  73  GLY GLY A . n 
A 1 74  TYR 74  74  74  TYR TYR A . n 
A 1 75  ARG 75  75  75  ARG ARG A . n 
A 1 76  GLY 76  76  76  GLY GLY A . n 
A 1 77  GLU 77  77  77  GLU GLU A . n 
A 1 78  ILE 78  78  78  ILE ILE A . n 
A 1 79  GLY 79  79  79  GLY GLY A . n 
A 1 80  VAL 80  80  80  VAL VAL A . n 
A 1 81  ILE 81  81  81  ILE ILE A . n 
A 1 82  MET 82  82  82  MET MET A . n 
A 1 83  ILE 83  83  83  ILE ILE A . n 
A 1 84  ASN 84  84  84  ASN ASN A . n 
A 1 85  VAL 85  85  85  VAL VAL A . n 
A 1 86  SER 86  86  86  SER SER A . n 
A 1 87  ARG 87  87  87  ARG ARG A . n 
A 1 88  LYS 88  88  88  LYS LYS A . n 
A 1 89  SER 89  89  89  SER SER A . n 
A 1 90  ILE 90  90  90  ILE ILE A . n 
A 1 91  THR 91  91  91  THR THR A . n 
A 1 92  LEU 92  92  92  LEU LEU A . n 
A 1 93  MET 93  93  93  MET MET A . n 
A 1 94  GLU 94  94  94  GLU GLU A . n 
A 1 95  ARG 95  95  95  ARG ARG A . n 
A 1 96  GLN 96  96  96  GLN GLN A . n 
A 1 97  LYS 97  97  97  LYS LYS A . n 
A 1 98  ILE 98  98  98  ILE ILE A . n 
A 1 99  ALA 99  99  99  ALA ALA A . n 
A 1 100 GLN 100 100 100 GLN GLN A . n 
A 1 101 LEU 101 101 101 LEU LEU A . n 
A 1 102 ILE 102 102 102 ILE ILE A . n 
A 1 103 ILE 103 103 103 ILE ILE A . n 
A 1 104 LEU 104 104 104 LEU LEU A . n 
A 1 105 PRO 105 105 105 PRO PRO A . n 
A 1 106 CYS 106 106 106 CYS CYS A . n 
A 1 107 LYS 107 107 107 LYS LYS A . n 
A 1 108 HIS 108 108 108 HIS HIS A . n 
A 1 109 GLU 109 109 109 GLU GLU A . n 
A 1 110 VAL 110 110 110 VAL VAL A . n 
A 1 111 LEU 111 111 111 LEU LEU A . n 
A 1 112 GLU 112 112 112 GLU GLU A . n 
A 1 113 GLN 113 113 113 GLN GLN A . n 
A 1 114 GLY 114 114 114 GLY GLY A . n 
A 1 115 LYS 115 115 115 LYS LYS A . n 
A 1 116 VAL 116 116 116 VAL VAL A . n 
A 1 117 VAL 117 117 117 VAL VAL A . n 
A 1 118 MET 118 118 118 MET MET A . n 
A 1 119 ASP 119 119 119 ASP ASP A . n 
A 1 120 SER 120 120 120 SER SER A . n 
A 1 121 GLU 121 121 121 GLU GLU A . n 
A 1 122 ARG 122 122 122 ARG ARG A . n 
A 1 123 GLY 123 123 123 GLY GLY A . n 
A 1 124 ASP 124 124 124 ASP ASP A . n 
A 1 125 ASN 125 125 125 ASN ASN A . n 
A 1 126 GLY 126 126 126 GLY GLY A . n 
A 1 127 TYR 127 127 127 TYR TYR A . n 
A 1 128 GLY 128 128 128 GLY GLY A . n 
A 1 129 SER 129 129 129 SER SER A . n 
A 1 130 THR 130 130 130 THR THR A . n 
A 1 131 GLY 131 131 131 GLY GLY A . n 
A 1 132 VAL 132 132 132 VAL VAL A . n 
A 1 133 PHE 133 133 133 PHE PHE A . n 
A 1 134 SER 134 134 ?   ?   ?   A . n 
A 1 135 SER 135 135 ?   ?   ?   A . n 
A 1 136 TRP 136 136 ?   ?   ?   A . n 
# 
loop_
_pdbx_nonpoly_scheme.asym_id 
_pdbx_nonpoly_scheme.entity_id 
_pdbx_nonpoly_scheme.mon_id 
_pdbx_nonpoly_scheme.ndb_seq_num 
_pdbx_nonpoly_scheme.pdb_seq_num 
_pdbx_nonpoly_scheme.auth_seq_num 
_pdbx_nonpoly_scheme.pdb_mon_id 
_pdbx_nonpoly_scheme.auth_mon_id 
_pdbx_nonpoly_scheme.pdb_strand_id 
_pdbx_nonpoly_scheme.pdb_ins_code 
B 2 MG  1  137 135 MG  MG  A . 
C 3 UDP 1  138 134 UDP UDP A . 
D 4 HOH 1  201 201 HOH TIP A . 
D 4 HOH 2  202 202 HOH TIP A . 
D 4 HOH 3  203 203 HOH TIP A . 
D 4 HOH 4  204 204 HOH TIP A . 
D 4 HOH 5  205 205 HOH TIP A . 
D 4 HOH 6  206 206 HOH TIP A . 
D 4 HOH 7  207 207 HOH TIP A . 
D 4 HOH 8  208 208 HOH TIP A . 
D 4 HOH 9  209 209 HOH TIP A . 
D 4 HOH 10 210 210 HOH TIP A . 
D 4 HOH 11 211 211 HOH TIP A . 
D 4 HOH 12 213 213 HOH TIP A . 
D 4 HOH 13 214 214 HOH TIP A . 
D 4 HOH 14 215 215 HOH TIP A . 
D 4 HOH 15 216 216 HOH TIP A . 
D 4 HOH 16 217 217 HOH TIP A . 
D 4 HOH 17 218 218 HOH TIP A . 
D 4 HOH 18 219 219 HOH TIP A . 
D 4 HOH 19 220 220 HOH TIP A . 
D 4 HOH 20 221 221 HOH TIP A . 
D 4 HOH 21 222 222 HOH TIP A . 
D 4 HOH 22 223 223 HOH TIP A . 
D 4 HOH 23 224 224 HOH TIP A . 
D 4 HOH 24 225 225 HOH TIP A . 
D 4 HOH 25 226 226 HOH TIP A . 
D 4 HOH 26 227 227 HOH TIP A . 
D 4 HOH 27 228 228 HOH TIP A . 
D 4 HOH 28 229 229 HOH TIP A . 
D 4 HOH 29 230 230 HOH TIP A . 
D 4 HOH 30 231 231 HOH TIP A . 
D 4 HOH 31 232 232 HOH TIP A . 
D 4 HOH 32 233 233 HOH TIP A . 
D 4 HOH 33 234 234 HOH TIP A . 
D 4 HOH 34 235 235 HOH TIP A . 
D 4 HOH 35 236 236 HOH TIP A . 
D 4 HOH 36 237 237 HOH TIP A . 
D 4 HOH 37 238 238 HOH TIP A . 
D 4 HOH 38 239 239 HOH TIP A . 
D 4 HOH 39 240 240 HOH TIP A . 
D 4 HOH 40 241 241 HOH TIP A . 
D 4 HOH 41 242 242 HOH TIP A . 
D 4 HOH 42 243 243 HOH TIP A . 
D 4 HOH 43 244 244 HOH TIP A . 
D 4 HOH 44 245 245 HOH TIP A . 
D 4 HOH 45 246 246 HOH TIP A . 
D 4 HOH 46 247 247 HOH TIP A . 
D 4 HOH 47 248 248 HOH TIP A . 
D 4 HOH 48 249 249 HOH TIP A . 
D 4 HOH 49 250 250 HOH TIP A . 
D 4 HOH 50 251 251 HOH TIP A . 
D 4 HOH 51 252 252 HOH TIP A . 
D 4 HOH 52 253 253 HOH TIP A . 
D 4 HOH 53 254 254 HOH TIP A . 
D 4 HOH 54 255 255 HOH TIP A . 
# 
_pdbx_unobs_or_zero_occ_atoms.id               1 
_pdbx_unobs_or_zero_occ_atoms.PDB_model_num    1 
_pdbx_unobs_or_zero_occ_atoms.polymer_flag     N 
_pdbx_unobs_or_zero_occ_atoms.occupancy_flag   1 
_pdbx_unobs_or_zero_occ_atoms.auth_asym_id     A 
_pdbx_unobs_or_zero_occ_atoms.auth_comp_id     UDP 
_pdbx_unobs_or_zero_occ_atoms.auth_seq_id      138 
_pdbx_unobs_or_zero_occ_atoms.PDB_ins_code     ? 
_pdbx_unobs_or_zero_occ_atoms.auth_atom_id     "O2'" 
_pdbx_unobs_or_zero_occ_atoms.label_alt_id     ? 
_pdbx_unobs_or_zero_occ_atoms.label_asym_id    C 
_pdbx_unobs_or_zero_occ_atoms.label_comp_id    UDP 
_pdbx_unobs_or_zero_occ_atoms.label_seq_id     1 
_pdbx_unobs_or_zero_occ_atoms.label_atom_id    "O2'" 
# 
_cell.entry_id           1F7R 
_cell.length_a           72.44 
_cell.length_b           72.44 
_cell.length_c           72.44 
_cell.angle_alpha        90 
_cell.angle_beta         90 
_cell.angle_gamma        90 
_cell.Z_PDB              12 
_cell.pdbx_unique_axis   ? 
# 
_symmetry.entry_id                         1F7R 
_symmetry.space_group_name_H-M             'P 21 3' 
_symmetry.pdbx_full_space_group_name_H-M   ? 
_symmetry.cell_setting                     ? 
_symmetry.Int_Tables_number                198 
# 
_exptl.entry_id          1F7R 
_exptl.method            'X-RAY DIFFRACTION' 
_exptl.crystals_number   1 
# 
_exptl_crystal.id                    1 
_exptl_crystal.density_meas          ? 
_exptl_crystal.density_percent_sol   42.79 
_exptl_crystal.density_Matthews      2.15 
_exptl_crystal.description           ? 
# 
_exptl_crystal_grow.crystal_id      1 
_exptl_crystal_grow.method          'VAPOR DIFFUSION, SITTING DROP' 
_exptl_crystal_grow.pH              6.5 
_exptl_crystal_grow.temp            295 
_exptl_crystal_grow.temp_details    ? 
_exptl_crystal_grow.pdbx_details    
;1.25 M sodium citrate. The protein solution was incubated with 25 mM dUDP prior to crystallization experiments., pH 6.5, VAPOR DIFFUSION, SITTING DROP, temperature 295K
;
_exptl_crystal_grow.pdbx_pH_range   . 
# 
_diffrn.id                     1 
_diffrn.ambient_temp           298 
_diffrn.ambient_temp_details   ? 
_diffrn.crystal_id             1 
# 
_diffrn_detector.diffrn_id              1 
_diffrn_detector.detector               'IMAGE PLATE' 
_diffrn_detector.type                   MARRESEARCH 
_diffrn_detector.pdbx_collection_date   1998-09-27 
_diffrn_detector.details                ? 
# 
_diffrn_radiation.diffrn_id                        1 
_diffrn_radiation.wavelength_id                    1 
_diffrn_radiation.monochromator                    ? 
_diffrn_radiation.pdbx_monochromatic_or_laue_m_l   M 
_diffrn_radiation.pdbx_diffrn_protocol             'SINGLE WAVELENGTH' 
_diffrn_radiation.pdbx_scattering_type             x-ray 
# 
_diffrn_radiation_wavelength.id           1 
_diffrn_radiation_wavelength.wavelength   1.5418 
_diffrn_radiation_wavelength.wt           1.0 
# 
_diffrn_source.diffrn_id                   1 
_diffrn_source.source                      'ROTATING ANODE' 
_diffrn_source.type                        SIEMENS 
_diffrn_source.pdbx_wavelength             1.5418 
_diffrn_source.pdbx_synchrotron_site       ? 
_diffrn_source.pdbx_synchrotron_beamline   ? 
_diffrn_source.pdbx_wavelength_list        ? 
# 
_reflns.entry_id                     1F7R 
_reflns.observed_criterion_sigma_I   0 
_reflns.observed_criterion_sigma_F   0 
_reflns.d_resolution_low             50.0 
_reflns.d_resolution_high            2.50 
_reflns.number_obs                   4414 
_reflns.number_all                   10960 
_reflns.percent_possible_obs         96.4 
_reflns.pdbx_Rmerge_I_obs            0.1040000 
_reflns.pdbx_Rsym_value              ? 
_reflns.pdbx_netI_over_sigmaI        11.1 
_reflns.B_iso_Wilson_estimate        ? 
_reflns.pdbx_redundancy              2.5 
_reflns.R_free_details               ? 
_reflns.limit_h_max                  ? 
_reflns.limit_h_min                  ? 
_reflns.limit_k_max                  ? 
_reflns.limit_k_min                  ? 
_reflns.limit_l_max                  ? 
_reflns.limit_l_min                  ? 
_reflns.observed_criterion_F_max     ? 
_reflns.observed_criterion_F_min     ? 
_reflns.pdbx_ordinal                 1 
_reflns.pdbx_diffrn_id               1 
# 
_reflns_shell.d_res_high             2.50 
_reflns_shell.d_res_low              2.59 
_reflns_shell.percent_possible_obs   ? 
_reflns_shell.percent_possible_all   92.5 
_reflns_shell.Rmerge_I_obs           0.2460000 
_reflns_shell.meanI_over_sigI_obs    ? 
_reflns_shell.pdbx_Rsym_value        ? 
_reflns_shell.pdbx_redundancy        ? 
_reflns_shell.number_unique_all      ? 
_reflns_shell.pdbx_ordinal           1 
_reflns_shell.pdbx_diffrn_id         1 
# 
_refine.entry_id                                 1F7R 
_refine.ls_number_reflns_obs                     3778 
_refine.ls_number_reflns_all                     4414 
_refine.pdbx_ls_sigma_I                          ? 
_refine.pdbx_ls_sigma_F                          2.0 
_refine.pdbx_data_cutoff_high_absF               ? 
_refine.pdbx_data_cutoff_low_absF                ? 
_refine.ls_d_res_low                             50.0 
_refine.ls_d_res_high                            2.50 
_refine.ls_percent_reflns_obs                    ? 
_refine.ls_R_factor_obs                          0.1920000 
_refine.ls_R_factor_all                          ? 
_refine.ls_R_factor_R_work                       ? 
_refine.ls_R_factor_R_free                       ? 
_refine.ls_R_factor_R_free_error                 ? 
_refine.ls_R_factor_R_free_error_details         ? 
_refine.ls_percent_reflns_R_free                 ? 
_refine.ls_number_reflns_R_free                  ? 
_refine.ls_number_parameters                     ? 
_refine.ls_number_restraints                     ? 
_refine.occupancy_min                            ? 
_refine.occupancy_max                            ? 
_refine.B_iso_mean                               ? 
_refine.aniso_B[1][1]                            ? 
_refine.aniso_B[2][2]                            ? 
_refine.aniso_B[3][3]                            ? 
_refine.aniso_B[1][2]                            ? 
_refine.aniso_B[1][3]                            ? 
_refine.aniso_B[2][3]                            ? 
_refine.solvent_model_details                    ? 
_refine.solvent_model_param_ksol                 ? 
_refine.solvent_model_param_bsol                 ? 
_refine.pdbx_ls_cross_valid_method               ? 
_refine.details                                  ? 
_refine.pdbx_starting_model                      ? 
_refine.pdbx_method_to_determine_struct          ? 
_refine.pdbx_isotropic_thermal_model             ? 
_refine.pdbx_stereochemistry_target_values       ? 
_refine.pdbx_stereochem_target_val_spec_case     ? 
_refine.pdbx_R_Free_selection_details            ? 
_refine.pdbx_overall_ESU_R_Free                  ? 
_refine.overall_SU_B                             ? 
_refine.ls_redundancy_reflns_obs                 ? 
_refine.B_iso_min                                ? 
_refine.B_iso_max                                ? 
_refine.overall_SU_ML                            ? 
_refine.pdbx_overall_ESU_R                       ? 
_refine.pdbx_data_cutoff_high_rms_absF           ? 
_refine.pdbx_refine_id                           'X-RAY DIFFRACTION' 
_refine.pdbx_diffrn_id                           1 
_refine.pdbx_TLS_residual_ADP_flag               ? 
_refine.correlation_coeff_Fo_to_Fc               ? 
_refine.correlation_coeff_Fo_to_Fc_free          ? 
_refine.pdbx_solvent_vdw_probe_radii             ? 
_refine.pdbx_solvent_ion_probe_radii             ? 
_refine.pdbx_solvent_shrinkage_radii             ? 
_refine.pdbx_overall_phase_error                 ? 
_refine.overall_SU_R_Cruickshank_DPI             ? 
_refine.pdbx_overall_SU_R_free_Cruickshank_DPI   ? 
_refine.pdbx_overall_SU_R_Blow_DPI               ? 
_refine.pdbx_overall_SU_R_free_Blow_DPI          ? 
# 
_refine_hist.pdbx_refine_id                   'X-RAY DIFFRACTION' 
_refine_hist.cycle_id                         LAST 
_refine_hist.pdbx_number_atoms_protein        1004 
_refine_hist.pdbx_number_atoms_nucleic_acid   0 
_refine_hist.pdbx_number_atoms_ligand         25 
_refine_hist.number_atoms_solvent             54 
_refine_hist.number_atoms_total               1083 
_refine_hist.d_res_high                       2.50 
_refine_hist.d_res_low                        50.0 
# 
loop_
_refine_ls_restr.type 
_refine_ls_restr.dev_ideal 
_refine_ls_restr.dev_ideal_target 
_refine_ls_restr.weight 
_refine_ls_restr.number 
_refine_ls_restr.pdbx_refine_id 
_refine_ls_restr.pdbx_restraint_function 
c_bond_d           0.013 ? ? ? 'X-RAY DIFFRACTION' ? 
c_angle_deg        1.72  ? ? ? 'X-RAY DIFFRACTION' ? 
c_improper_angle_d 30.3  ? ? ? 'X-RAY DIFFRACTION' ? 
# 
_struct.entry_id                  1F7R 
_struct.title                     
'CRYSTAL STRUCTURES OF FELINE IMMUNODEFICIENCY VIRUS DUTP PYROPHOSPHATASE AND ITS NUCLEOTIDE COMPLEXES IN THREE CRYSTAL FORMS.' 
_struct.pdbx_model_details        ? 
_struct.pdbx_CASP_flag            ? 
_struct.pdbx_model_type_details   ? 
# 
_struct_keywords.entry_id        1F7R 
_struct_keywords.pdbx_keywords   'Viral protein, hydrolase' 
_struct_keywords.text            'Eight stranded beta barrel protein, Viral protein, hydrolase' 
# 
loop_
_struct_asym.id 
_struct_asym.pdbx_blank_PDB_chainid_flag 
_struct_asym.pdbx_modified 
_struct_asym.entity_id 
_struct_asym.details 
A N N 1 ? 
B N N 2 ? 
C N N 3 ? 
D N N 4 ? 
# 
_struct_ref.id                         1 
_struct_ref.db_name                    UNP 
_struct_ref.db_code                    POL_FIVPE 
_struct_ref.pdbx_db_accession          P16088 
_struct_ref.entity_id                  1 
_struct_ref.pdbx_seq_one_letter_code   
;MIIEGDGILDKRSEDAGYDLLAAKEIHLLPGEVKVIPTGVKLMLPKGYWGLIIGKSSIGSKGLDVLGGVIDEGYRGEIGV
IMINVSRKSITLMERQKIAQLIILPCKHEVLEQGKVVMDSERGDNGYGSTGVFSSW
;
_struct_ref.pdbx_align_begin           711 
_struct_ref.pdbx_db_isoform            ? 
# 
_struct_ref_seq.align_id                      1 
_struct_ref_seq.ref_id                        1 
_struct_ref_seq.pdbx_PDB_id_code              1F7R 
_struct_ref_seq.pdbx_strand_id                A 
_struct_ref_seq.seq_align_beg                 1 
_struct_ref_seq.pdbx_seq_align_beg_ins_code   ? 
_struct_ref_seq.seq_align_end                 136 
_struct_ref_seq.pdbx_seq_align_end_ins_code   ? 
_struct_ref_seq.pdbx_db_accession             P16088 
_struct_ref_seq.db_align_beg                  711 
_struct_ref_seq.pdbx_db_align_beg_ins_code    ? 
_struct_ref_seq.db_align_end                  846 
_struct_ref_seq.pdbx_db_align_end_ins_code    ? 
_struct_ref_seq.pdbx_auth_seq_align_beg       1 
_struct_ref_seq.pdbx_auth_seq_align_end       136 
# 
_pdbx_struct_assembly.id                   1 
_pdbx_struct_assembly.details              author_and_software_defined_assembly 
_pdbx_struct_assembly.method_details       PISA,PQS 
_pdbx_struct_assembly.oligomeric_details   trimeric 
_pdbx_struct_assembly.oligomeric_count     3 
# 
loop_
_pdbx_struct_assembly_prop.biol_id 
_pdbx_struct_assembly_prop.type 
_pdbx_struct_assembly_prop.value 
_pdbx_struct_assembly_prop.details 
1 'ABSA (A^2)' 14940 ? 
1 MORE         -74   ? 
1 'SSA (A^2)'  14900 ? 
# 
_pdbx_struct_assembly_gen.assembly_id       1 
_pdbx_struct_assembly_gen.oper_expression   1,2,3 
_pdbx_struct_assembly_gen.asym_id_list      A,B,C,D 
# 
loop_
_pdbx_struct_oper_list.id 
_pdbx_struct_oper_list.type 
_pdbx_struct_oper_list.name 
_pdbx_struct_oper_list.symmetry_operation 
_pdbx_struct_oper_list.matrix[1][1] 
_pdbx_struct_oper_list.matrix[1][2] 
_pdbx_struct_oper_list.matrix[1][3] 
_pdbx_struct_oper_list.vector[1] 
_pdbx_struct_oper_list.matrix[2][1] 
_pdbx_struct_oper_list.matrix[2][2] 
_pdbx_struct_oper_list.matrix[2][3] 
_pdbx_struct_oper_list.vector[2] 
_pdbx_struct_oper_list.matrix[3][1] 
_pdbx_struct_oper_list.matrix[3][2] 
_pdbx_struct_oper_list.matrix[3][3] 
_pdbx_struct_oper_list.vector[3] 
1 'identity operation'         1_555  x,y,z             1.0000000000  0.0000000000  0.0000000000  0.0000000000  0.0000000000  1.0000000000 0.0000000000  0.0000000000  0.0000000000  0.0000000000  1.0000000000  0.0000000000  
2 'crystal symmetry operation' 8_645  -z+1,x-1/2,-y+1/2 -0.0271546696 -0.3803370803 -0.9244492032 3.6208434176  -0.9134727996 0.3850378220 -0.1315800896 -1.6405931111 0.4059926949  0.8408861878  -0.3578831524 10.6987052755 
3 'crystal symmetry operation' 11_556 y+1/2,-z+1/2,-x+1 -0.0271546696 -0.9134727996 0.4059926949  -5.7439105621 -0.3803370803 0.3850378220 0.8408861878  -6.9875620818 -0.9244492032 -0.1315800896 -0.3578831524 6.9603027945 
# 
_struct_biol.id                    1 
_struct_biol.details               'Trimer is the functional form of the enzyme' 
_struct_biol.pdbx_parent_biol_id   ? 
# 
_struct_conf.conf_type_id            HELX_P 
_struct_conf.id                      HELX_P1 
_struct_conf.pdbx_PDB_helix_id       1 
_struct_conf.beg_label_comp_id       LYS 
_struct_conf.beg_label_asym_id       A 
_struct_conf.beg_label_seq_id        55 
_struct_conf.pdbx_beg_PDB_ins_code   ? 
_struct_conf.end_label_comp_id       SER 
_struct_conf.end_label_asym_id       A 
_struct_conf.end_label_seq_id        60 
_struct_conf.pdbx_end_PDB_ins_code   ? 
_struct_conf.beg_auth_comp_id        LYS 
_struct_conf.beg_auth_asym_id        A 
_struct_conf.beg_auth_seq_id         55 
_struct_conf.end_auth_comp_id        SER 
_struct_conf.end_auth_asym_id        A 
_struct_conf.end_auth_seq_id         60 
_struct_conf.pdbx_PDB_helix_class    1 
_struct_conf.details                 ? 
_struct_conf.pdbx_PDB_helix_length   6 
# 
_struct_conf_type.id          HELX_P 
_struct_conf_type.criteria    ? 
_struct_conf_type.reference   ? 
# 
loop_
_struct_conn.id 
_struct_conn.conn_type_id 
_struct_conn.pdbx_leaving_atom_flag 
_struct_conn.pdbx_PDB_id 
_struct_conn.ptnr1_label_asym_id 
_struct_conn.ptnr1_label_comp_id 
_struct_conn.ptnr1_label_seq_id 
_struct_conn.ptnr1_label_atom_id 
_struct_conn.pdbx_ptnr1_label_alt_id 
_struct_conn.pdbx_ptnr1_PDB_ins_code 
_struct_conn.pdbx_ptnr1_standard_comp_id 
_struct_conn.ptnr1_symmetry 
_struct_conn.ptnr2_label_asym_id 
_struct_conn.ptnr2_label_comp_id 
_struct_conn.ptnr2_label_seq_id 
_struct_conn.ptnr2_label_atom_id 
_struct_conn.pdbx_ptnr2_label_alt_id 
_struct_conn.pdbx_ptnr2_PDB_ins_code 
_struct_conn.ptnr1_auth_asym_id 
_struct_conn.ptnr1_auth_comp_id 
_struct_conn.ptnr1_auth_seq_id 
_struct_conn.ptnr2_auth_asym_id 
_struct_conn.ptnr2_auth_comp_id 
_struct_conn.ptnr2_auth_seq_id 
_struct_conn.ptnr2_symmetry 
_struct_conn.pdbx_ptnr3_label_atom_id 
_struct_conn.pdbx_ptnr3_label_seq_id 
_struct_conn.pdbx_ptnr3_label_comp_id 
_struct_conn.pdbx_ptnr3_label_asym_id 
_struct_conn.pdbx_ptnr3_label_alt_id 
_struct_conn.pdbx_ptnr3_PDB_ins_code 
_struct_conn.details 
_struct_conn.pdbx_dist_value 
_struct_conn.pdbx_value_order 
_struct_conn.pdbx_role 
metalc1 metalc ? ? A ASP 64 OD1 ? ? ? 1_555 B MG . MG ? ? A ASP 64 A MG 137 1_555 ? ? ? ? ? ? ? 2.387 ? ? 
metalc2 metalc ? ? A ASP 64 OD1 ? ? ? 8_645 B MG . MG ? ? A ASP 64 A MG 137 1_555 ? ? ? ? ? ? ? 2.135 ? ? 
metalc3 metalc ? ? A ASP 64 OD2 ? ? ? 8_645 B MG . MG ? ? A ASP 64 A MG 137 1_555 ? ? ? ? ? ? ? 2.543 ? ? 
# 
_struct_conn_type.id          metalc 
_struct_conn_type.criteria    ? 
_struct_conn_type.reference   ? 
# 
loop_
_pdbx_struct_conn_angle.id 
_pdbx_struct_conn_angle.ptnr1_label_atom_id 
_pdbx_struct_conn_angle.ptnr1_label_alt_id 
_pdbx_struct_conn_angle.ptnr1_label_asym_id 
_pdbx_struct_conn_angle.ptnr1_label_comp_id 
_pdbx_struct_conn_angle.ptnr1_label_seq_id 
_pdbx_struct_conn_angle.ptnr1_auth_atom_id 
_pdbx_struct_conn_angle.ptnr1_auth_asym_id 
_pdbx_struct_conn_angle.ptnr1_auth_comp_id 
_pdbx_struct_conn_angle.ptnr1_auth_seq_id 
_pdbx_struct_conn_angle.ptnr1_PDB_ins_code 
_pdbx_struct_conn_angle.ptnr1_symmetry 
_pdbx_struct_conn_angle.ptnr2_label_atom_id 
_pdbx_struct_conn_angle.ptnr2_label_alt_id 
_pdbx_struct_conn_angle.ptnr2_label_asym_id 
_pdbx_struct_conn_angle.ptnr2_label_comp_id 
_pdbx_struct_conn_angle.ptnr2_label_seq_id 
_pdbx_struct_conn_angle.ptnr2_auth_atom_id 
_pdbx_struct_conn_angle.ptnr2_auth_asym_id 
_pdbx_struct_conn_angle.ptnr2_auth_comp_id 
_pdbx_struct_conn_angle.ptnr2_auth_seq_id 
_pdbx_struct_conn_angle.ptnr2_PDB_ins_code 
_pdbx_struct_conn_angle.ptnr2_symmetry 
_pdbx_struct_conn_angle.ptnr3_label_atom_id 
_pdbx_struct_conn_angle.ptnr3_label_alt_id 
_pdbx_struct_conn_angle.ptnr3_label_asym_id 
_pdbx_struct_conn_angle.ptnr3_label_comp_id 
_pdbx_struct_conn_angle.ptnr3_label_seq_id 
_pdbx_struct_conn_angle.ptnr3_auth_atom_id 
_pdbx_struct_conn_angle.ptnr3_auth_asym_id 
_pdbx_struct_conn_angle.ptnr3_auth_comp_id 
_pdbx_struct_conn_angle.ptnr3_auth_seq_id 
_pdbx_struct_conn_angle.ptnr3_PDB_ins_code 
_pdbx_struct_conn_angle.ptnr3_symmetry 
_pdbx_struct_conn_angle.value 
_pdbx_struct_conn_angle.value_esd 
1 OD1 ? A ASP 64 ? A ASP 64 ? 1_555 MG ? B MG . ? A MG 137 ? 1_555 OD1 ? A ASP 64 ? A ASP 64 ? 8_645 93.7  ? 
2 OD1 ? A ASP 64 ? A ASP 64 ? 1_555 MG ? B MG . ? A MG 137 ? 1_555 OD2 ? A ASP 64 ? A ASP 64 ? 8_645 123.6 ? 
3 OD1 ? A ASP 64 ? A ASP 64 ? 8_645 MG ? B MG . ? A MG 137 ? 1_555 OD2 ? A ASP 64 ? A ASP 64 ? 8_645 55.4  ? 
# 
loop_
_struct_sheet.id 
_struct_sheet.type 
_struct_sheet.number_strands 
_struct_sheet.details 
A ? 2 ? 
B ? 4 ? 
C ? 2 ? 
D ? 3 ? 
# 
loop_
_struct_sheet_order.sheet_id 
_struct_sheet_order.range_id_1 
_struct_sheet_order.range_id_2 
_struct_sheet_order.offset 
_struct_sheet_order.sense 
A 1 2 ? anti-parallel 
B 1 2 ? anti-parallel 
B 2 3 ? anti-parallel 
B 3 4 ? anti-parallel 
C 1 2 ? anti-parallel 
D 1 2 ? anti-parallel 
D 2 3 ? anti-parallel 
# 
loop_
_struct_sheet_range.sheet_id 
_struct_sheet_range.id 
_struct_sheet_range.beg_label_comp_id 
_struct_sheet_range.beg_label_asym_id 
_struct_sheet_range.beg_label_seq_id 
_struct_sheet_range.pdbx_beg_PDB_ins_code 
_struct_sheet_range.end_label_comp_id 
_struct_sheet_range.end_label_asym_id 
_struct_sheet_range.end_label_seq_id 
_struct_sheet_range.pdbx_end_PDB_ins_code 
_struct_sheet_range.beg_auth_comp_id 
_struct_sheet_range.beg_auth_asym_id 
_struct_sheet_range.beg_auth_seq_id 
_struct_sheet_range.end_auth_comp_id 
_struct_sheet_range.end_auth_asym_id 
_struct_sheet_range.end_auth_seq_id 
A 1 ILE A 3  ? GLU A 4   ? ILE A 3  GLU A 4   
A 2 LYS A 41 ? LEU A 42  ? LYS A 41 LEU A 42  
B 1 TYR A 18 ? LEU A 21  ? TYR A 18 LEU A 21  
B 2 LYS A 97 ? PRO A 105 ? LYS A 97 PRO A 105 
B 3 TYR A 48 ? ILE A 53  ? TYR A 48 ILE A 53  
B 4 VAL A 69 ? ILE A 70  ? VAL A 69 ILE A 70  
C 1 ILE A 26 ? LEU A 28  ? ILE A 26 LEU A 28  
C 2 ILE A 90 ? LEU A 92  ? ILE A 90 LEU A 92  
D 1 VAL A 33 ? PRO A 37  ? VAL A 33 PRO A 37  
D 2 GLY A 79 ? ASN A 84  ? GLY A 79 ASN A 84  
D 3 LEU A 63 ? LEU A 66  ? LEU A 63 LEU A 66  
# 
loop_
_pdbx_struct_sheet_hbond.sheet_id 
_pdbx_struct_sheet_hbond.range_id_1 
_pdbx_struct_sheet_hbond.range_id_2 
_pdbx_struct_sheet_hbond.range_1_label_atom_id 
_pdbx_struct_sheet_hbond.range_1_label_comp_id 
_pdbx_struct_sheet_hbond.range_1_label_asym_id 
_pdbx_struct_sheet_hbond.range_1_label_seq_id 
_pdbx_struct_sheet_hbond.range_1_PDB_ins_code 
_pdbx_struct_sheet_hbond.range_1_auth_atom_id 
_pdbx_struct_sheet_hbond.range_1_auth_comp_id 
_pdbx_struct_sheet_hbond.range_1_auth_asym_id 
_pdbx_struct_sheet_hbond.range_1_auth_seq_id 
_pdbx_struct_sheet_hbond.range_2_label_atom_id 
_pdbx_struct_sheet_hbond.range_2_label_comp_id 
_pdbx_struct_sheet_hbond.range_2_label_asym_id 
_pdbx_struct_sheet_hbond.range_2_label_seq_id 
_pdbx_struct_sheet_hbond.range_2_PDB_ins_code 
_pdbx_struct_sheet_hbond.range_2_auth_atom_id 
_pdbx_struct_sheet_hbond.range_2_auth_comp_id 
_pdbx_struct_sheet_hbond.range_2_auth_asym_id 
_pdbx_struct_sheet_hbond.range_2_auth_seq_id 
A 1 2 N GLU A 4   ? N GLU A 4   O LYS A 41 ? O LYS A 41 
B 1 2 O LEU A 20  ? O LEU A 20  N ILE A 98 ? N ILE A 98 
B 2 3 O LEU A 104 ? O LEU A 104 N TRP A 49 ? N TRP A 49 
B 3 4 O GLY A 50  ? O GLY A 50  N ILE A 70 ? N ILE A 70 
C 1 2 N LEU A 28  ? N LEU A 28  O ILE A 90 ? O ILE A 90 
D 1 2 O ILE A 36  ? O ILE A 36  N VAL A 80 ? N VAL A 80 
D 2 3 N ILE A 83  ? N ILE A 83  O ASP A 64 ? O ASP A 64 
# 
loop_
_struct_site.id 
_struct_site.pdbx_evidence_code 
_struct_site.pdbx_auth_asym_id 
_struct_site.pdbx_auth_comp_id 
_struct_site.pdbx_auth_seq_id 
_struct_site.pdbx_auth_ins_code 
_struct_site.pdbx_num_residues 
_struct_site.details 
AC1 Software A MG  137 ? 3  'BINDING SITE FOR RESIDUE MG A 137'  
AC2 Software A UDP 138 ? 17 'BINDING SITE FOR RESIDUE UDP A 138' 
# 
loop_
_struct_site_gen.id 
_struct_site_gen.site_id 
_struct_site_gen.pdbx_num_res 
_struct_site_gen.label_comp_id 
_struct_site_gen.label_asym_id 
_struct_site_gen.label_seq_id 
_struct_site_gen.pdbx_auth_ins_code 
_struct_site_gen.auth_comp_id 
_struct_site_gen.auth_asym_id 
_struct_site_gen.auth_seq_id 
_struct_site_gen.label_atom_id 
_struct_site_gen.label_alt_id 
_struct_site_gen.symmetry 
_struct_site_gen.details 
1  AC1 3  ASP A 64  ? ASP A 64  . ? 8_645  ? 
2  AC1 3  ASP A 64  ? ASP A 64  . ? 1_555  ? 
3  AC1 3  ASP A 64  ? ASP A 64  . ? 11_556 ? 
4  AC2 17 LYS A 55  ? LYS A 55  . ? 8_645  ? 
5  AC2 17 SER A 56  ? SER A 56  . ? 8_645  ? 
6  AC2 17 SER A 57  ? SER A 57  . ? 8_645  ? 
7  AC2 17 GLY A 68  ? GLY A 68  . ? 1_555  ? 
8  AC2 17 VAL A 69  ? VAL A 69  . ? 1_555  ? 
9  AC2 17 ILE A 70  ? ILE A 70  . ? 1_555  ? 
10 AC2 17 ASP A 71  ? ASP A 71  . ? 1_555  ? 
11 AC2 17 TYR A 74  ? TYR A 74  . ? 1_555  ? 
12 AC2 17 GLY A 79  ? GLY A 79  . ? 1_555  ? 
13 AC2 17 ILE A 81  ? ILE A 81  . ? 1_555  ? 
14 AC2 17 ARG A 122 ? ARG A 122 . ? 11_556 ? 
15 AC2 17 TYR A 127 ? TYR A 127 . ? 11_556 ? 
16 AC2 17 GLY A 128 ? GLY A 128 . ? 11_556 ? 
17 AC2 17 SER A 129 ? SER A 129 . ? 11_556 ? 
18 AC2 17 HOH D .   ? HOH A 202 . ? 1_555  ? 
19 AC2 17 HOH D .   ? HOH A 217 . ? 1_555  ? 
20 AC2 17 HOH D .   ? HOH A 230 . ? 1_555  ? 
# 
_pdbx_validate_symm_contact.id                1 
_pdbx_validate_symm_contact.PDB_model_num     1 
_pdbx_validate_symm_contact.auth_atom_id_1    MG 
_pdbx_validate_symm_contact.auth_asym_id_1    A 
_pdbx_validate_symm_contact.auth_comp_id_1    MG 
_pdbx_validate_symm_contact.auth_seq_id_1     137 
_pdbx_validate_symm_contact.PDB_ins_code_1    ? 
_pdbx_validate_symm_contact.label_alt_id_1    ? 
_pdbx_validate_symm_contact.site_symmetry_1   1_555 
_pdbx_validate_symm_contact.auth_atom_id_2    MG 
_pdbx_validate_symm_contact.auth_asym_id_2    A 
_pdbx_validate_symm_contact.auth_comp_id_2    MG 
_pdbx_validate_symm_contact.auth_seq_id_2     137 
_pdbx_validate_symm_contact.PDB_ins_code_2    ? 
_pdbx_validate_symm_contact.label_alt_id_2    ? 
_pdbx_validate_symm_contact.site_symmetry_2   8_645 
_pdbx_validate_symm_contact.dist              1.54 
# 
loop_
_pdbx_validate_torsion.id 
_pdbx_validate_torsion.PDB_model_num 
_pdbx_validate_torsion.auth_comp_id 
_pdbx_validate_torsion.auth_asym_id 
_pdbx_validate_torsion.auth_seq_id 
_pdbx_validate_torsion.PDB_ins_code 
_pdbx_validate_torsion.label_alt_id 
_pdbx_validate_torsion.phi 
_pdbx_validate_torsion.psi 
1 1 ARG A 122 ? ? 169.76 -51.04 
2 1 TYR A 127 ? ? 70.98  43.40  
# 
loop_
_pdbx_unobs_or_zero_occ_residues.id 
_pdbx_unobs_or_zero_occ_residues.PDB_model_num 
_pdbx_unobs_or_zero_occ_residues.polymer_flag 
_pdbx_unobs_or_zero_occ_residues.occupancy_flag 
_pdbx_unobs_or_zero_occ_residues.auth_asym_id 
_pdbx_unobs_or_zero_occ_residues.auth_comp_id 
_pdbx_unobs_or_zero_occ_residues.auth_seq_id 
_pdbx_unobs_or_zero_occ_residues.PDB_ins_code 
_pdbx_unobs_or_zero_occ_residues.label_asym_id 
_pdbx_unobs_or_zero_occ_residues.label_comp_id 
_pdbx_unobs_or_zero_occ_residues.label_seq_id 
1 1 Y 1 A SER 134 ? A SER 134 
2 1 Y 1 A SER 135 ? A SER 135 
3 1 Y 1 A TRP 136 ? A TRP 136 
# 
loop_
_chem_comp_atom.comp_id 
_chem_comp_atom.atom_id 
_chem_comp_atom.type_symbol 
_chem_comp_atom.pdbx_aromatic_flag 
_chem_comp_atom.pdbx_stereo_config 
_chem_comp_atom.pdbx_ordinal 
ALA N      N  N N 1   
ALA CA     C  N S 2   
ALA C      C  N N 3   
ALA O      O  N N 4   
ALA CB     C  N N 5   
ALA OXT    O  N N 6   
ALA H      H  N N 7   
ALA H2     H  N N 8   
ALA HA     H  N N 9   
ALA HB1    H  N N 10  
ALA HB2    H  N N 11  
ALA HB3    H  N N 12  
ALA HXT    H  N N 13  
ARG N      N  N N 14  
ARG CA     C  N S 15  
ARG C      C  N N 16  
ARG O      O  N N 17  
ARG CB     C  N N 18  
ARG CG     C  N N 19  
ARG CD     C  N N 20  
ARG NE     N  N N 21  
ARG CZ     C  N N 22  
ARG NH1    N  N N 23  
ARG NH2    N  N N 24  
ARG OXT    O  N N 25  
ARG H      H  N N 26  
ARG H2     H  N N 27  
ARG HA     H  N N 28  
ARG HB2    H  N N 29  
ARG HB3    H  N N 30  
ARG HG2    H  N N 31  
ARG HG3    H  N N 32  
ARG HD2    H  N N 33  
ARG HD3    H  N N 34  
ARG HE     H  N N 35  
ARG HH11   H  N N 36  
ARG HH12   H  N N 37  
ARG HH21   H  N N 38  
ARG HH22   H  N N 39  
ARG HXT    H  N N 40  
ASN N      N  N N 41  
ASN CA     C  N S 42  
ASN C      C  N N 43  
ASN O      O  N N 44  
ASN CB     C  N N 45  
ASN CG     C  N N 46  
ASN OD1    O  N N 47  
ASN ND2    N  N N 48  
ASN OXT    O  N N 49  
ASN H      H  N N 50  
ASN H2     H  N N 51  
ASN HA     H  N N 52  
ASN HB2    H  N N 53  
ASN HB3    H  N N 54  
ASN HD21   H  N N 55  
ASN HD22   H  N N 56  
ASN HXT    H  N N 57  
ASP N      N  N N 58  
ASP CA     C  N S 59  
ASP C      C  N N 60  
ASP O      O  N N 61  
ASP CB     C  N N 62  
ASP CG     C  N N 63  
ASP OD1    O  N N 64  
ASP OD2    O  N N 65  
ASP OXT    O  N N 66  
ASP H      H  N N 67  
ASP H2     H  N N 68  
ASP HA     H  N N 69  
ASP HB2    H  N N 70  
ASP HB3    H  N N 71  
ASP HD2    H  N N 72  
ASP HXT    H  N N 73  
CYS N      N  N N 74  
CYS CA     C  N R 75  
CYS C      C  N N 76  
CYS O      O  N N 77  
CYS CB     C  N N 78  
CYS SG     S  N N 79  
CYS OXT    O  N N 80  
CYS H      H  N N 81  
CYS H2     H  N N 82  
CYS HA     H  N N 83  
CYS HB2    H  N N 84  
CYS HB3    H  N N 85  
CYS HG     H  N N 86  
CYS HXT    H  N N 87  
GLN N      N  N N 88  
GLN CA     C  N S 89  
GLN C      C  N N 90  
GLN O      O  N N 91  
GLN CB     C  N N 92  
GLN CG     C  N N 93  
GLN CD     C  N N 94  
GLN OE1    O  N N 95  
GLN NE2    N  N N 96  
GLN OXT    O  N N 97  
GLN H      H  N N 98  
GLN H2     H  N N 99  
GLN HA     H  N N 100 
GLN HB2    H  N N 101 
GLN HB3    H  N N 102 
GLN HG2    H  N N 103 
GLN HG3    H  N N 104 
GLN HE21   H  N N 105 
GLN HE22   H  N N 106 
GLN HXT    H  N N 107 
GLU N      N  N N 108 
GLU CA     C  N S 109 
GLU C      C  N N 110 
GLU O      O  N N 111 
GLU CB     C  N N 112 
GLU CG     C  N N 113 
GLU CD     C  N N 114 
GLU OE1    O  N N 115 
GLU OE2    O  N N 116 
GLU OXT    O  N N 117 
GLU H      H  N N 118 
GLU H2     H  N N 119 
GLU HA     H  N N 120 
GLU HB2    H  N N 121 
GLU HB3    H  N N 122 
GLU HG2    H  N N 123 
GLU HG3    H  N N 124 
GLU HE2    H  N N 125 
GLU HXT    H  N N 126 
GLY N      N  N N 127 
GLY CA     C  N N 128 
GLY C      C  N N 129 
GLY O      O  N N 130 
GLY OXT    O  N N 131 
GLY H      H  N N 132 
GLY H2     H  N N 133 
GLY HA2    H  N N 134 
GLY HA3    H  N N 135 
GLY HXT    H  N N 136 
HIS N      N  N N 137 
HIS CA     C  N S 138 
HIS C      C  N N 139 
HIS O      O  N N 140 
HIS CB     C  N N 141 
HIS CG     C  Y N 142 
HIS ND1    N  Y N 143 
HIS CD2    C  Y N 144 
HIS CE1    C  Y N 145 
HIS NE2    N  Y N 146 
HIS OXT    O  N N 147 
HIS H      H  N N 148 
HIS H2     H  N N 149 
HIS HA     H  N N 150 
HIS HB2    H  N N 151 
HIS HB3    H  N N 152 
HIS HD1    H  N N 153 
HIS HD2    H  N N 154 
HIS HE1    H  N N 155 
HIS HE2    H  N N 156 
HIS HXT    H  N N 157 
HOH O      O  N N 158 
HOH H1     H  N N 159 
HOH H2     H  N N 160 
ILE N      N  N N 161 
ILE CA     C  N S 162 
ILE C      C  N N 163 
ILE O      O  N N 164 
ILE CB     C  N S 165 
ILE CG1    C  N N 166 
ILE CG2    C  N N 167 
ILE CD1    C  N N 168 
ILE OXT    O  N N 169 
ILE H      H  N N 170 
ILE H2     H  N N 171 
ILE HA     H  N N 172 
ILE HB     H  N N 173 
ILE HG12   H  N N 174 
ILE HG13   H  N N 175 
ILE HG21   H  N N 176 
ILE HG22   H  N N 177 
ILE HG23   H  N N 178 
ILE HD11   H  N N 179 
ILE HD12   H  N N 180 
ILE HD13   H  N N 181 
ILE HXT    H  N N 182 
LEU N      N  N N 183 
LEU CA     C  N S 184 
LEU C      C  N N 185 
LEU O      O  N N 186 
LEU CB     C  N N 187 
LEU CG     C  N N 188 
LEU CD1    C  N N 189 
LEU CD2    C  N N 190 
LEU OXT    O  N N 191 
LEU H      H  N N 192 
LEU H2     H  N N 193 
LEU HA     H  N N 194 
LEU HB2    H  N N 195 
LEU HB3    H  N N 196 
LEU HG     H  N N 197 
LEU HD11   H  N N 198 
LEU HD12   H  N N 199 
LEU HD13   H  N N 200 
LEU HD21   H  N N 201 
LEU HD22   H  N N 202 
LEU HD23   H  N N 203 
LEU HXT    H  N N 204 
LYS N      N  N N 205 
LYS CA     C  N S 206 
LYS C      C  N N 207 
LYS O      O  N N 208 
LYS CB     C  N N 209 
LYS CG     C  N N 210 
LYS CD     C  N N 211 
LYS CE     C  N N 212 
LYS NZ     N  N N 213 
LYS OXT    O  N N 214 
LYS H      H  N N 215 
LYS H2     H  N N 216 
LYS HA     H  N N 217 
LYS HB2    H  N N 218 
LYS HB3    H  N N 219 
LYS HG2    H  N N 220 
LYS HG3    H  N N 221 
LYS HD2    H  N N 222 
LYS HD3    H  N N 223 
LYS HE2    H  N N 224 
LYS HE3    H  N N 225 
LYS HZ1    H  N N 226 
LYS HZ2    H  N N 227 
LYS HZ3    H  N N 228 
LYS HXT    H  N N 229 
MET N      N  N N 230 
MET CA     C  N S 231 
MET C      C  N N 232 
MET O      O  N N 233 
MET CB     C  N N 234 
MET CG     C  N N 235 
MET SD     S  N N 236 
MET CE     C  N N 237 
MET OXT    O  N N 238 
MET H      H  N N 239 
MET H2     H  N N 240 
MET HA     H  N N 241 
MET HB2    H  N N 242 
MET HB3    H  N N 243 
MET HG2    H  N N 244 
MET HG3    H  N N 245 
MET HE1    H  N N 246 
MET HE2    H  N N 247 
MET HE3    H  N N 248 
MET HXT    H  N N 249 
MG  MG     MG N N 250 
PHE N      N  N N 251 
PHE CA     C  N S 252 
PHE C      C  N N 253 
PHE O      O  N N 254 
PHE CB     C  N N 255 
PHE CG     C  Y N 256 
PHE CD1    C  Y N 257 
PHE CD2    C  Y N 258 
PHE CE1    C  Y N 259 
PHE CE2    C  Y N 260 
PHE CZ     C  Y N 261 
PHE OXT    O  N N 262 
PHE H      H  N N 263 
PHE H2     H  N N 264 
PHE HA     H  N N 265 
PHE HB2    H  N N 266 
PHE HB3    H  N N 267 
PHE HD1    H  N N 268 
PHE HD2    H  N N 269 
PHE HE1    H  N N 270 
PHE HE2    H  N N 271 
PHE HZ     H  N N 272 
PHE HXT    H  N N 273 
PRO N      N  N N 274 
PRO CA     C  N S 275 
PRO C      C  N N 276 
PRO O      O  N N 277 
PRO CB     C  N N 278 
PRO CG     C  N N 279 
PRO CD     C  N N 280 
PRO OXT    O  N N 281 
PRO H      H  N N 282 
PRO HA     H  N N 283 
PRO HB2    H  N N 284 
PRO HB3    H  N N 285 
PRO HG2    H  N N 286 
PRO HG3    H  N N 287 
PRO HD2    H  N N 288 
PRO HD3    H  N N 289 
PRO HXT    H  N N 290 
SER N      N  N N 291 
SER CA     C  N S 292 
SER C      C  N N 293 
SER O      O  N N 294 
SER CB     C  N N 295 
SER OG     O  N N 296 
SER OXT    O  N N 297 
SER H      H  N N 298 
SER H2     H  N N 299 
SER HA     H  N N 300 
SER HB2    H  N N 301 
SER HB3    H  N N 302 
SER HG     H  N N 303 
SER HXT    H  N N 304 
THR N      N  N N 305 
THR CA     C  N S 306 
THR C      C  N N 307 
THR O      O  N N 308 
THR CB     C  N R 309 
THR OG1    O  N N 310 
THR CG2    C  N N 311 
THR OXT    O  N N 312 
THR H      H  N N 313 
THR H2     H  N N 314 
THR HA     H  N N 315 
THR HB     H  N N 316 
THR HG1    H  N N 317 
THR HG21   H  N N 318 
THR HG22   H  N N 319 
THR HG23   H  N N 320 
THR HXT    H  N N 321 
TRP N      N  N N 322 
TRP CA     C  N S 323 
TRP C      C  N N 324 
TRP O      O  N N 325 
TRP CB     C  N N 326 
TRP CG     C  Y N 327 
TRP CD1    C  Y N 328 
TRP CD2    C  Y N 329 
TRP NE1    N  Y N 330 
TRP CE2    C  Y N 331 
TRP CE3    C  Y N 332 
TRP CZ2    C  Y N 333 
TRP CZ3    C  Y N 334 
TRP CH2    C  Y N 335 
TRP OXT    O  N N 336 
TRP H      H  N N 337 
TRP H2     H  N N 338 
TRP HA     H  N N 339 
TRP HB2    H  N N 340 
TRP HB3    H  N N 341 
TRP HD1    H  N N 342 
TRP HE1    H  N N 343 
TRP HE3    H  N N 344 
TRP HZ2    H  N N 345 
TRP HZ3    H  N N 346 
TRP HH2    H  N N 347 
TRP HXT    H  N N 348 
TYR N      N  N N 349 
TYR CA     C  N S 350 
TYR C      C  N N 351 
TYR O      O  N N 352 
TYR CB     C  N N 353 
TYR CG     C  Y N 354 
TYR CD1    C  Y N 355 
TYR CD2    C  Y N 356 
TYR CE1    C  Y N 357 
TYR CE2    C  Y N 358 
TYR CZ     C  Y N 359 
TYR OH     O  N N 360 
TYR OXT    O  N N 361 
TYR H      H  N N 362 
TYR H2     H  N N 363 
TYR HA     H  N N 364 
TYR HB2    H  N N 365 
TYR HB3    H  N N 366 
TYR HD1    H  N N 367 
TYR HD2    H  N N 368 
TYR HE1    H  N N 369 
TYR HE2    H  N N 370 
TYR HH     H  N N 371 
TYR HXT    H  N N 372 
UDP N1     N  N N 373 
UDP C2     C  N N 374 
UDP N3     N  N N 375 
UDP C4     C  N N 376 
UDP C5     C  N N 377 
UDP C6     C  N N 378 
UDP O2     O  N N 379 
UDP O4     O  N N 380 
UDP "C1'"  C  N R 381 
UDP "C2'"  C  N R 382 
UDP "O2'"  O  N N 383 
UDP "C3'"  C  N S 384 
UDP "C4'"  C  N R 385 
UDP "O4'"  O  N N 386 
UDP "O3'"  O  N N 387 
UDP "C5'"  C  N N 388 
UDP "O5'"  O  N N 389 
UDP PA     P  N N 390 
UDP O1A    O  N N 391 
UDP O2A    O  N N 392 
UDP O3A    O  N N 393 
UDP PB     P  N N 394 
UDP O1B    O  N N 395 
UDP O2B    O  N N 396 
UDP O3B    O  N N 397 
UDP HN3    H  N N 398 
UDP H5     H  N N 399 
UDP H6     H  N N 400 
UDP "H1'"  H  N N 401 
UDP "H2'"  H  N N 402 
UDP "HO2'" H  N N 403 
UDP "H3'"  H  N N 404 
UDP "H4'"  H  N N 405 
UDP "HO3'" H  N N 406 
UDP "H5'1" H  N N 407 
UDP "H5'2" H  N N 408 
UDP HOA2   H  N N 409 
UDP HOB2   H  N N 410 
UDP HOB3   H  N N 411 
VAL N      N  N N 412 
VAL CA     C  N S 413 
VAL C      C  N N 414 
VAL O      O  N N 415 
VAL CB     C  N N 416 
VAL CG1    C  N N 417 
VAL CG2    C  N N 418 
VAL OXT    O  N N 419 
VAL H      H  N N 420 
VAL H2     H  N N 421 
VAL HA     H  N N 422 
VAL HB     H  N N 423 
VAL HG11   H  N N 424 
VAL HG12   H  N N 425 
VAL HG13   H  N N 426 
VAL HG21   H  N N 427 
VAL HG22   H  N N 428 
VAL HG23   H  N N 429 
VAL HXT    H  N N 430 
# 
loop_
_chem_comp_bond.comp_id 
_chem_comp_bond.atom_id_1 
_chem_comp_bond.atom_id_2 
_chem_comp_bond.value_order 
_chem_comp_bond.pdbx_aromatic_flag 
_chem_comp_bond.pdbx_stereo_config 
_chem_comp_bond.pdbx_ordinal 
ALA N     CA     sing N N 1   
ALA N     H      sing N N 2   
ALA N     H2     sing N N 3   
ALA CA    C      sing N N 4   
ALA CA    CB     sing N N 5   
ALA CA    HA     sing N N 6   
ALA C     O      doub N N 7   
ALA C     OXT    sing N N 8   
ALA CB    HB1    sing N N 9   
ALA CB    HB2    sing N N 10  
ALA CB    HB3    sing N N 11  
ALA OXT   HXT    sing N N 12  
ARG N     CA     sing N N 13  
ARG N     H      sing N N 14  
ARG N     H2     sing N N 15  
ARG CA    C      sing N N 16  
ARG CA    CB     sing N N 17  
ARG CA    HA     sing N N 18  
ARG C     O      doub N N 19  
ARG C     OXT    sing N N 20  
ARG CB    CG     sing N N 21  
ARG CB    HB2    sing N N 22  
ARG CB    HB3    sing N N 23  
ARG CG    CD     sing N N 24  
ARG CG    HG2    sing N N 25  
ARG CG    HG3    sing N N 26  
ARG CD    NE     sing N N 27  
ARG CD    HD2    sing N N 28  
ARG CD    HD3    sing N N 29  
ARG NE    CZ     sing N N 30  
ARG NE    HE     sing N N 31  
ARG CZ    NH1    sing N N 32  
ARG CZ    NH2    doub N N 33  
ARG NH1   HH11   sing N N 34  
ARG NH1   HH12   sing N N 35  
ARG NH2   HH21   sing N N 36  
ARG NH2   HH22   sing N N 37  
ARG OXT   HXT    sing N N 38  
ASN N     CA     sing N N 39  
ASN N     H      sing N N 40  
ASN N     H2     sing N N 41  
ASN CA    C      sing N N 42  
ASN CA    CB     sing N N 43  
ASN CA    HA     sing N N 44  
ASN C     O      doub N N 45  
ASN C     OXT    sing N N 46  
ASN CB    CG     sing N N 47  
ASN CB    HB2    sing N N 48  
ASN CB    HB3    sing N N 49  
ASN CG    OD1    doub N N 50  
ASN CG    ND2    sing N N 51  
ASN ND2   HD21   sing N N 52  
ASN ND2   HD22   sing N N 53  
ASN OXT   HXT    sing N N 54  
ASP N     CA     sing N N 55  
ASP N     H      sing N N 56  
ASP N     H2     sing N N 57  
ASP CA    C      sing N N 58  
ASP CA    CB     sing N N 59  
ASP CA    HA     sing N N 60  
ASP C     O      doub N N 61  
ASP C     OXT    sing N N 62  
ASP CB    CG     sing N N 63  
ASP CB    HB2    sing N N 64  
ASP CB    HB3    sing N N 65  
ASP CG    OD1    doub N N 66  
ASP CG    OD2    sing N N 67  
ASP OD2   HD2    sing N N 68  
ASP OXT   HXT    sing N N 69  
CYS N     CA     sing N N 70  
CYS N     H      sing N N 71  
CYS N     H2     sing N N 72  
CYS CA    C      sing N N 73  
CYS CA    CB     sing N N 74  
CYS CA    HA     sing N N 75  
CYS C     O      doub N N 76  
CYS C     OXT    sing N N 77  
CYS CB    SG     sing N N 78  
CYS CB    HB2    sing N N 79  
CYS CB    HB3    sing N N 80  
CYS SG    HG     sing N N 81  
CYS OXT   HXT    sing N N 82  
GLN N     CA     sing N N 83  
GLN N     H      sing N N 84  
GLN N     H2     sing N N 85  
GLN CA    C      sing N N 86  
GLN CA    CB     sing N N 87  
GLN CA    HA     sing N N 88  
GLN C     O      doub N N 89  
GLN C     OXT    sing N N 90  
GLN CB    CG     sing N N 91  
GLN CB    HB2    sing N N 92  
GLN CB    HB3    sing N N 93  
GLN CG    CD     sing N N 94  
GLN CG    HG2    sing N N 95  
GLN CG    HG3    sing N N 96  
GLN CD    OE1    doub N N 97  
GLN CD    NE2    sing N N 98  
GLN NE2   HE21   sing N N 99  
GLN NE2   HE22   sing N N 100 
GLN OXT   HXT    sing N N 101 
GLU N     CA     sing N N 102 
GLU N     H      sing N N 103 
GLU N     H2     sing N N 104 
GLU CA    C      sing N N 105 
GLU CA    CB     sing N N 106 
GLU CA    HA     sing N N 107 
GLU C     O      doub N N 108 
GLU C     OXT    sing N N 109 
GLU CB    CG     sing N N 110 
GLU CB    HB2    sing N N 111 
GLU CB    HB3    sing N N 112 
GLU CG    CD     sing N N 113 
GLU CG    HG2    sing N N 114 
GLU CG    HG3    sing N N 115 
GLU CD    OE1    doub N N 116 
GLU CD    OE2    sing N N 117 
GLU OE2   HE2    sing N N 118 
GLU OXT   HXT    sing N N 119 
GLY N     CA     sing N N 120 
GLY N     H      sing N N 121 
GLY N     H2     sing N N 122 
GLY CA    C      sing N N 123 
GLY CA    HA2    sing N N 124 
GLY CA    HA3    sing N N 125 
GLY C     O      doub N N 126 
GLY C     OXT    sing N N 127 
GLY OXT   HXT    sing N N 128 
HIS N     CA     sing N N 129 
HIS N     H      sing N N 130 
HIS N     H2     sing N N 131 
HIS CA    C      sing N N 132 
HIS CA    CB     sing N N 133 
HIS CA    HA     sing N N 134 
HIS C     O      doub N N 135 
HIS C     OXT    sing N N 136 
HIS CB    CG     sing N N 137 
HIS CB    HB2    sing N N 138 
HIS CB    HB3    sing N N 139 
HIS CG    ND1    sing Y N 140 
HIS CG    CD2    doub Y N 141 
HIS ND1   CE1    doub Y N 142 
HIS ND1   HD1    sing N N 143 
HIS CD2   NE2    sing Y N 144 
HIS CD2   HD2    sing N N 145 
HIS CE1   NE2    sing Y N 146 
HIS CE1   HE1    sing N N 147 
HIS NE2   HE2    sing N N 148 
HIS OXT   HXT    sing N N 149 
HOH O     H1     sing N N 150 
HOH O     H2     sing N N 151 
ILE N     CA     sing N N 152 
ILE N     H      sing N N 153 
ILE N     H2     sing N N 154 
ILE CA    C      sing N N 155 
ILE CA    CB     sing N N 156 
ILE CA    HA     sing N N 157 
ILE C     O      doub N N 158 
ILE C     OXT    sing N N 159 
ILE CB    CG1    sing N N 160 
ILE CB    CG2    sing N N 161 
ILE CB    HB     sing N N 162 
ILE CG1   CD1    sing N N 163 
ILE CG1   HG12   sing N N 164 
ILE CG1   HG13   sing N N 165 
ILE CG2   HG21   sing N N 166 
ILE CG2   HG22   sing N N 167 
ILE CG2   HG23   sing N N 168 
ILE CD1   HD11   sing N N 169 
ILE CD1   HD12   sing N N 170 
ILE CD1   HD13   sing N N 171 
ILE OXT   HXT    sing N N 172 
LEU N     CA     sing N N 173 
LEU N     H      sing N N 174 
LEU N     H2     sing N N 175 
LEU CA    C      sing N N 176 
LEU CA    CB     sing N N 177 
LEU CA    HA     sing N N 178 
LEU C     O      doub N N 179 
LEU C     OXT    sing N N 180 
LEU CB    CG     sing N N 181 
LEU CB    HB2    sing N N 182 
LEU CB    HB3    sing N N 183 
LEU CG    CD1    sing N N 184 
LEU CG    CD2    sing N N 185 
LEU CG    HG     sing N N 186 
LEU CD1   HD11   sing N N 187 
LEU CD1   HD12   sing N N 188 
LEU CD1   HD13   sing N N 189 
LEU CD2   HD21   sing N N 190 
LEU CD2   HD22   sing N N 191 
LEU CD2   HD23   sing N N 192 
LEU OXT   HXT    sing N N 193 
LYS N     CA     sing N N 194 
LYS N     H      sing N N 195 
LYS N     H2     sing N N 196 
LYS CA    C      sing N N 197 
LYS CA    CB     sing N N 198 
LYS CA    HA     sing N N 199 
LYS C     O      doub N N 200 
LYS C     OXT    sing N N 201 
LYS CB    CG     sing N N 202 
LYS CB    HB2    sing N N 203 
LYS CB    HB3    sing N N 204 
LYS CG    CD     sing N N 205 
LYS CG    HG2    sing N N 206 
LYS CG    HG3    sing N N 207 
LYS CD    CE     sing N N 208 
LYS CD    HD2    sing N N 209 
LYS CD    HD3    sing N N 210 
LYS CE    NZ     sing N N 211 
LYS CE    HE2    sing N N 212 
LYS CE    HE3    sing N N 213 
LYS NZ    HZ1    sing N N 214 
LYS NZ    HZ2    sing N N 215 
LYS NZ    HZ3    sing N N 216 
LYS OXT   HXT    sing N N 217 
MET N     CA     sing N N 218 
MET N     H      sing N N 219 
MET N     H2     sing N N 220 
MET CA    C      sing N N 221 
MET CA    CB     sing N N 222 
MET CA    HA     sing N N 223 
MET C     O      doub N N 224 
MET C     OXT    sing N N 225 
MET CB    CG     sing N N 226 
MET CB    HB2    sing N N 227 
MET CB    HB3    sing N N 228 
MET CG    SD     sing N N 229 
MET CG    HG2    sing N N 230 
MET CG    HG3    sing N N 231 
MET SD    CE     sing N N 232 
MET CE    HE1    sing N N 233 
MET CE    HE2    sing N N 234 
MET CE    HE3    sing N N 235 
MET OXT   HXT    sing N N 236 
PHE N     CA     sing N N 237 
PHE N     H      sing N N 238 
PHE N     H2     sing N N 239 
PHE CA    C      sing N N 240 
PHE CA    CB     sing N N 241 
PHE CA    HA     sing N N 242 
PHE C     O      doub N N 243 
PHE C     OXT    sing N N 244 
PHE CB    CG     sing N N 245 
PHE CB    HB2    sing N N 246 
PHE CB    HB3    sing N N 247 
PHE CG    CD1    doub Y N 248 
PHE CG    CD2    sing Y N 249 
PHE CD1   CE1    sing Y N 250 
PHE CD1   HD1    sing N N 251 
PHE CD2   CE2    doub Y N 252 
PHE CD2   HD2    sing N N 253 
PHE CE1   CZ     doub Y N 254 
PHE CE1   HE1    sing N N 255 
PHE CE2   CZ     sing Y N 256 
PHE CE2   HE2    sing N N 257 
PHE CZ    HZ     sing N N 258 
PHE OXT   HXT    sing N N 259 
PRO N     CA     sing N N 260 
PRO N     CD     sing N N 261 
PRO N     H      sing N N 262 
PRO CA    C      sing N N 263 
PRO CA    CB     sing N N 264 
PRO CA    HA     sing N N 265 
PRO C     O      doub N N 266 
PRO C     OXT    sing N N 267 
PRO CB    CG     sing N N 268 
PRO CB    HB2    sing N N 269 
PRO CB    HB3    sing N N 270 
PRO CG    CD     sing N N 271 
PRO CG    HG2    sing N N 272 
PRO CG    HG3    sing N N 273 
PRO CD    HD2    sing N N 274 
PRO CD    HD3    sing N N 275 
PRO OXT   HXT    sing N N 276 
SER N     CA     sing N N 277 
SER N     H      sing N N 278 
SER N     H2     sing N N 279 
SER CA    C      sing N N 280 
SER CA    CB     sing N N 281 
SER CA    HA     sing N N 282 
SER C     O      doub N N 283 
SER C     OXT    sing N N 284 
SER CB    OG     sing N N 285 
SER CB    HB2    sing N N 286 
SER CB    HB3    sing N N 287 
SER OG    HG     sing N N 288 
SER OXT   HXT    sing N N 289 
THR N     CA     sing N N 290 
THR N     H      sing N N 291 
THR N     H2     sing N N 292 
THR CA    C      sing N N 293 
THR CA    CB     sing N N 294 
THR CA    HA     sing N N 295 
THR C     O      doub N N 296 
THR C     OXT    sing N N 297 
THR CB    OG1    sing N N 298 
THR CB    CG2    sing N N 299 
THR CB    HB     sing N N 300 
THR OG1   HG1    sing N N 301 
THR CG2   HG21   sing N N 302 
THR CG2   HG22   sing N N 303 
THR CG2   HG23   sing N N 304 
THR OXT   HXT    sing N N 305 
TRP N     CA     sing N N 306 
TRP N     H      sing N N 307 
TRP N     H2     sing N N 308 
TRP CA    C      sing N N 309 
TRP CA    CB     sing N N 310 
TRP CA    HA     sing N N 311 
TRP C     O      doub N N 312 
TRP C     OXT    sing N N 313 
TRP CB    CG     sing N N 314 
TRP CB    HB2    sing N N 315 
TRP CB    HB3    sing N N 316 
TRP CG    CD1    doub Y N 317 
TRP CG    CD2    sing Y N 318 
TRP CD1   NE1    sing Y N 319 
TRP CD1   HD1    sing N N 320 
TRP CD2   CE2    doub Y N 321 
TRP CD2   CE3    sing Y N 322 
TRP NE1   CE2    sing Y N 323 
TRP NE1   HE1    sing N N 324 
TRP CE2   CZ2    sing Y N 325 
TRP CE3   CZ3    doub Y N 326 
TRP CE3   HE3    sing N N 327 
TRP CZ2   CH2    doub Y N 328 
TRP CZ2   HZ2    sing N N 329 
TRP CZ3   CH2    sing Y N 330 
TRP CZ3   HZ3    sing N N 331 
TRP CH2   HH2    sing N N 332 
TRP OXT   HXT    sing N N 333 
TYR N     CA     sing N N 334 
TYR N     H      sing N N 335 
TYR N     H2     sing N N 336 
TYR CA    C      sing N N 337 
TYR CA    CB     sing N N 338 
TYR CA    HA     sing N N 339 
TYR C     O      doub N N 340 
TYR C     OXT    sing N N 341 
TYR CB    CG     sing N N 342 
TYR CB    HB2    sing N N 343 
TYR CB    HB3    sing N N 344 
TYR CG    CD1    doub Y N 345 
TYR CG    CD2    sing Y N 346 
TYR CD1   CE1    sing Y N 347 
TYR CD1   HD1    sing N N 348 
TYR CD2   CE2    doub Y N 349 
TYR CD2   HD2    sing N N 350 
TYR CE1   CZ     doub Y N 351 
TYR CE1   HE1    sing N N 352 
TYR CE2   CZ     sing Y N 353 
TYR CE2   HE2    sing N N 354 
TYR CZ    OH     sing N N 355 
TYR OH    HH     sing N N 356 
TYR OXT   HXT    sing N N 357 
UDP N1    C2     sing N N 358 
UDP N1    C6     sing N N 359 
UDP N1    "C1'"  sing N N 360 
UDP C2    N3     sing N N 361 
UDP C2    O2     doub N N 362 
UDP N3    C4     sing N N 363 
UDP N3    HN3    sing N N 364 
UDP C4    C5     sing N N 365 
UDP C4    O4     doub N N 366 
UDP C5    C6     doub N N 367 
UDP C5    H5     sing N N 368 
UDP C6    H6     sing N N 369 
UDP "C1'" "C2'"  sing N N 370 
UDP "C1'" "O4'"  sing N N 371 
UDP "C1'" "H1'"  sing N N 372 
UDP "C2'" "O2'"  sing N N 373 
UDP "C2'" "C3'"  sing N N 374 
UDP "C2'" "H2'"  sing N N 375 
UDP "O2'" "HO2'" sing N N 376 
UDP "C3'" "C4'"  sing N N 377 
UDP "C3'" "O3'"  sing N N 378 
UDP "C3'" "H3'"  sing N N 379 
UDP "C4'" "O4'"  sing N N 380 
UDP "C4'" "C5'"  sing N N 381 
UDP "C4'" "H4'"  sing N N 382 
UDP "O3'" "HO3'" sing N N 383 
UDP "C5'" "O5'"  sing N N 384 
UDP "C5'" "H5'1" sing N N 385 
UDP "C5'" "H5'2" sing N N 386 
UDP "O5'" PA     sing N N 387 
UDP PA    O1A    doub N N 388 
UDP PA    O2A    sing N N 389 
UDP PA    O3A    sing N N 390 
UDP O2A   HOA2   sing N N 391 
UDP O3A   PB     sing N N 392 
UDP PB    O1B    doub N N 393 
UDP PB    O2B    sing N N 394 
UDP PB    O3B    sing N N 395 
UDP O2B   HOB2   sing N N 396 
UDP O3B   HOB3   sing N N 397 
VAL N     CA     sing N N 398 
VAL N     H      sing N N 399 
VAL N     H2     sing N N 400 
VAL CA    C      sing N N 401 
VAL CA    CB     sing N N 402 
VAL CA    HA     sing N N 403 
VAL C     O      doub N N 404 
VAL C     OXT    sing N N 405 
VAL CB    CG1    sing N N 406 
VAL CB    CG2    sing N N 407 
VAL CB    HB     sing N N 408 
VAL CG1   HG11   sing N N 409 
VAL CG1   HG12   sing N N 410 
VAL CG1   HG13   sing N N 411 
VAL CG2   HG21   sing N N 412 
VAL CG2   HG22   sing N N 413 
VAL CG2   HG23   sing N N 414 
VAL OXT   HXT    sing N N 415 
# 
_atom_sites.entry_id                    1F7R 
_atom_sites.fract_transf_matrix[1][1]   -0.01369850 
_atom_sites.fract_transf_matrix[1][2]   0.00093734 
_atom_sites.fract_transf_matrix[1][3]   -0.00143193 
_atom_sites.fract_transf_matrix[2][1]   0.00133922 
_atom_sites.fract_transf_matrix[2][2]   0.01306254 
_atom_sites.fract_transf_matrix[2][3]   -0.00426083 
_atom_sites.fract_transf_matrix[3][1]   0.00106561 
_atom_sites.fract_transf_matrix[3][2]   -0.00436687 
_atom_sites.fract_transf_matrix[3][3]   -0.01305270 
_atom_sites.fract_transf_vector[1]      0.671822 
_atom_sites.fract_transf_vector[2]      0.233972 
_atom_sites.fract_transf_vector[3]      0.394670 
# 
loop_
_atom_type.symbol 
C  
MG 
N  
O  
P  
S  
# 
loop_
_atom_site.group_PDB 
_atom_site.id 
_atom_site.type_symbol 
_atom_site.label_atom_id 
_atom_site.label_alt_id 
_atom_site.label_comp_id 
_atom_site.label_asym_id 
_atom_site.label_entity_id 
_atom_site.label_seq_id 
_atom_site.pdbx_PDB_ins_code 
_atom_site.Cartn_x 
_atom_site.Cartn_y 
_atom_site.Cartn_z 
_atom_site.occupancy 
_atom_site.B_iso_or_equiv 
_atom_site.pdbx_formal_charge 
_atom_site.auth_seq_id 
_atom_site.auth_comp_id 
_atom_site.auth_asym_id 
_atom_site.auth_atom_id 
_atom_site.pdbx_PDB_model_num 
ATOM   1    N  N     . MET A 1 1   ? -10.262 14.946  -5.935  1.00 19.42 ? 1   MET A N     1 
ATOM   2    C  CA    . MET A 1 1   ? -8.785  14.751  -5.957  1.00 19.57 ? 1   MET A CA    1 
ATOM   3    C  C     . MET A 1 1   ? -8.219  14.797  -7.380  1.00 18.54 ? 1   MET A C     1 
ATOM   4    O  O     . MET A 1 1   ? -8.651  14.052  -8.260  1.00 19.26 ? 1   MET A O     1 
ATOM   5    C  CB    . MET A 1 1   ? -8.429  13.410  -5.289  1.00 19.12 ? 1   MET A CB    1 
ATOM   6    C  CG    . MET A 1 1   ? -6.951  13.031  -5.367  1.00 20.24 ? 1   MET A CG    1 
ATOM   7    S  SD    . MET A 1 1   ? -6.486  11.685  -4.249  1.00 24.40 ? 1   MET A SD    1 
ATOM   8    C  CE    . MET A 1 1   ? -6.570  10.248  -5.321  1.00 16.05 ? 1   MET A CE    1 
ATOM   9    N  N     . ILE A 1 2   ? -7.251  15.678  -7.605  1.00 17.40 ? 2   ILE A N     1 
ATOM   10   C  CA    . ILE A 1 2   ? -6.634  15.787  -8.919  1.00 17.85 ? 2   ILE A CA    1 
ATOM   11   C  C     . ILE A 1 2   ? -5.680  14.617  -9.148  1.00 17.36 ? 2   ILE A C     1 
ATOM   12   O  O     . ILE A 1 2   ? -4.862  14.295  -8.289  1.00 17.65 ? 2   ILE A O     1 
ATOM   13   C  CB    . ILE A 1 2   ? -5.840  17.121  -9.087  1.00 16.41 ? 2   ILE A CB    1 
ATOM   14   C  CG1   . ILE A 1 2   ? -6.791  18.288  -9.385  1.00 16.82 ? 2   ILE A CG1   1 
ATOM   15   C  CG2   . ILE A 1 2   ? -4.873  17.005  -10.261 1.00 14.03 ? 2   ILE A CG2   1 
ATOM   16   C  CD1   . ILE A 1 2   ? -7.877  18.514  -8.373  1.00 18.94 ? 2   ILE A CD1   1 
ATOM   17   N  N     . ILE A 1 3   ? -5.808  13.977  -10.306 1.00 17.04 ? 3   ILE A N     1 
ATOM   18   C  CA    . ILE A 1 3   ? -4.944  12.862  -10.668 1.00 18.96 ? 3   ILE A CA    1 
ATOM   19   C  C     . ILE A 1 3   ? -4.421  13.033  -12.090 1.00 19.92 ? 3   ILE A C     1 
ATOM   20   O  O     . ILE A 1 3   ? -5.029  13.708  -12.916 1.00 21.18 ? 3   ILE A O     1 
ATOM   21   C  CB    . ILE A 1 3   ? -5.679  11.508  -10.600 1.00 16.97 ? 3   ILE A CB    1 
ATOM   22   C  CG1   . ILE A 1 3   ? -6.757  11.451  -11.679 1.00 16.89 ? 3   ILE A CG1   1 
ATOM   23   C  CG2   . ILE A 1 3   ? -6.281  11.309  -9.225  1.00 16.40 ? 3   ILE A CG2   1 
ATOM   24   C  CD1   . ILE A 1 3   ? -7.350  10.089  -11.869 1.00 19.43 ? 3   ILE A CD1   1 
ATOM   25   N  N     . GLU A 1 4   ? -3.282  12.417  -12.363 1.00 21.53 ? 4   GLU A N     1 
ATOM   26   C  CA    . GLU A 1 4   ? -2.678  12.472  -13.683 1.00 21.96 ? 4   GLU A CA    1 
ATOM   27   C  C     . GLU A 1 4   ? -2.411  11.020  -14.090 1.00 21.72 ? 4   GLU A C     1 
ATOM   28   O  O     . GLU A 1 4   ? -2.059  10.192  -13.248 1.00 23.81 ? 4   GLU A O     1 
ATOM   29   C  CB    . GLU A 1 4   ? -1.375  13.270  -13.619 1.00 21.38 ? 4   GLU A CB    1 
ATOM   30   C  CG    . GLU A 1 4   ? -0.936  13.840  -14.951 1.00 23.75 ? 4   GLU A CG    1 
ATOM   31   C  CD    . GLU A 1 4   ? 0.270   14.752  -14.822 1.00 25.98 ? 4   GLU A CD    1 
ATOM   32   O  OE1   . GLU A 1 4   ? 0.211   15.718  -14.025 1.00 26.05 ? 4   GLU A OE1   1 
ATOM   33   O  OE2   . GLU A 1 4   ? 1.275   14.498  -15.524 1.00 27.76 ? 4   GLU A OE2   1 
ATOM   34   N  N     . GLY A 1 5   ? -2.585  10.707  -15.370 1.00 22.02 ? 5   GLY A N     1 
ATOM   35   C  CA    . GLY A 1 5   ? -2.361  9.345   -15.826 1.00 19.73 ? 5   GLY A CA    1 
ATOM   36   C  C     . GLY A 1 5   ? -3.670  8.583   -15.850 1.00 21.76 ? 5   GLY A C     1 
ATOM   37   O  O     . GLY A 1 5   ? -4.709  9.127   -15.461 1.00 20.81 ? 5   GLY A O     1 
ATOM   38   N  N     . ASP A 1 6   ? -3.628  7.321   -16.277 1.00 23.85 ? 6   ASP A N     1 
ATOM   39   C  CA    . ASP A 1 6   ? -4.841  6.498   -16.369 1.00 26.64 ? 6   ASP A CA    1 
ATOM   40   C  C     . ASP A 1 6   ? -4.840  5.223   -15.536 1.00 26.71 ? 6   ASP A C     1 
ATOM   41   O  O     . ASP A 1 6   ? -5.778  4.434   -15.608 1.00 26.36 ? 6   ASP A O     1 
ATOM   42   C  CB    . ASP A 1 6   ? -5.109  6.145   -17.836 1.00 28.54 ? 6   ASP A CB    1 
ATOM   43   C  CG    . ASP A 1 6   ? -5.684  7.316   -18.615 1.00 33.03 ? 6   ASP A CG    1 
ATOM   44   O  OD1   . ASP A 1 6   ? -6.862  7.666   -18.352 1.00 35.89 ? 6   ASP A OD1   1 
ATOM   45   O  OD2   . ASP A 1 6   ? -4.966  7.897   -19.467 1.00 32.14 ? 6   ASP A OD2   1 
ATOM   46   N  N     . GLY A 1 7   ? -3.801  5.046   -14.725 1.00 27.37 ? 7   GLY A N     1 
ATOM   47   C  CA    . GLY A 1 7   ? -3.676  3.851   -13.906 1.00 25.38 ? 7   GLY A CA    1 
ATOM   48   C  C     . GLY A 1 7   ? -4.435  3.764   -12.591 1.00 23.87 ? 7   GLY A C     1 
ATOM   49   O  O     . GLY A 1 7   ? -4.000  3.053   -11.690 1.00 23.19 ? 7   GLY A O     1 
ATOM   50   N  N     . ILE A 1 8   ? -5.553  4.475   -12.465 1.00 22.56 ? 8   ILE A N     1 
ATOM   51   C  CA    . ILE A 1 8   ? -6.355  4.409   -11.240 1.00 22.55 ? 8   ILE A CA    1 
ATOM   52   C  C     . ILE A 1 8   ? -7.841  4.430   -11.601 1.00 22.21 ? 8   ILE A C     1 
ATOM   53   O  O     . ILE A 1 8   ? -8.232  4.988   -12.621 1.00 22.53 ? 8   ILE A O     1 
ATOM   54   C  CB    . ILE A 1 8   ? -6.024  5.570   -10.264 1.00 20.40 ? 8   ILE A CB    1 
ATOM   55   C  CG1   . ILE A 1 8   ? -6.772  5.361   -8.941  1.00 19.65 ? 8   ILE A CG1   1 
ATOM   56   C  CG2   . ILE A 1 8   ? -6.361  6.906   -10.903 1.00 21.90 ? 8   ILE A CG2   1 
ATOM   57   C  CD1   . ILE A 1 8   ? -6.452  6.393   -7.858  1.00 14.85 ? 8   ILE A CD1   1 
ATOM   58   N  N     . LEU A 1 9   ? -8.675  3.812   -10.777 1.00 21.75 ? 9   LEU A N     1 
ATOM   59   C  CA    . LEU A 1 9   ? -10.092 3.759   -11.088 1.00 20.93 ? 9   LEU A CA    1 
ATOM   60   C  C     . LEU A 1 9   ? -11.006 4.274   -9.980  1.00 21.80 ? 9   LEU A C     1 
ATOM   61   O  O     . LEU A 1 9   ? -10.742 4.084   -8.788  1.00 20.48 ? 9   LEU A O     1 
ATOM   62   C  CB    . LEU A 1 9   ? -10.481 2.317   -11.450 1.00 21.57 ? 9   LEU A CB    1 
ATOM   63   C  CG    . LEU A 1 9   ? -9.713  1.673   -12.610 1.00 23.15 ? 9   LEU A CG    1 
ATOM   64   C  CD1   . LEU A 1 9   ? -10.214 0.268   -12.840 1.00 21.91 ? 9   LEU A CD1   1 
ATOM   65   C  CD2   . LEU A 1 9   ? -9.884  2.508   -13.879 1.00 23.97 ? 9   LEU A CD2   1 
ATOM   66   N  N     . ASP A 1 10  ? -12.083 4.941   -10.383 1.00 20.21 ? 10  ASP A N     1 
ATOM   67   C  CA    . ASP A 1 10  ? -13.040 5.448   -9.421  1.00 20.27 ? 10  ASP A CA    1 
ATOM   68   C  C     . ASP A 1 10  ? -13.513 4.237   -8.633  1.00 18.70 ? 10  ASP A C     1 
ATOM   69   O  O     . ASP A 1 10  ? -13.298 3.105   -9.037  1.00 19.30 ? 10  ASP A O     1 
ATOM   70   C  CB    . ASP A 1 10  ? -14.236 6.095   -10.135 1.00 24.19 ? 10  ASP A CB    1 
ATOM   71   C  CG    . ASP A 1 10  ? -14.062 7.594   -10.345 1.00 26.58 ? 10  ASP A CG    1 
ATOM   72   O  OD1   . ASP A 1 10  ? -13.927 8.315   -9.338  1.00 28.94 ? 10  ASP A OD1   1 
ATOM   73   O  OD2   . ASP A 1 10  ? -14.070 8.058   -11.508 1.00 26.27 ? 10  ASP A OD2   1 
ATOM   74   N  N     . LYS A 1 11  ? -14.151 4.477   -7.502  1.00 17.27 ? 11  LYS A N     1 
ATOM   75   C  CA    . LYS A 1 11  ? -14.659 3.393   -6.680  1.00 18.04 ? 11  LYS A CA    1 
ATOM   76   C  C     . LYS A 1 11  ? -16.020 3.877   -6.206  1.00 18.05 ? 11  LYS A C     1 
ATOM   77   O  O     . LYS A 1 11  ? -16.327 5.057   -6.331  1.00 18.96 ? 11  LYS A O     1 
ATOM   78   C  CB    . LYS A 1 11  ? -13.741 3.169   -5.472  1.00 16.48 ? 11  LYS A CB    1 
ATOM   79   C  CG    . LYS A 1 11  ? -13.752 4.337   -4.484  1.00 14.55 ? 11  LYS A CG    1 
ATOM   80   C  CD    . LYS A 1 11  ? -12.987 4.033   -3.221  1.00 12.49 ? 11  LYS A CD    1 
ATOM   81   C  CE    . LYS A 1 11  ? -13.276 5.066   -2.149  1.00 10.48 ? 11  LYS A CE    1 
ATOM   82   N  NZ    . LYS A 1 11  ? -14.697 5.018   -1.743  1.00 6.23  ? 11  LYS A NZ    1 
ATOM   83   N  N     . ARG A 1 12  ? -16.853 2.990   -5.680  1.00 19.06 ? 12  ARG A N     1 
ATOM   84   C  CA    . ARG A 1 12  ? -18.132 3.464   -5.186  1.00 20.37 ? 12  ARG A CA    1 
ATOM   85   C  C     . ARG A 1 12  ? -17.973 3.903   -3.739  1.00 20.89 ? 12  ARG A C     1 
ATOM   86   O  O     . ARG A 1 12  ? -16.992 3.560   -3.085  1.00 21.15 ? 12  ARG A O     1 
ATOM   87   C  CB    . ARG A 1 12  ? -19.232 2.408   -5.341  1.00 18.87 ? 12  ARG A CB    1 
ATOM   88   C  CG    . ARG A 1 12  ? -18.836 0.954   -5.208  1.00 21.44 ? 12  ARG A CG    1 
ATOM   89   C  CD    . ARG A 1 12  ? -19.886 0.130   -5.960  1.00 25.35 ? 12  ARG A CD    1 
ATOM   90   N  NE    . ARG A 1 12  ? -20.004 -1.252  -5.511  1.00 28.79 ? 12  ARG A NE    1 
ATOM   91   C  CZ    . ARG A 1 12  ? -19.035 -2.158  -5.595  1.00 33.48 ? 12  ARG A CZ    1 
ATOM   92   N  NH1   . ARG A 1 12  ? -17.854 -1.831  -6.114  1.00 35.26 ? 12  ARG A NH1   1 
ATOM   93   N  NH2   . ARG A 1 12  ? -19.249 -3.396  -5.164  1.00 34.79 ? 12  ARG A NH2   1 
ATOM   94   N  N     . SER A 1 13  ? -18.928 4.678   -3.247  1.00 21.01 ? 13  SER A N     1 
ATOM   95   C  CA    . SER A 1 13  ? -18.874 5.182   -1.888  1.00 21.07 ? 13  SER A CA    1 
ATOM   96   C  C     . SER A 1 13  ? -18.719 4.113   -0.809  1.00 21.10 ? 13  SER A C     1 
ATOM   97   O  O     . SER A 1 13  ? -18.112 4.365   0.225   1.00 21.55 ? 13  SER A O     1 
ATOM   98   C  CB    . SER A 1 13  ? -20.112 6.035   -1.611  1.00 22.34 ? 13  SER A CB    1 
ATOM   99   O  OG    . SER A 1 13  ? -21.281 5.408   -2.106  1.00 26.49 ? 13  SER A OG    1 
ATOM   100  N  N     . GLU A 1 14  ? -19.251 2.920   -1.043  1.00 20.94 ? 14  GLU A N     1 
ATOM   101  C  CA    . GLU A 1 14  ? -19.144 1.864   -0.041  1.00 22.11 ? 14  GLU A CA    1 
ATOM   102  C  C     . GLU A 1 14  ? -17.823 1.091   -0.094  1.00 23.59 ? 14  GLU A C     1 
ATOM   103  O  O     . GLU A 1 14  ? -17.550 0.265   0.783   1.00 25.19 ? 14  GLU A O     1 
ATOM   104  C  CB    . GLU A 1 14  ? -20.310 0.883   -0.174  1.00 20.54 ? 14  GLU A CB    1 
ATOM   105  C  CG    . GLU A 1 14  ? -20.407 0.214   -1.527  1.00 21.31 ? 14  GLU A CG    1 
ATOM   106  C  CD    . GLU A 1 14  ? -21.371 -0.952  -1.523  1.00 25.21 ? 14  GLU A CD    1 
ATOM   107  O  OE1   . GLU A 1 14  ? -20.911 -2.110  -1.629  1.00 25.99 ? 14  GLU A OE1   1 
ATOM   108  O  OE2   . GLU A 1 14  ? -22.594 -0.717  -1.402  1.00 27.99 ? 14  GLU A OE2   1 
ATOM   109  N  N     . ASP A 1 15  ? -17.015 1.343   -1.122  1.00 22.64 ? 15  ASP A N     1 
ATOM   110  C  CA    . ASP A 1 15  ? -15.723 0.669   -1.255  1.00 21.57 ? 15  ASP A CA    1 
ATOM   111  C  C     . ASP A 1 15  ? -14.639 1.508   -0.598  1.00 20.35 ? 15  ASP A C     1 
ATOM   112  O  O     . ASP A 1 15  ? -14.664 2.738   -0.663  1.00 20.04 ? 15  ASP A O     1 
ATOM   113  C  CB    . ASP A 1 15  ? -15.390 0.419   -2.731  1.00 22.15 ? 15  ASP A CB    1 
ATOM   114  C  CG    . ASP A 1 15  ? -16.169 -0.752  -3.311  1.00 23.32 ? 15  ASP A CG    1 
ATOM   115  O  OD1   . ASP A 1 15  ? -16.169 -0.927  -4.548  1.00 24.02 ? 15  ASP A OD1   1 
ATOM   116  O  OD2   . ASP A 1 15  ? -16.777 -1.505  -2.522  1.00 23.98 ? 15  ASP A OD2   1 
ATOM   117  N  N     . ALA A 1 16  ? -13.689 0.840   0.044   1.00 20.31 ? 16  ALA A N     1 
ATOM   118  C  CA    . ALA A 1 16  ? -12.614 1.529   0.749   1.00 18.38 ? 16  ALA A CA    1 
ATOM   119  C  C     . ALA A 1 16  ? -11.521 2.142   -0.123  1.00 17.71 ? 16  ALA A C     1 
ATOM   120  O  O     . ALA A 1 16  ? -11.101 3.271   0.121   1.00 16.04 ? 16  ALA A O     1 
ATOM   121  C  CB    . ALA A 1 16  ? -11.983 0.583   1.771   1.00 16.83 ? 16  ALA A CB    1 
ATOM   122  N  N     . GLY A 1 17  ? -11.060 1.406   -1.128  1.00 15.05 ? 17  GLY A N     1 
ATOM   123  C  CA    . GLY A 1 17  ? -9.991  1.922   -1.962  1.00 13.97 ? 17  GLY A CA    1 
ATOM   124  C  C     . GLY A 1 17  ? -10.192 1.976   -3.460  1.00 13.96 ? 17  GLY A C     1 
ATOM   125  O  O     . GLY A 1 17  ? -11.204 1.527   -3.999  1.00 13.75 ? 17  GLY A O     1 
ATOM   126  N  N     . TYR A 1 18  ? -9.197  2.542   -4.132  1.00 13.99 ? 18  TYR A N     1 
ATOM   127  C  CA    . TYR A 1 18  ? -9.213  2.679   -5.574  1.00 12.75 ? 18  TYR A CA    1 
ATOM   128  C  C     . TYR A 1 18  ? -8.284  1.649   -6.191  1.00 13.78 ? 18  TYR A C     1 
ATOM   129  O  O     . TYR A 1 18  ? -7.178  1.432   -5.700  1.00 15.66 ? 18  TYR A O     1 
ATOM   130  C  CB    . TYR A 1 18  ? -8.745  4.068   -5.979  1.00 13.34 ? 18  TYR A CB    1 
ATOM   131  C  CG    . TYR A 1 18  ? -9.514  5.190   -5.346  1.00 15.73 ? 18  TYR A CG    1 
ATOM   132  C  CD1   . TYR A 1 18  ? -9.275  5.569   -4.023  1.00 17.60 ? 18  TYR A CD1   1 
ATOM   133  C  CD2   . TYR A 1 18  ? -10.482 5.889   -6.074  1.00 17.66 ? 18  TYR A CD2   1 
ATOM   134  C  CE1   . TYR A 1 18  ? -9.977  6.625   -3.441  1.00 19.21 ? 18  TYR A CE1   1 
ATOM   135  C  CE2   . TYR A 1 18  ? -11.193 6.942   -5.507  1.00 17.42 ? 18  TYR A CE2   1 
ATOM   136  C  CZ    . TYR A 1 18  ? -10.938 7.307   -4.195  1.00 18.72 ? 18  TYR A CZ    1 
ATOM   137  O  OH    . TYR A 1 18  ? -11.635 8.359   -3.648  1.00 20.46 ? 18  TYR A OH    1 
ATOM   138  N  N     . ASP A 1 19  ? -8.736  1.027   -7.272  1.00 14.57 ? 19  ASP A N     1 
ATOM   139  C  CA    . ASP A 1 19  ? -7.953  0.017   -7.967  1.00 16.25 ? 19  ASP A CA    1 
ATOM   140  C  C     . ASP A 1 19  ? -6.815  0.640   -8.767  1.00 18.14 ? 19  ASP A C     1 
ATOM   141  O  O     . ASP A 1 19  ? -7.007  1.627   -9.481  1.00 20.93 ? 19  ASP A O     1 
ATOM   142  C  CB    . ASP A 1 19  ? -8.871  -0.797  -8.882  1.00 19.03 ? 19  ASP A CB    1 
ATOM   143  C  CG    . ASP A 1 19  ? -9.782  -1.738  -8.102  1.00 20.73 ? 19  ASP A CG    1 
ATOM   144  O  OD1   . ASP A 1 19  ? -10.981 -1.841  -8.447  1.00 21.64 ? 19  ASP A OD1   1 
ATOM   145  O  OD2   . ASP A 1 19  ? -9.288  -2.376  -7.145  1.00 18.33 ? 19  ASP A OD2   1 
ATOM   146  N  N     . LEU A 1 20  ? -5.623  0.068   -8.633  1.00 16.12 ? 20  LEU A N     1 
ATOM   147  C  CA    . LEU A 1 20  ? -4.452  0.560   -9.342  1.00 14.86 ? 20  LEU A CA    1 
ATOM   148  C  C     . LEU A 1 20  ? -4.119  -0.424  -10.446 1.00 15.44 ? 20  LEU A C     1 
ATOM   149  O  O     . LEU A 1 20  ? -4.205  -1.634  -10.249 1.00 15.37 ? 20  LEU A O     1 
ATOM   150  C  CB    . LEU A 1 20  ? -3.260  0.704   -8.388  1.00 13.07 ? 20  LEU A CB    1 
ATOM   151  C  CG    . LEU A 1 20  ? -3.451  1.660   -7.208  1.00 11.88 ? 20  LEU A CG    1 
ATOM   152  C  CD1   . LEU A 1 20  ? -2.159  1.781   -6.437  1.00 11.07 ? 20  LEU A CD1   1 
ATOM   153  C  CD2   . LEU A 1 20  ? -3.886  3.016   -7.719  1.00 10.68 ? 20  LEU A CD2   1 
ATOM   154  N  N     . LEU A 1 21  ? -3.736  0.100   -11.606 1.00 15.49 ? 21  LEU A N     1 
ATOM   155  C  CA    . LEU A 1 21  ? -3.413  -0.735  -12.751 1.00 15.69 ? 21  LEU A CA    1 
ATOM   156  C  C     . LEU A 1 21  ? -1.929  -0.726  -13.052 1.00 13.83 ? 21  LEU A C     1 
ATOM   157  O  O     . LEU A 1 21  ? -1.225  0.191   -12.667 1.00 15.69 ? 21  LEU A O     1 
ATOM   158  C  CB    . LEU A 1 21  ? -4.171  -0.250  -13.999 1.00 15.48 ? 21  LEU A CB    1 
ATOM   159  C  CG    . LEU A 1 21  ? -5.702  -0.263  -14.073 1.00 15.56 ? 21  LEU A CG    1 
ATOM   160  C  CD1   . LEU A 1 21  ? -6.287  -1.006  -12.879 1.00 14.56 ? 21  LEU A CD1   1 
ATOM   161  C  CD2   . LEU A 1 21  ? -6.215  1.162   -14.132 1.00 13.40 ? 21  LEU A CD2   1 
ATOM   162  N  N     . ALA A 1 22  ? -1.466  -1.759  -13.742 1.00 13.93 ? 22  ALA A N     1 
ATOM   163  C  CA    . ALA A 1 22  ? -0.075  -1.861  -14.143 1.00 14.81 ? 22  ALA A CA    1 
ATOM   164  C  C     . ALA A 1 22  ? 0.031   -1.011  -15.410 1.00 16.93 ? 22  ALA A C     1 
ATOM   165  O  O     . ALA A 1 22  ? -0.792  -1.140  -16.315 1.00 17.13 ? 22  ALA A O     1 
ATOM   166  C  CB    . ALA A 1 22  ? 0.272   -3.307  -14.444 1.00 12.31 ? 22  ALA A CB    1 
ATOM   167  N  N     . ALA A 1 23  ? 1.030   -0.135  -15.473 1.00 18.74 ? 23  ALA A N     1 
ATOM   168  C  CA    . ALA A 1 23  ? 1.202   0.736   -16.637 1.00 20.82 ? 23  ALA A CA    1 
ATOM   169  C  C     . ALA A 1 23  ? 1.756   -0.002  -17.843 1.00 19.45 ? 23  ALA A C     1 
ATOM   170  O  O     . ALA A 1 23  ? 1.543   0.414   -18.974 1.00 21.85 ? 23  ALA A O     1 
ATOM   171  C  CB    . ALA A 1 23  ? 2.112   1.921   -16.285 1.00 20.42 ? 23  ALA A CB    1 
ATOM   172  N  N     . LYS A 1 24  ? 2.467   -1.093  -17.599 1.00 20.39 ? 24  LYS A N     1 
ATOM   173  C  CA    . LYS A 1 24  ? 3.038   -1.882  -18.677 1.00 21.50 ? 24  LYS A CA    1 
ATOM   174  C  C     . LYS A 1 24  ? 3.175   -3.323  -18.253 1.00 21.72 ? 24  LYS A C     1 
ATOM   175  O  O     . LYS A 1 24  ? 3.059   -3.643  -17.079 1.00 24.42 ? 24  LYS A O     1 
ATOM   176  C  CB    . LYS A 1 24  ? 4.403   -1.323  -19.095 1.00 23.72 ? 24  LYS A CB    1 
ATOM   177  C  CG    . LYS A 1 24  ? 5.584   -1.564  -18.151 1.00 25.06 ? 24  LYS A CG    1 
ATOM   178  C  CD    . LYS A 1 24  ? 6.762   -0.684  -18.601 1.00 29.78 ? 24  LYS A CD    1 
ATOM   179  C  CE    . LYS A 1 24  ? 8.134   -1.319  -18.367 1.00 34.36 ? 24  LYS A CE    1 
ATOM   180  N  NZ    . LYS A 1 24  ? 8.572   -1.321  -16.941 1.00 35.42 ? 24  LYS A NZ    1 
ATOM   181  N  N     . GLU A 1 25  ? 3.419   -4.202  -19.208 1.00 21.36 ? 25  GLU A N     1 
ATOM   182  C  CA    . GLU A 1 25  ? 3.556   -5.604  -18.877 1.00 20.02 ? 25  GLU A CA    1 
ATOM   183  C  C     . GLU A 1 25  ? 4.786   -5.805  -18.002 1.00 17.62 ? 25  GLU A C     1 
ATOM   184  O  O     . GLU A 1 25  ? 5.852   -5.289  -18.308 1.00 18.58 ? 25  GLU A O     1 
ATOM   185  C  CB    . GLU A 1 25  ? 3.675   -6.425  -20.152 1.00 21.70 ? 25  GLU A CB    1 
ATOM   186  C  CG    . GLU A 1 25  ? 3.255   -7.858  -19.962 1.00 25.17 ? 25  GLU A CG    1 
ATOM   187  C  CD    . GLU A 1 25  ? 3.367   -8.654  -21.228 1.00 26.23 ? 25  GLU A CD    1 
ATOM   188  O  OE1   . GLU A 1 25  ? 4.513   -8.909  -21.660 1.00 26.10 ? 25  GLU A OE1   1 
ATOM   189  O  OE2   . GLU A 1 25  ? 2.307   -9.014  -21.789 1.00 26.14 ? 25  GLU A OE2   1 
ATOM   190  N  N     . ILE A 1 26  ? 4.632   -6.559  -16.920 1.00 17.99 ? 26  ILE A N     1 
ATOM   191  C  CA    . ILE A 1 26  ? 5.724   -6.818  -15.989 1.00 18.59 ? 26  ILE A CA    1 
ATOM   192  C  C     . ILE A 1 26  ? 5.947   -8.317  -15.820 1.00 20.96 ? 26  ILE A C     1 
ATOM   193  O  O     . ILE A 1 26  ? 4.988   -9.081  -15.724 1.00 21.36 ? 26  ILE A O     1 
ATOM   194  C  CB    . ILE A 1 26  ? 5.413   -6.263  -14.576 1.00 20.34 ? 26  ILE A CB    1 
ATOM   195  C  CG1   . ILE A 1 26  ? 4.961   -4.801  -14.654 1.00 18.76 ? 26  ILE A CG1   1 
ATOM   196  C  CG2   . ILE A 1 26  ? 6.631   -6.458  -13.669 1.00 18.26 ? 26  ILE A CG2   1 
ATOM   197  C  CD1   . ILE A 1 26  ? 6.011   -3.841  -15.166 1.00 21.43 ? 26  ILE A CD1   1 
ATOM   198  N  N     . HIS A 1 27  ? 7.209   -8.734  -15.763 1.00 21.04 ? 27  HIS A N     1 
ATOM   199  C  CA    . HIS A 1 27  ? 7.537   -10.145 -15.576 1.00 22.85 ? 27  HIS A CA    1 
ATOM   200  C  C     . HIS A 1 27  ? 8.377   -10.317 -14.313 1.00 22.31 ? 27  HIS A C     1 
ATOM   201  O  O     . HIS A 1 27  ? 9.521   -9.857  -14.253 1.00 25.16 ? 27  HIS A O     1 
ATOM   202  C  CB    . HIS A 1 27  ? 8.311   -10.694 -16.776 1.00 22.40 ? 27  HIS A CB    1 
ATOM   203  C  CG    . HIS A 1 27  ? 8.642   -12.148 -16.667 1.00 28.29 ? 27  HIS A CG    1 
ATOM   204  N  ND1   . HIS A 1 27  ? 7.910   -13.130 -17.302 1.00 31.99 ? 27  HIS A ND1   1 
ATOM   205  C  CD2   . HIS A 1 27  ? 9.627   -12.793 -15.992 1.00 30.21 ? 27  HIS A CD2   1 
ATOM   206  C  CE1   . HIS A 1 27  ? 8.436   -14.318 -17.034 1.00 31.52 ? 27  HIS A CE1   1 
ATOM   207  N  NE2   . HIS A 1 27  ? 9.478   -14.139 -16.238 1.00 32.79 ? 27  HIS A NE2   1 
ATOM   208  N  N     . LEU A 1 28  ? 7.814   -10.985 -13.313 1.00 20.29 ? 28  LEU A N     1 
ATOM   209  C  CA    . LEU A 1 28  ? 8.517   -11.213 -12.051 1.00 20.16 ? 28  LEU A CA    1 
ATOM   210  C  C     . LEU A 1 28  ? 9.052   -12.643 -11.938 1.00 18.79 ? 28  LEU A C     1 
ATOM   211  O  O     . LEU A 1 28  ? 8.285   -13.603 -11.998 1.00 19.99 ? 28  LEU A O     1 
ATOM   212  C  CB    . LEU A 1 28  ? 7.585   -10.929 -10.859 1.00 19.40 ? 28  LEU A CB    1 
ATOM   213  C  CG    . LEU A 1 28  ? 7.040   -9.508  -10.682 1.00 20.74 ? 28  LEU A CG    1 
ATOM   214  C  CD1   . LEU A 1 28  ? 6.260   -9.387  -9.379  1.00 19.32 ? 28  LEU A CD1   1 
ATOM   215  C  CD2   . LEU A 1 28  ? 8.195   -8.534  -10.665 1.00 23.76 ? 28  LEU A CD2   1 
ATOM   216  N  N     . LEU A 1 29  ? 10.360  -12.784 -11.773 1.00 16.41 ? 29  LEU A N     1 
ATOM   217  C  CA    . LEU A 1 29  ? 10.961  -14.103 -11.625 1.00 16.62 ? 29  LEU A CA    1 
ATOM   218  C  C     . LEU A 1 29  ? 10.724  -14.540 -10.174 1.00 15.71 ? 29  LEU A C     1 
ATOM   219  O  O     . LEU A 1 29  ? 10.402  -13.712 -9.330  1.00 11.50 ? 29  LEU A O     1 
ATOM   220  C  CB    . LEU A 1 29  ? 12.457  -14.039 -11.926 1.00 17.94 ? 29  LEU A CB    1 
ATOM   221  C  CG    . LEU A 1 29  ? 12.855  -13.490 -13.298 1.00 20.85 ? 29  LEU A CG    1 
ATOM   222  C  CD1   . LEU A 1 29  ? 14.359  -13.372 -13.387 1.00 18.23 ? 29  LEU A CD1   1 
ATOM   223  C  CD2   . LEU A 1 29  ? 12.338  -14.408 -14.392 1.00 23.65 ? 29  LEU A CD2   1 
ATOM   224  N  N     . PRO A 1 30  ? 10.887  -15.842 -9.870  1.00 16.11 ? 30  PRO A N     1 
ATOM   225  C  CA    . PRO A 1 30  ? 10.675  -16.332 -8.498  1.00 16.03 ? 30  PRO A CA    1 
ATOM   226  C  C     . PRO A 1 30  ? 11.516  -15.573 -7.485  1.00 15.71 ? 30  PRO A C     1 
ATOM   227  O  O     . PRO A 1 30  ? 12.714  -15.400 -7.678  1.00 15.73 ? 30  PRO A O     1 
ATOM   228  C  CB    . PRO A 1 30  ? 11.079  -17.800 -8.589  1.00 17.13 ? 30  PRO A CB    1 
ATOM   229  C  CG    . PRO A 1 30  ? 10.838  -18.149 -10.028 1.00 17.77 ? 30  PRO A CG    1 
ATOM   230  C  CD    . PRO A 1 30  ? 11.373  -16.928 -10.735 1.00 17.68 ? 30  PRO A CD    1 
ATOM   231  N  N     . GLY A 1 31  ? 10.876  -15.110 -6.414  1.00 17.40 ? 31  GLY A N     1 
ATOM   232  C  CA    . GLY A 1 31  ? 11.573  -14.366 -5.376  1.00 18.38 ? 31  GLY A CA    1 
ATOM   233  C  C     . GLY A 1 31  ? 11.985  -12.945 -5.739  1.00 19.63 ? 31  GLY A C     1 
ATOM   234  O  O     . GLY A 1 31  ? 12.597  -12.256 -4.923  1.00 21.07 ? 31  GLY A O     1 
ATOM   235  N  N     . GLU A 1 32  ? 11.645  -12.499 -6.947  1.00 19.76 ? 32  GLU A N     1 
ATOM   236  C  CA    . GLU A 1 32  ? 12.013  -11.166 -7.402  1.00 19.45 ? 32  GLU A CA    1 
ATOM   237  C  C     . GLU A 1 32  ? 11.118  -10.055 -6.889  1.00 20.98 ? 32  GLU A C     1 
ATOM   238  O  O     . GLU A 1 32  ? 9.942   -10.261 -6.605  1.00 21.88 ? 32  GLU A O     1 
ATOM   239  C  CB    . GLU A 1 32  ? 12.032  -11.099 -8.933  1.00 20.53 ? 32  GLU A CB    1 
ATOM   240  C  CG    . GLU A 1 32  ? 12.650  -9.805  -9.452  1.00 23.39 ? 32  GLU A CG    1 
ATOM   241  C  CD    . GLU A 1 32  ? 12.808  -9.744  -10.961 1.00 20.89 ? 32  GLU A CD    1 
ATOM   242  O  OE1   . GLU A 1 32  ? 13.742  -9.057  -11.416 1.00 21.70 ? 32  GLU A OE1   1 
ATOM   243  O  OE2   . GLU A 1 32  ? 12.006  -10.356 -11.693 1.00 20.11 ? 32  GLU A OE2   1 
ATOM   244  N  N     . VAL A 1 33  ? 11.698  -8.864  -6.786  1.00 23.11 ? 33  VAL A N     1 
ATOM   245  C  CA    . VAL A 1 33  ? 10.991  -7.671  -6.337  1.00 22.59 ? 33  VAL A CA    1 
ATOM   246  C  C     . VAL A 1 33  ? 11.189  -6.568  -7.365  1.00 21.41 ? 33  VAL A C     1 
ATOM   247  O  O     . VAL A 1 33  ? 12.318  -6.258  -7.741  1.00 21.85 ? 33  VAL A O     1 
ATOM   248  C  CB    . VAL A 1 33  ? 11.536  -7.162  -4.990  1.00 24.49 ? 33  VAL A CB    1 
ATOM   249  C  CG1   . VAL A 1 33  ? 10.759  -5.936  -4.541  1.00 25.19 ? 33  VAL A CG1   1 
ATOM   250  C  CG2   . VAL A 1 33  ? 11.449  -8.259  -3.952  1.00 26.55 ? 33  VAL A CG2   1 
ATOM   251  N  N     . LYS A 1 34  ? 10.086  -5.987  -7.821  1.00 21.17 ? 34  LYS A N     1 
ATOM   252  C  CA    . LYS A 1 34  ? 10.125  -4.904  -8.798  1.00 18.16 ? 34  LYS A CA    1 
ATOM   253  C  C     . LYS A 1 34  ? 9.139   -3.816  -8.401  1.00 18.35 ? 34  LYS A C     1 
ATOM   254  O  O     . LYS A 1 34  ? 8.165   -4.081  -7.688  1.00 18.11 ? 34  LYS A O     1 
ATOM   255  C  CB    . LYS A 1 34  ? 9.771   -5.422  -10.189 1.00 15.69 ? 34  LYS A CB    1 
ATOM   256  C  CG    . LYS A 1 34  ? 10.907  -6.141  -10.877 1.00 16.54 ? 34  LYS A CG    1 
ATOM   257  C  CD    . LYS A 1 34  ? 10.517  -6.552  -12.279 1.00 16.30 ? 34  LYS A CD    1 
ATOM   258  C  CE    . LYS A 1 34  ? 11.685  -7.188  -13.001 1.00 21.94 ? 34  LYS A CE    1 
ATOM   259  N  NZ    . LYS A 1 34  ? 11.279  -7.706  -14.340 1.00 30.69 ? 34  LYS A NZ    1 
ATOM   260  N  N     . VAL A 1 35  ? 9.391   -2.593  -8.857  1.00 16.33 ? 35  VAL A N     1 
ATOM   261  C  CA    . VAL A 1 35  ? 8.507   -1.485  -8.538  1.00 17.89 ? 35  VAL A CA    1 
ATOM   262  C  C     . VAL A 1 35  ? 7.564   -1.232  -9.703  1.00 19.07 ? 35  VAL A C     1 
ATOM   263  O  O     . VAL A 1 35  ? 7.840   -0.402  -10.559 1.00 21.38 ? 35  VAL A O     1 
ATOM   264  C  CB    . VAL A 1 35  ? 9.307   -0.209  -8.240  1.00 19.06 ? 35  VAL A CB    1 
ATOM   265  C  CG1   . VAL A 1 35  ? 8.356   0.937   -7.878  1.00 19.09 ? 35  VAL A CG1   1 
ATOM   266  C  CG2   . VAL A 1 35  ? 10.294  -0.478  -7.109  1.00 16.00 ? 35  VAL A CG2   1 
ATOM   267  N  N     . ILE A 1 36  ? 6.445   -1.953  -9.721  1.00 20.01 ? 36  ILE A N     1 
ATOM   268  C  CA    . ILE A 1 36  ? 5.464   -1.834  -10.791 1.00 18.46 ? 36  ILE A CA    1 
ATOM   269  C  C     . ILE A 1 36  ? 4.966   -0.412  -10.982 1.00 18.33 ? 36  ILE A C     1 
ATOM   270  O  O     . ILE A 1 36  ? 4.365   0.177   -10.085 1.00 21.08 ? 36  ILE A O     1 
ATOM   271  C  CB    . ILE A 1 36  ? 4.228   -2.718  -10.544 1.00 18.04 ? 36  ILE A CB    1 
ATOM   272  C  CG1   . ILE A 1 36  ? 4.640   -4.073  -9.975  1.00 15.62 ? 36  ILE A CG1   1 
ATOM   273  C  CG2   . ILE A 1 36  ? 3.476   -2.909  -11.853 1.00 18.00 ? 36  ILE A CG2   1 
ATOM   274  C  CD1   . ILE A 1 36  ? 5.525   -4.862  -10.875 1.00 17.34 ? 36  ILE A CD1   1 
ATOM   275  N  N     . PRO A 1 37  ? 5.198   0.162   -12.167 1.00 16.69 ? 37  PRO A N     1 
ATOM   276  C  CA    . PRO A 1 37  ? 4.737   1.525   -12.402 1.00 16.04 ? 37  PRO A CA    1 
ATOM   277  C  C     . PRO A 1 37  ? 3.238   1.530   -12.664 1.00 15.89 ? 37  PRO A C     1 
ATOM   278  O  O     . PRO A 1 37  ? 2.700   0.587   -13.245 1.00 16.61 ? 37  PRO A O     1 
ATOM   279  C  CB    . PRO A 1 37  ? 5.551   1.951   -13.615 1.00 15.04 ? 37  PRO A CB    1 
ATOM   280  C  CG    . PRO A 1 37  ? 5.634   0.683   -14.384 1.00 19.10 ? 37  PRO A CG    1 
ATOM   281  C  CD    . PRO A 1 37  ? 5.943   -0.353  -13.329 1.00 16.54 ? 37  PRO A CD    1 
ATOM   282  N  N     . THR A 1 38  ? 2.568   2.588   -12.224 1.00 16.46 ? 38  THR A N     1 
ATOM   283  C  CA    . THR A 1 38  ? 1.132   2.716   -12.415 1.00 17.63 ? 38  THR A CA    1 
ATOM   284  C  C     . THR A 1 38  ? 0.836   3.871   -13.361 1.00 20.40 ? 38  THR A C     1 
ATOM   285  O  O     . THR A 1 38  ? -0.281  4.015   -13.867 1.00 21.32 ? 38  THR A O     1 
ATOM   286  C  CB    . THR A 1 38  ? 0.420   2.977   -11.082 1.00 15.18 ? 38  THR A CB    1 
ATOM   287  O  OG1   . THR A 1 38  ? 0.890   4.209   -10.528 1.00 15.79 ? 38  THR A OG1   1 
ATOM   288  C  CG2   . THR A 1 38  ? 0.692   1.842   -10.105 1.00 11.03 ? 38  THR A CG2   1 
ATOM   289  N  N     . GLY A 1 39  ? 1.851   4.692   -13.604 1.00 22.86 ? 39  GLY A N     1 
ATOM   290  C  CA    . GLY A 1 39  ? 1.672   5.828   -14.486 1.00 24.29 ? 39  GLY A CA    1 
ATOM   291  C  C     . GLY A 1 39  ? 0.744   6.864   -13.882 1.00 22.85 ? 39  GLY A C     1 
ATOM   292  O  O     . GLY A 1 39  ? 0.214   7.723   -14.587 1.00 24.64 ? 39  GLY A O     1 
ATOM   293  N  N     . VAL A 1 40  ? 0.549   6.792   -12.571 1.00 21.71 ? 40  VAL A N     1 
ATOM   294  C  CA    . VAL A 1 40  ? -0.321  7.742   -11.901 1.00 21.97 ? 40  VAL A CA    1 
ATOM   295  C  C     . VAL A 1 40  ? 0.400   8.723   -10.978 1.00 20.34 ? 40  VAL A C     1 
ATOM   296  O  O     . VAL A 1 40  ? 1.366   8.381   -10.298 1.00 20.83 ? 40  VAL A O     1 
ATOM   297  C  CB    . VAL A 1 40  ? -1.410  7.012   -11.100 1.00 23.12 ? 40  VAL A CB    1 
ATOM   298  C  CG1   . VAL A 1 40  ? -2.315  8.021   -10.410 1.00 22.22 ? 40  VAL A CG1   1 
ATOM   299  C  CG2   . VAL A 1 40  ? -2.224  6.132   -12.034 1.00 24.04 ? 40  VAL A CG2   1 
ATOM   300  N  N     . LYS A 1 41  ? -0.081  9.957   -10.988 1.00 19.81 ? 41  LYS A N     1 
ATOM   301  C  CA    . LYS A 1 41  ? 0.453   11.020  -10.159 1.00 19.67 ? 41  LYS A CA    1 
ATOM   302  C  C     . LYS A 1 41  ? -0.794  11.639  -9.551  1.00 20.50 ? 41  LYS A C     1 
ATOM   303  O  O     . LYS A 1 41  ? -1.845  11.691  -10.198 1.00 18.04 ? 41  LYS A O     1 
ATOM   304  C  CB    . LYS A 1 41  ? 1.205   12.039  -11.017 1.00 20.82 ? 41  LYS A CB    1 
ATOM   305  C  CG    . LYS A 1 41  ? 2.362   11.419  -11.792 1.00 24.25 ? 41  LYS A CG    1 
ATOM   306  C  CD    . LYS A 1 41  ? 2.913   12.337  -12.885 1.00 26.01 ? 41  LYS A CD    1 
ATOM   307  C  CE    . LYS A 1 41  ? 3.710   13.494  -12.316 1.00 27.76 ? 41  LYS A CE    1 
ATOM   308  N  NZ    . LYS A 1 41  ? 4.266   14.363  -13.393 1.00 27.92 ? 41  LYS A NZ    1 
ATOM   309  N  N     . LEU A 1 42  ? -0.691  12.087  -8.306  1.00 18.65 ? 42  LEU A N     1 
ATOM   310  C  CA    . LEU A 1 42  ? -1.840  12.666  -7.641  1.00 19.97 ? 42  LEU A CA    1 
ATOM   311  C  C     . LEU A 1 42  ? -1.510  13.661  -6.541  1.00 20.65 ? 42  LEU A C     1 
ATOM   312  O  O     . LEU A 1 42  ? -0.385  13.733  -6.043  1.00 18.86 ? 42  LEU A O     1 
ATOM   313  C  CB    . LEU A 1 42  ? -2.700  11.547  -7.060  1.00 22.67 ? 42  LEU A CB    1 
ATOM   314  C  CG    . LEU A 1 42  ? -1.985  10.554  -6.129  1.00 23.99 ? 42  LEU A CG    1 
ATOM   315  C  CD1   . LEU A 1 42  ? -1.609  11.219  -4.817  1.00 23.03 ? 42  LEU A CD1   1 
ATOM   316  C  CD2   . LEU A 1 42  ? -2.899  9.366   -5.870  1.00 22.58 ? 42  LEU A CD2   1 
ATOM   317  N  N     . MET A 1 43  ? -2.529  14.423  -6.164  1.00 21.89 ? 43  MET A N     1 
ATOM   318  C  CA    . MET A 1 43  ? -2.409  15.405  -5.108  1.00 22.56 ? 43  MET A CA    1 
ATOM   319  C  C     . MET A 1 43  ? -3.395  15.039  -4.013  1.00 21.42 ? 43  MET A C     1 
ATOM   320  O  O     . MET A 1 43  ? -4.591  15.322  -4.117  1.00 19.69 ? 43  MET A O     1 
ATOM   321  C  CB    . MET A 1 43  ? -2.681  16.808  -5.656  1.00 23.41 ? 43  MET A CB    1 
ATOM   322  C  CG    . MET A 1 43  ? -1.451  17.420  -6.313  1.00 26.85 ? 43  MET A CG    1 
ATOM   323  S  SD    . MET A 1 43  ? -1.735  18.955  -7.211  1.00 31.56 ? 43  MET A SD    1 
ATOM   324  C  CE    . MET A 1 43  ? -2.979  19.804  -6.176  1.00 25.50 ? 43  MET A CE    1 
ATOM   325  N  N     . LEU A 1 44  ? -2.869  14.381  -2.977  1.00 19.73 ? 44  LEU A N     1 
ATOM   326  C  CA    . LEU A 1 44  ? -3.653  13.937  -1.827  1.00 18.42 ? 44  LEU A CA    1 
ATOM   327  C  C     . LEU A 1 44  ? -4.148  15.123  -1.019  1.00 17.23 ? 44  LEU A C     1 
ATOM   328  O  O     . LEU A 1 44  ? -3.460  16.137  -0.922  1.00 18.71 ? 44  LEU A O     1 
ATOM   329  C  CB    . LEU A 1 44  ? -2.810  13.023  -0.926  1.00 15.22 ? 44  LEU A CB    1 
ATOM   330  C  CG    . LEU A 1 44  ? -2.481  11.641  -1.489  1.00 15.98 ? 44  LEU A CG    1 
ATOM   331  C  CD1   . LEU A 1 44  ? -1.665  10.845  -0.499  1.00 17.64 ? 44  LEU A CD1   1 
ATOM   332  C  CD2   . LEU A 1 44  ? -3.766  10.915  -1.799  1.00 17.39 ? 44  LEU A CD2   1 
ATOM   333  N  N     . PRO A 1 45  ? -5.357  15.015  -0.452  1.00 17.46 ? 45  PRO A N     1 
ATOM   334  C  CA    . PRO A 1 45  ? -5.954  16.087  0.361   1.00 19.25 ? 45  PRO A CA    1 
ATOM   335  C  C     . PRO A 1 45  ? -5.073  16.382  1.568   1.00 21.35 ? 45  PRO A C     1 
ATOM   336  O  O     . PRO A 1 45  ? -4.526  15.461  2.181   1.00 24.01 ? 45  PRO A O     1 
ATOM   337  C  CB    . PRO A 1 45  ? -7.302  15.500  0.766   1.00 16.87 ? 45  PRO A CB    1 
ATOM   338  C  CG    . PRO A 1 45  ? -7.640  14.632  -0.387  1.00 17.89 ? 45  PRO A CG    1 
ATOM   339  C  CD    . PRO A 1 45  ? -6.335  13.940  -0.679  1.00 17.14 ? 45  PRO A CD    1 
ATOM   340  N  N     . LYS A 1 46  ? -4.935  17.659  1.913   1.00 21.83 ? 46  LYS A N     1 
ATOM   341  C  CA    . LYS A 1 46  ? -4.109  18.044  3.051   1.00 22.21 ? 46  LYS A CA    1 
ATOM   342  C  C     . LYS A 1 46  ? -4.462  17.257  4.314   1.00 23.12 ? 46  LYS A C     1 
ATOM   343  O  O     . LYS A 1 46  ? -5.636  17.094  4.657   1.00 21.42 ? 46  LYS A O     1 
ATOM   344  C  CB    . LYS A 1 46  ? -4.245  19.546  3.318   1.00 25.70 ? 46  LYS A CB    1 
ATOM   345  C  CG    . LYS A 1 46  ? -3.136  20.419  2.720   1.00 29.67 ? 46  LYS A CG    1 
ATOM   346  C  CD    . LYS A 1 46  ? -3.111  20.378  1.190   1.00 33.24 ? 46  LYS A CD    1 
ATOM   347  C  CE    . LYS A 1 46  ? -2.112  21.387  0.595   1.00 34.22 ? 46  LYS A CE    1 
ATOM   348  N  NZ    . LYS A 1 46  ? -0.681  21.097  0.932   1.00 33.12 ? 46  LYS A NZ    1 
ATOM   349  N  N     . GLY A 1 47  ? -3.435  16.753  4.992   1.00 23.36 ? 47  GLY A N     1 
ATOM   350  C  CA    . GLY A 1 47  ? -3.656  16.004  6.217   1.00 24.40 ? 47  GLY A CA    1 
ATOM   351  C  C     . GLY A 1 47  ? -3.855  14.512  6.019   1.00 26.08 ? 47  GLY A C     1 
ATOM   352  O  O     . GLY A 1 47  ? -3.918  13.747  6.993   1.00 26.83 ? 47  GLY A O     1 
ATOM   353  N  N     . TYR A 1 48  ? -3.950  14.094  4.761   1.00 23.00 ? 48  TYR A N     1 
ATOM   354  C  CA    . TYR A 1 48  ? -4.135  12.687  4.449   1.00 21.02 ? 48  TYR A CA    1 
ATOM   355  C  C     . TYR A 1 48  ? -2.928  12.084  3.738   1.00 20.34 ? 48  TYR A C     1 
ATOM   356  O  O     . TYR A 1 48  ? -2.049  12.805  3.266   1.00 19.85 ? 48  TYR A O     1 
ATOM   357  C  CB    . TYR A 1 48  ? -5.360  12.500  3.562   1.00 19.65 ? 48  TYR A CB    1 
ATOM   358  C  CG    . TYR A 1 48  ? -6.660  12.863  4.214   1.00 20.42 ? 48  TYR A CG    1 
ATOM   359  C  CD1   . TYR A 1 48  ? -7.042  14.194  4.366   1.00 18.51 ? 48  TYR A CD1   1 
ATOM   360  C  CD2   . TYR A 1 48  ? -7.526  11.870  4.662   1.00 21.79 ? 48  TYR A CD2   1 
ATOM   361  C  CE1   . TYR A 1 48  ? -8.257  14.523  4.941   1.00 19.02 ? 48  TYR A CE1   1 
ATOM   362  C  CE2   . TYR A 1 48  ? -8.745  12.185  5.238   1.00 22.62 ? 48  TYR A CE2   1 
ATOM   363  C  CZ    . TYR A 1 48  ? -9.106  13.510  5.371   1.00 22.41 ? 48  TYR A CZ    1 
ATOM   364  O  OH    . TYR A 1 48  ? -10.334 13.812  5.902   1.00 26.74 ? 48  TYR A OH    1 
ATOM   365  N  N     . TRP A 1 49  ? -2.892  10.754  3.689   1.00 18.61 ? 49  TRP A N     1 
ATOM   366  C  CA    . TRP A 1 49  ? -1.840  10.017  2.999   1.00 17.53 ? 49  TRP A CA    1 
ATOM   367  C  C     . TRP A 1 49  ? -2.504  8.863   2.270   1.00 16.81 ? 49  TRP A C     1 
ATOM   368  O  O     . TRP A 1 49  ? -3.676  8.572   2.496   1.00 15.87 ? 49  TRP A O     1 
ATOM   369  C  CB    . TRP A 1 49  ? -0.758  9.496   3.967   1.00 16.33 ? 49  TRP A CB    1 
ATOM   370  C  CG    . TRP A 1 49  ? -1.231  8.596   5.058   1.00 16.00 ? 49  TRP A CG    1 
ATOM   371  C  CD1   . TRP A 1 49  ? -2.031  8.937   6.110   1.00 17.95 ? 49  TRP A CD1   1 
ATOM   372  C  CD2   . TRP A 1 49  ? -0.911  7.205   5.235   1.00 16.66 ? 49  TRP A CD2   1 
ATOM   373  N  NE1   . TRP A 1 49  ? -2.230  7.851   6.932   1.00 17.72 ? 49  TRP A NE1   1 
ATOM   374  C  CE2   . TRP A 1 49  ? -1.552  6.774   6.420   1.00 16.06 ? 49  TRP A CE2   1 
ATOM   375  C  CE3   . TRP A 1 49  ? -0.137  6.283   4.511   1.00 15.25 ? 49  TRP A CE3   1 
ATOM   376  C  CZ2   . TRP A 1 49  ? -1.455  5.465   6.892   1.00 13.69 ? 49  TRP A CZ2   1 
ATOM   377  C  CZ3   . TRP A 1 49  ? -0.042  4.977   4.983   1.00 13.96 ? 49  TRP A CZ3   1 
ATOM   378  C  CH2   . TRP A 1 49  ? -0.690  4.586   6.168   1.00 14.93 ? 49  TRP A CH2   1 
ATOM   379  N  N     . GLY A 1 50  ? -1.761  8.229   1.374   1.00 17.04 ? 50  GLY A N     1 
ATOM   380  C  CA    . GLY A 1 50  ? -2.303  7.121   0.619   1.00 15.53 ? 50  GLY A CA    1 
ATOM   381  C  C     . GLY A 1 50  ? -1.636  5.833   1.035   1.00 15.24 ? 50  GLY A C     1 
ATOM   382  O  O     . GLY A 1 50  ? -0.431  5.791   1.263   1.00 16.13 ? 50  GLY A O     1 
ATOM   383  N  N     . LEU A 1 51  ? -2.426  4.776   1.137   1.00 14.46 ? 51  LEU A N     1 
ATOM   384  C  CA    . LEU A 1 51  ? -1.916  3.478   1.527   1.00 12.28 ? 51  LEU A CA    1 
ATOM   385  C  C     . LEU A 1 51  ? -2.060  2.464   0.400   1.00 14.37 ? 51  LEU A C     1 
ATOM   386  O  O     . LEU A 1 51  ? -3.161  2.219   -0.085  1.00 15.26 ? 51  LEU A O     1 
ATOM   387  C  CB    . LEU A 1 51  ? -2.669  2.978   2.748   1.00 9.83  ? 51  LEU A CB    1 
ATOM   388  C  CG    . LEU A 1 51  ? -2.339  1.544   3.145   1.00 12.85 ? 51  LEU A CG    1 
ATOM   389  C  CD1   . LEU A 1 51  ? -0.951  1.482   3.748   1.00 12.06 ? 51  LEU A CD1   1 
ATOM   390  C  CD2   . LEU A 1 51  ? -3.375  1.050   4.128   1.00 12.40 ? 51  LEU A CD2   1 
ATOM   391  N  N     . ILE A 1 52  ? -0.945  1.890   -0.033  1.00 15.05 ? 52  ILE A N     1 
ATOM   392  C  CA    . ILE A 1 52  ? -0.991  0.871   -1.068  1.00 15.67 ? 52  ILE A CA    1 
ATOM   393  C  C     . ILE A 1 52  ? -1.098  -0.467  -0.334  1.00 16.54 ? 52  ILE A C     1 
ATOM   394  O  O     . ILE A 1 52  ? -0.212  -0.844  0.434   1.00 18.08 ? 52  ILE A O     1 
ATOM   395  C  CB    . ILE A 1 52  ? 0.278   0.866   -1.930  1.00 17.08 ? 52  ILE A CB    1 
ATOM   396  C  CG1   . ILE A 1 52  ? 0.571   2.275   -2.439  1.00 16.49 ? 52  ILE A CG1   1 
ATOM   397  C  CG2   . ILE A 1 52  ? 0.113   -0.110  -3.078  1.00 15.64 ? 52  ILE A CG2   1 
ATOM   398  C  CD1   . ILE A 1 52  ? -0.565  2.899   -3.197  1.00 21.23 ? 52  ILE A CD1   1 
ATOM   399  N  N     . ILE A 1 53  ? -2.196  -1.172  -0.570  1.00 13.41 ? 53  ILE A N     1 
ATOM   400  C  CA    . ILE A 1 53  ? -2.447  -2.447  0.070   1.00 11.68 ? 53  ILE A CA    1 
ATOM   401  C  C     . ILE A 1 53  ? -2.993  -3.415  -0.987  1.00 13.46 ? 53  ILE A C     1 
ATOM   402  O  O     . ILE A 1 53  ? -3.735  -3.016  -1.876  1.00 13.23 ? 53  ILE A O     1 
ATOM   403  C  CB    . ILE A 1 53  ? -3.434  -2.248  1.252   1.00 10.14 ? 53  ILE A CB    1 
ATOM   404  C  CG1   . ILE A 1 53  ? -3.580  -3.548  2.040   1.00 12.65 ? 53  ILE A CG1   1 
ATOM   405  C  CG2   . ILE A 1 53  ? -4.771  -1.740  0.742   1.00 7.54  ? 53  ILE A CG2   1 
ATOM   406  C  CD1   . ILE A 1 53  ? -4.274  -3.394  3.385   1.00 8.31  ? 53  ILE A CD1   1 
ATOM   407  N  N     . GLY A 1 54  ? -2.618  -4.684  -0.895  1.00 13.34 ? 54  GLY A N     1 
ATOM   408  C  CA    . GLY A 1 54  ? -3.052  -5.649  -1.888  1.00 15.16 ? 54  GLY A CA    1 
ATOM   409  C  C     . GLY A 1 54  ? -4.534  -5.937  -2.065  1.00 17.44 ? 54  GLY A C     1 
ATOM   410  O  O     . GLY A 1 54  ? -5.377  -5.526  -1.260  1.00 19.36 ? 54  GLY A O     1 
ATOM   411  N  N     . LYS A 1 55  ? -4.838  -6.652  -3.146  1.00 20.08 ? 55  LYS A N     1 
ATOM   412  C  CA    . LYS A 1 55  ? -6.202  -7.071  -3.485  1.00 22.17 ? 55  LYS A CA    1 
ATOM   413  C  C     . LYS A 1 55  ? -6.318  -8.584  -3.296  1.00 22.47 ? 55  LYS A C     1 
ATOM   414  O  O     . LYS A 1 55  ? -5.311  -9.295  -3.230  1.00 22.40 ? 55  LYS A O     1 
ATOM   415  C  CB    . LYS A 1 55  ? -6.528  -6.739  -4.945  1.00 23.60 ? 55  LYS A CB    1 
ATOM   416  C  CG    . LYS A 1 55  ? -6.833  -5.283  -5.231  1.00 25.51 ? 55  LYS A CG    1 
ATOM   417  C  CD    . LYS A 1 55  ? -6.853  -5.030  -6.734  1.00 28.88 ? 55  LYS A CD    1 
ATOM   418  C  CE    . LYS A 1 55  ? -7.946  -5.840  -7.436  1.00 27.74 ? 55  LYS A CE    1 
ATOM   419  N  NZ    . LYS A 1 55  ? -9.302  -5.422  -6.999  1.00 28.02 ? 55  LYS A NZ    1 
ATOM   420  N  N     . SER A 1 56  ? -7.549  -9.073  -3.210  1.00 23.69 ? 56  SER A N     1 
ATOM   421  C  CA    . SER A 1 56  ? -7.798  -10.502 -3.041  1.00 24.17 ? 56  SER A CA    1 
ATOM   422  C  C     . SER A 1 56  ? -7.176  -11.324 -4.159  1.00 25.56 ? 56  SER A C     1 
ATOM   423  O  O     . SER A 1 56  ? -6.289  -12.133 -3.930  1.00 27.97 ? 56  SER A O     1 
ATOM   424  C  CB    . SER A 1 56  ? -9.300  -10.792 -3.042  1.00 22.30 ? 56  SER A CB    1 
ATOM   425  O  OG    . SER A 1 56  ? -9.978  -10.067 -2.045  1.00 23.16 ? 56  SER A OG    1 
ATOM   426  N  N     . SER A 1 57  ? -7.666  -11.101 -5.371  1.00 27.94 ? 57  SER A N     1 
ATOM   427  C  CA    . SER A 1 57  ? -7.232  -11.838 -6.557  1.00 29.96 ? 57  SER A CA    1 
ATOM   428  C  C     . SER A 1 57  ? -5.744  -12.065 -6.769  1.00 30.04 ? 57  SER A C     1 
ATOM   429  O  O     . SER A 1 57  ? -5.321  -13.196 -7.041  1.00 32.32 ? 57  SER A O     1 
ATOM   430  C  CB    . SER A 1 57  ? -7.809  -11.182 -7.812  1.00 29.02 ? 57  SER A CB    1 
ATOM   431  O  OG    . SER A 1 57  ? -9.218  -11.128 -7.729  1.00 31.43 ? 57  SER A OG    1 
ATOM   432  N  N     . ILE A 1 58  ? -4.947  -11.009 -6.659  1.00 28.70 ? 58  ILE A N     1 
ATOM   433  C  CA    . ILE A 1 58  ? -3.514  -11.157 -6.891  1.00 27.14 ? 58  ILE A CA    1 
ATOM   434  C  C     . ILE A 1 58  ? -2.787  -11.696 -5.663  1.00 25.90 ? 58  ILE A C     1 
ATOM   435  O  O     . ILE A 1 58  ? -1.762  -12.370 -5.783  1.00 23.16 ? 58  ILE A O     1 
ATOM   436  C  CB    . ILE A 1 58  ? -2.870  -9.810  -7.341  1.00 25.59 ? 58  ILE A CB    1 
ATOM   437  C  CG1   . ILE A 1 58  ? -2.195  -9.127  -6.163  1.00 24.95 ? 58  ILE A CG1   1 
ATOM   438  C  CG2   . ILE A 1 58  ? -3.923  -8.887  -7.939  1.00 24.77 ? 58  ILE A CG2   1 
ATOM   439  C  CD1   . ILE A 1 58  ? -0.706  -9.212  -6.217  1.00 25.24 ? 58  ILE A CD1   1 
ATOM   440  N  N     . GLY A 1 59  ? -3.323  -11.405 -4.483  1.00 24.56 ? 59  GLY A N     1 
ATOM   441  C  CA    . GLY A 1 59  ? -2.686  -11.878 -3.270  1.00 25.80 ? 59  GLY A CA    1 
ATOM   442  C  C     . GLY A 1 59  ? -2.636  -13.393 -3.218  1.00 27.02 ? 59  GLY A C     1 
ATOM   443  O  O     . GLY A 1 59  ? -1.595  -13.993 -2.905  1.00 25.39 ? 59  GLY A O     1 
ATOM   444  N  N     . SER A 1 60  ? -3.767  -14.018 -3.538  1.00 26.51 ? 60  SER A N     1 
ATOM   445  C  CA    . SER A 1 60  ? -3.868  -15.466 -3.520  1.00 28.47 ? 60  SER A CA    1 
ATOM   446  C  C     . SER A 1 60  ? -3.089  -16.114 -4.659  1.00 28.89 ? 60  SER A C     1 
ATOM   447  O  O     . SER A 1 60  ? -3.186  -17.318 -4.874  1.00 30.70 ? 60  SER A O     1 
ATOM   448  C  CB    . SER A 1 60  ? -5.338  -15.883 -3.563  1.00 28.55 ? 60  SER A CB    1 
ATOM   449  O  OG    . SER A 1 60  ? -6.092  -14.964 -4.334  1.00 32.40 ? 60  SER A OG    1 
ATOM   450  N  N     . LYS A 1 61  ? -2.307  -15.310 -5.376  1.00 30.35 ? 61  LYS A N     1 
ATOM   451  C  CA    . LYS A 1 61  ? -1.487  -15.797 -6.486  1.00 30.19 ? 61  LYS A CA    1 
ATOM   452  C  C     . LYS A 1 61  ? -0.018  -15.877 -6.103  1.00 30.19 ? 61  LYS A C     1 
ATOM   453  O  O     . LYS A 1 61  ? 0.830   -16.243 -6.924  1.00 30.73 ? 61  LYS A O     1 
ATOM   454  C  CB    . LYS A 1 61  ? -1.628  -14.889 -7.706  1.00 30.71 ? 61  LYS A CB    1 
ATOM   455  C  CG    . LYS A 1 61  ? -2.936  -15.046 -8.434  1.00 31.91 ? 61  LYS A CG    1 
ATOM   456  C  CD    . LYS A 1 61  ? -2.993  -14.136 -9.646  1.00 33.77 ? 61  LYS A CD    1 
ATOM   457  C  CE    . LYS A 1 61  ? -4.184  -14.516 -10.497 1.00 37.03 ? 61  LYS A CE    1 
ATOM   458  N  NZ    . LYS A 1 61  ? -5.387  -14.795 -9.642  1.00 38.02 ? 61  LYS A NZ    1 
ATOM   459  N  N     . GLY A 1 62  ? 0.279   -15.522 -4.858  1.00 29.70 ? 62  GLY A N     1 
ATOM   460  C  CA    . GLY A 1 62  ? 1.650   -15.580 -4.382  1.00 29.16 ? 62  GLY A CA    1 
ATOM   461  C  C     . GLY A 1 62  ? 2.379   -14.263 -4.509  1.00 27.44 ? 62  GLY A C     1 
ATOM   462  O  O     . GLY A 1 62  ? 3.610   -14.207 -4.437  1.00 27.03 ? 62  GLY A O     1 
ATOM   463  N  N     . LEU A 1 63  ? 1.621   -13.194 -4.708  1.00 25.00 ? 63  LEU A N     1 
ATOM   464  C  CA    . LEU A 1 63  ? 2.227   -11.885 -4.843  1.00 24.46 ? 63  LEU A CA    1 
ATOM   465  C  C     . LEU A 1 63  ? 1.860   -11.022 -3.652  1.00 24.14 ? 63  LEU A C     1 
ATOM   466  O  O     . LEU A 1 63  ? 0.718   -11.033 -3.180  1.00 26.44 ? 63  LEU A O     1 
ATOM   467  C  CB    . LEU A 1 63  ? 1.783   -11.213 -6.149  1.00 24.75 ? 63  LEU A CB    1 
ATOM   468  C  CG    . LEU A 1 63  ? 2.199   -11.897 -7.456  1.00 25.08 ? 63  LEU A CG    1 
ATOM   469  C  CD1   . LEU A 1 63  ? 1.810   -11.030 -8.637  1.00 26.82 ? 63  LEU A CD1   1 
ATOM   470  C  CD2   . LEU A 1 63  ? 3.697   -12.126 -7.459  1.00 25.43 ? 63  LEU A CD2   1 
ATOM   471  N  N     . ASP A 1 64  ? 2.837   -10.272 -3.169  1.00 22.55 ? 64  ASP A N     1 
ATOM   472  C  CA    . ASP A 1 64  ? 2.631   -9.404  -2.030  1.00 21.27 ? 64  ASP A CA    1 
ATOM   473  C  C     . ASP A 1 64  ? 3.070   -7.976  -2.323  1.00 19.23 ? 64  ASP A C     1 
ATOM   474  O  O     . ASP A 1 64  ? 3.872   -7.726  -3.229  1.00 18.67 ? 64  ASP A O     1 
ATOM   475  C  CB    . ASP A 1 64  ? 3.423   -9.953  -0.852  1.00 22.84 ? 64  ASP A CB    1 
ATOM   476  C  CG    . ASP A 1 64  ? 3.198   -9.172  0.430   1.00 23.28 ? 64  ASP A CG    1 
ATOM   477  O  OD1   . ASP A 1 64  ? 4.083   -9.295  1.293   1.00 25.08 ? 64  ASP A OD1   1 
ATOM   478  O  OD2   . ASP A 1 64  ? 2.166   -8.465  0.586   1.00 19.98 ? 64  ASP A OD2   1 
ATOM   479  N  N     . VAL A 1 65  ? 2.528   -7.042  -1.550  1.00 16.96 ? 65  VAL A N     1 
ATOM   480  C  CA    . VAL A 1 65  ? 2.866   -5.630  -1.690  1.00 17.35 ? 65  VAL A CA    1 
ATOM   481  C  C     . VAL A 1 65  ? 3.781   -5.206  -0.546  1.00 15.84 ? 65  VAL A C     1 
ATOM   482  O  O     . VAL A 1 65  ? 3.487   -5.475  0.613   1.00 17.60 ? 65  VAL A O     1 
ATOM   483  C  CB    . VAL A 1 65  ? 1.591   -4.740  -1.675  1.00 16.95 ? 65  VAL A CB    1 
ATOM   484  C  CG1   . VAL A 1 65  ? 1.975   -3.268  -1.660  1.00 14.20 ? 65  VAL A CG1   1 
ATOM   485  C  CG2   . VAL A 1 65  ? 0.734   -5.058  -2.882  1.00 15.00 ? 65  VAL A CG2   1 
ATOM   486  N  N     . LEU A 1 66  ? 4.896   -4.564  -0.884  1.00 14.99 ? 66  LEU A N     1 
ATOM   487  C  CA    . LEU A 1 66  ? 5.835   -4.087  0.123   1.00 15.85 ? 66  LEU A CA    1 
ATOM   488  C  C     . LEU A 1 66  ? 5.742   -2.567  0.224   1.00 14.42 ? 66  LEU A C     1 
ATOM   489  O  O     . LEU A 1 66  ? 5.269   -1.909  -0.697  1.00 14.34 ? 66  LEU A O     1 
ATOM   490  C  CB    . LEU A 1 66  ? 7.268   -4.487  -0.228  1.00 15.40 ? 66  LEU A CB    1 
ATOM   491  C  CG    . LEU A 1 66  ? 7.618   -5.971  -0.327  1.00 16.70 ? 66  LEU A CG    1 
ATOM   492  C  CD1   . LEU A 1 66  ? 9.127   -6.105  -0.314  1.00 15.50 ? 66  LEU A CD1   1 
ATOM   493  C  CD2   . LEU A 1 66  ? 7.018   -6.761  0.826   1.00 19.48 ? 66  LEU A CD2   1 
ATOM   494  N  N     . GLY A 1 67  ? 6.204   -2.013  1.341   1.00 15.49 ? 67  GLY A N     1 
ATOM   495  C  CA    . GLY A 1 67  ? 6.130   -0.576  1.534   1.00 14.94 ? 67  GLY A CA    1 
ATOM   496  C  C     . GLY A 1 67  ? 4.669   -0.163  1.546   1.00 14.91 ? 67  GLY A C     1 
ATOM   497  O  O     . GLY A 1 67  ? 3.880   -0.662  2.352   1.00 16.36 ? 67  GLY A O     1 
ATOM   498  N  N     . GLY A 1 68  ? 4.297   0.754   0.663   1.00 13.20 ? 68  GLY A N     1 
ATOM   499  C  CA    . GLY A 1 68  ? 2.909   1.158   0.597   1.00 13.77 ? 68  GLY A CA    1 
ATOM   500  C  C     . GLY A 1 68  ? 2.540   2.521   1.129   1.00 13.95 ? 68  GLY A C     1 
ATOM   501  O  O     . GLY A 1 68  ? 1.358   2.814   1.261   1.00 14.93 ? 68  GLY A O     1 
ATOM   502  N  N     . VAL A 1 69  ? 3.518   3.367   1.429   1.00 13.77 ? 69  VAL A N     1 
ATOM   503  C  CA    . VAL A 1 69  ? 3.187   4.689   1.942   1.00 13.91 ? 69  VAL A CA    1 
ATOM   504  C  C     . VAL A 1 69  ? 3.388   5.829   0.948   1.00 14.52 ? 69  VAL A C     1 
ATOM   505  O  O     . VAL A 1 69  ? 4.507   6.159   0.555   1.00 14.98 ? 69  VAL A O     1 
ATOM   506  C  CB    . VAL A 1 69  ? 3.964   5.008   3.242   1.00 13.94 ? 69  VAL A CB    1 
ATOM   507  C  CG1   . VAL A 1 69  ? 3.676   6.439   3.693   1.00 14.59 ? 69  VAL A CG1   1 
ATOM   508  C  CG2   . VAL A 1 69  ? 3.557   4.041   4.329   1.00 13.19 ? 69  VAL A CG2   1 
ATOM   509  N  N     . ILE A 1 70  ? 2.278   6.425   0.539   1.00 12.85 ? 70  ILE A N     1 
ATOM   510  C  CA    . ILE A 1 70  ? 2.326   7.545   -0.379  1.00 13.20 ? 70  ILE A CA    1 
ATOM   511  C  C     . ILE A 1 70  ? 2.198   8.785   0.493   1.00 13.15 ? 70  ILE A C     1 
ATOM   512  O  O     . ILE A 1 70  ? 1.207   8.957   1.195   1.00 14.37 ? 70  ILE A O     1 
ATOM   513  C  CB    . ILE A 1 70  ? 1.155   7.492   -1.389  1.00 13.79 ? 70  ILE A CB    1 
ATOM   514  C  CG1   . ILE A 1 70  ? 1.138   6.133   -2.089  1.00 12.39 ? 70  ILE A CG1   1 
ATOM   515  C  CG2   . ILE A 1 70  ? 1.294   8.605   -2.419  1.00 11.44 ? 70  ILE A CG2   1 
ATOM   516  C  CD1   . ILE A 1 70  ? 2.468   5.731   -2.690  1.00 11.15 ? 70  ILE A CD1   1 
ATOM   517  N  N     . ASP A 1 71  ? 3.209   9.639   0.472   1.00 14.67 ? 71  ASP A N     1 
ATOM   518  C  CA    . ASP A 1 71  ? 3.166   10.844  1.287   1.00 15.32 ? 71  ASP A CA    1 
ATOM   519  C  C     . ASP A 1 71  ? 2.316   11.935  0.664   1.00 17.13 ? 71  ASP A C     1 
ATOM   520  O  O     . ASP A 1 71  ? 2.270   12.088  -0.557  1.00 17.40 ? 71  ASP A O     1 
ATOM   521  C  CB    . ASP A 1 71  ? 4.580   11.369  1.538   1.00 15.18 ? 71  ASP A CB    1 
ATOM   522  C  CG    . ASP A 1 71  ? 5.380   10.467  2.450   1.00 16.77 ? 71  ASP A CG    1 
ATOM   523  O  OD1   . ASP A 1 71  ? 5.040   10.382  3.647   1.00 15.47 ? 71  ASP A OD1   1 
ATOM   524  O  OD2   . ASP A 1 71  ? 6.345   9.837   1.967   1.00 18.61 ? 71  ASP A OD2   1 
ATOM   525  N  N     . GLU A 1 72  ? 1.640   12.686  1.526   1.00 18.68 ? 72  GLU A N     1 
ATOM   526  C  CA    . GLU A 1 72  ? 0.778   13.784  1.121   1.00 19.71 ? 72  GLU A CA    1 
ATOM   527  C  C     . GLU A 1 72  ? 1.475   14.695  0.120   1.00 19.31 ? 72  GLU A C     1 
ATOM   528  O  O     . GLU A 1 72  ? 0.870   15.176  -0.832  1.00 19.38 ? 72  GLU A O     1 
ATOM   529  C  CB    . GLU A 1 72  ? 0.395   14.597  2.351   1.00 20.63 ? 72  GLU A CB    1 
ATOM   530  C  CG    . GLU A 1 72  ? -0.471  15.797  2.070   1.00 25.18 ? 72  GLU A CG    1 
ATOM   531  C  CD    . GLU A 1 72  ? -0.378  16.830  3.183   1.00 31.38 ? 72  GLU A CD    1 
ATOM   532  O  OE1   . GLU A 1 72  ? -0.568  16.458  4.371   1.00 30.77 ? 72  GLU A OE1   1 
ATOM   533  O  OE2   . GLU A 1 72  ? -0.112  18.014  2.866   1.00 34.51 ? 72  GLU A OE2   1 
ATOM   534  N  N     . GLY A 1 73  ? 2.758   14.931  0.346   1.00 19.46 ? 73  GLY A N     1 
ATOM   535  C  CA    . GLY A 1 73  ? 3.507   15.796  -0.541  1.00 18.70 ? 73  GLY A CA    1 
ATOM   536  C  C     . GLY A 1 73  ? 4.029   15.158  -1.809  1.00 17.70 ? 73  GLY A C     1 
ATOM   537  O  O     . GLY A 1 73  ? 4.467   15.870  -2.710  1.00 18.29 ? 73  GLY A O     1 
ATOM   538  N  N     . TYR A 1 74  ? 3.989   13.832  -1.902  1.00 16.77 ? 74  TYR A N     1 
ATOM   539  C  CA    . TYR A 1 74  ? 4.486   13.174  -3.103  1.00 17.72 ? 74  TYR A CA    1 
ATOM   540  C  C     . TYR A 1 74  ? 3.848   13.762  -4.354  1.00 19.39 ? 74  TYR A C     1 
ATOM   541  O  O     . TYR A 1 74  ? 2.646   14.027  -4.391  1.00 21.28 ? 74  TYR A O     1 
ATOM   542  C  CB    . TYR A 1 74  ? 4.220   11.674  -3.075  1.00 16.91 ? 74  TYR A CB    1 
ATOM   543  C  CG    . TYR A 1 74  ? 4.994   10.923  -4.140  1.00 14.80 ? 74  TYR A CG    1 
ATOM   544  C  CD1   . TYR A 1 74  ? 4.354   10.028  -4.998  1.00 14.34 ? 74  TYR A CD1   1 
ATOM   545  C  CD2   . TYR A 1 74  ? 6.377   11.078  -4.264  1.00 12.98 ? 74  TYR A CD2   1 
ATOM   546  C  CE1   . TYR A 1 74  ? 5.067   9.306   -5.938  1.00 8.76  ? 74  TYR A CE1   1 
ATOM   547  C  CE2   . TYR A 1 74  ? 7.097   10.357  -5.203  1.00 8.87  ? 74  TYR A CE2   1 
ATOM   548  C  CZ    . TYR A 1 74  ? 6.435   9.473   -6.033  1.00 9.80  ? 74  TYR A CZ    1 
ATOM   549  O  OH    . TYR A 1 74  ? 7.150   8.731   -6.939  1.00 11.86 ? 74  TYR A OH    1 
ATOM   550  N  N     . ARG A 1 75  ? 4.667   13.937  -5.382  1.00 19.70 ? 75  ARG A N     1 
ATOM   551  C  CA    . ARG A 1 75  ? 4.234   14.521  -6.638  1.00 20.01 ? 75  ARG A CA    1 
ATOM   552  C  C     . ARG A 1 75  ? 4.749   13.685  -7.816  1.00 19.68 ? 75  ARG A C     1 
ATOM   553  O  O     . ARG A 1 75  ? 4.535   14.032  -8.977  1.00 20.69 ? 75  ARG A O     1 
ATOM   554  C  CB    . ARG A 1 75  ? 4.789   15.948  -6.738  1.00 21.50 ? 75  ARG A CB    1 
ATOM   555  C  CG    . ARG A 1 75  ? 3.763   17.046  -6.902  1.00 22.46 ? 75  ARG A CG    1 
ATOM   556  C  CD    . ARG A 1 75  ? 3.188   17.540  -5.587  1.00 22.40 ? 75  ARG A CD    1 
ATOM   557  N  NE    . ARG A 1 75  ? 2.084   16.724  -5.107  1.00 22.10 ? 75  ARG A NE    1 
ATOM   558  C  CZ    . ARG A 1 75  ? 1.219   17.121  -4.181  1.00 25.45 ? 75  ARG A CZ    1 
ATOM   559  N  NH1   . ARG A 1 75  ? 0.244   16.308  -3.792  1.00 28.55 ? 75  ARG A NH1   1 
ATOM   560  N  NH2   . ARG A 1 75  ? 1.312   18.336  -3.652  1.00 23.49 ? 75  ARG A NH2   1 
ATOM   561  N  N     . GLY A 1 76  ? 5.435   12.588  -7.518  1.00 18.03 ? 76  GLY A N     1 
ATOM   562  C  CA    . GLY A 1 76  ? 5.959   11.741  -8.579  1.00 18.00 ? 76  GLY A CA    1 
ATOM   563  C  C     . GLY A 1 76  ? 4.973   10.676  -9.015  1.00 17.01 ? 76  GLY A C     1 
ATOM   564  O  O     . GLY A 1 76  ? 3.779   10.797  -8.748  1.00 15.54 ? 76  GLY A O     1 
ATOM   565  N  N     . GLU A 1 77  ? 5.469   9.637   -9.684  1.00 17.43 ? 77  GLU A N     1 
ATOM   566  C  CA    . GLU A 1 77  ? 4.605   8.552   -10.141 1.00 19.53 ? 77  GLU A CA    1 
ATOM   567  C  C     . GLU A 1 77  ? 4.467   7.503   -9.055  1.00 17.03 ? 77  GLU A C     1 
ATOM   568  O  O     . GLU A 1 77  ? 5.436   7.165   -8.386  1.00 17.06 ? 77  GLU A O     1 
ATOM   569  C  CB    . GLU A 1 77  ? 5.160   7.864   -11.402 1.00 22.37 ? 77  GLU A CB    1 
ATOM   570  C  CG    . GLU A 1 77  ? 4.198   6.778   -11.929 1.00 29.08 ? 77  GLU A CG    1 
ATOM   571  C  CD    . GLU A 1 77  ? 4.750   5.959   -13.087 1.00 31.43 ? 77  GLU A CD    1 
ATOM   572  O  OE1   . GLU A 1 77  ? 5.298   6.555   -14.037 1.00 36.21 ? 77  GLU A OE1   1 
ATOM   573  O  OE2   . GLU A 1 77  ? 4.621   4.718   -13.061 1.00 29.77 ? 77  GLU A OE2   1 
ATOM   574  N  N     . ILE A 1 78  ? 3.262   6.980   -8.893  1.00 15.09 ? 78  ILE A N     1 
ATOM   575  C  CA    . ILE A 1 78  ? 3.023   5.964   -7.885  1.00 15.07 ? 78  ILE A CA    1 
ATOM   576  C  C     . ILE A 1 78  ? 3.491   4.605   -8.366  1.00 14.35 ? 78  ILE A C     1 
ATOM   577  O  O     . ILE A 1 78  ? 3.112   4.147   -9.437  1.00 14.28 ? 78  ILE A O     1 
ATOM   578  C  CB    . ILE A 1 78  ? 1.532   5.866   -7.531  1.00 15.97 ? 78  ILE A CB    1 
ATOM   579  C  CG1   . ILE A 1 78  ? 1.044   7.207   -6.980  1.00 17.16 ? 78  ILE A CG1   1 
ATOM   580  C  CG2   . ILE A 1 78  ? 1.317   4.757   -6.511  1.00 18.88 ? 78  ILE A CG2   1 
ATOM   581  C  CD1   . ILE A 1 78  ? -0.423  7.223   -6.637  1.00 18.48 ? 78  ILE A CD1   1 
ATOM   582  N  N     . GLY A 1 79  ? 4.335   3.972   -7.566  1.00 13.28 ? 79  GLY A N     1 
ATOM   583  C  CA    . GLY A 1 79  ? 4.825   2.656   -7.909  1.00 13.07 ? 79  GLY A CA    1 
ATOM   584  C  C     . GLY A 1 79  ? 4.360   1.633   -6.891  1.00 11.14 ? 79  GLY A C     1 
ATOM   585  O  O     . GLY A 1 79  ? 4.279   1.917   -5.700  1.00 10.26 ? 79  GLY A O     1 
ATOM   586  N  N     . VAL A 1 80  ? 4.027   0.443   -7.364  1.00 9.74  ? 80  VAL A N     1 
ATOM   587  C  CA    . VAL A 1 80  ? 3.601   -0.622  -6.476  1.00 11.53 ? 80  VAL A CA    1 
ATOM   588  C  C     . VAL A 1 80  ? 4.789   -1.577  -6.342  1.00 12.29 ? 80  VAL A C     1 
ATOM   589  O  O     . VAL A 1 80  ? 5.246   -2.147  -7.338  1.00 9.31  ? 80  VAL A O     1 
ATOM   590  C  CB    . VAL A 1 80  ? 2.381   -1.380  -7.055  1.00 12.61 ? 80  VAL A CB    1 
ATOM   591  C  CG1   . VAL A 1 80  ? 1.850   -2.382  -6.028  1.00 14.94 ? 80  VAL A CG1   1 
ATOM   592  C  CG2   . VAL A 1 80  ? 1.298   -0.395  -7.452  1.00 7.27  ? 80  VAL A CG2   1 
ATOM   593  N  N     . ILE A 1 81  ? 5.313   -1.724  -5.126  1.00 13.53 ? 81  ILE A N     1 
ATOM   594  C  CA    . ILE A 1 81  ? 6.448   -2.620  -4.919  1.00 16.33 ? 81  ILE A CA    1 
ATOM   595  C  C     . ILE A 1 81  ? 5.878   -3.994  -4.668  1.00 16.23 ? 81  ILE A C     1 
ATOM   596  O  O     . ILE A 1 81  ? 5.232   -4.235  -3.655  1.00 18.93 ? 81  ILE A O     1 
ATOM   597  C  CB    . ILE A 1 81  ? 7.320   -2.224  -3.711  1.00 14.97 ? 81  ILE A CB    1 
ATOM   598  C  CG1   . ILE A 1 81  ? 7.531   -0.713  -3.672  1.00 15.61 ? 81  ILE A CG1   1 
ATOM   599  C  CG2   . ILE A 1 81  ? 8.682   -2.888  -3.836  1.00 12.24 ? 81  ILE A CG2   1 
ATOM   600  C  CD1   . ILE A 1 81  ? 8.369   -0.254  -2.500  1.00 15.71 ? 81  ILE A CD1   1 
ATOM   601  N  N     . MET A 1 82  ? 6.130   -4.895  -5.602  1.00 17.23 ? 82  MET A N     1 
ATOM   602  C  CA    . MET A 1 82  ? 5.605   -6.240  -5.518  1.00 19.40 ? 82  MET A CA    1 
ATOM   603  C  C     . MET A 1 82  ? 6.704   -7.289  -5.489  1.00 19.16 ? 82  MET A C     1 
ATOM   604  O  O     . MET A 1 82  ? 7.720   -7.158  -6.172  1.00 20.16 ? 82  MET A O     1 
ATOM   605  C  CB    . MET A 1 82  ? 4.701   -6.483  -6.726  1.00 21.55 ? 82  MET A CB    1 
ATOM   606  C  CG    . MET A 1 82  ? 3.444   -7.263  -6.437  1.00 25.04 ? 82  MET A CG    1 
ATOM   607  S  SD    . MET A 1 82  ? 2.093   -6.619  -7.454  1.00 30.21 ? 82  MET A SD    1 
ATOM   608  C  CE    . MET A 1 82  ? 1.186   -5.684  -6.255  1.00 27.91 ? 82  MET A CE    1 
ATOM   609  N  N     . ILE A 1 83  ? 6.493   -8.327  -4.687  1.00 17.75 ? 83  ILE A N     1 
ATOM   610  C  CA    . ILE A 1 83  ? 7.442   -9.423  -4.597  1.00 16.06 ? 83  ILE A CA    1 
ATOM   611  C  C     . ILE A 1 83  ? 6.730   -10.700 -5.054  1.00 15.46 ? 83  ILE A C     1 
ATOM   612  O  O     . ILE A 1 83  ? 5.565   -10.920 -4.730  1.00 14.72 ? 83  ILE A O     1 
ATOM   613  C  CB    . ILE A 1 83  ? 7.988   -9.602  -3.141  1.00 18.05 ? 83  ILE A CB    1 
ATOM   614  C  CG1   . ILE A 1 83  ? 9.022   -10.738 -3.104  1.00 19.09 ? 83  ILE A CG1   1 
ATOM   615  C  CG2   . ILE A 1 83  ? 6.848   -9.886  -2.179  1.00 14.12 ? 83  ILE A CG2   1 
ATOM   616  C  CD1   . ILE A 1 83  ? 9.728   -10.911 -1.770  1.00 17.06 ? 83  ILE A CD1   1 
ATOM   617  N  N     . ASN A 1 84  ? 7.423   -11.512 -5.843  1.00 14.38 ? 84  ASN A N     1 
ATOM   618  C  CA    . ASN A 1 84  ? 6.876   -12.770 -6.331  1.00 16.26 ? 84  ASN A CA    1 
ATOM   619  C  C     . ASN A 1 84  ? 7.378   -13.842 -5.367  1.00 17.36 ? 84  ASN A C     1 
ATOM   620  O  O     . ASN A 1 84  ? 8.572   -14.144 -5.340  1.00 15.10 ? 84  ASN A O     1 
ATOM   621  C  CB    . ASN A 1 84  ? 7.378   -13.048 -7.754  1.00 17.46 ? 84  ASN A CB    1 
ATOM   622  C  CG    . ASN A 1 84  ? 6.891   -14.383 -8.306  1.00 19.71 ? 84  ASN A CG    1 
ATOM   623  O  OD1   . ASN A 1 84  ? 7.221   -14.757 -9.435  1.00 21.15 ? 84  ASN A OD1   1 
ATOM   624  N  ND2   . ASN A 1 84  ? 6.103   -15.107 -7.513  1.00 18.26 ? 84  ASN A ND2   1 
ATOM   625  N  N     . VAL A 1 85  ? 6.465   -14.415 -4.584  1.00 18.42 ? 85  VAL A N     1 
ATOM   626  C  CA    . VAL A 1 85  ? 6.835   -15.423 -3.585  1.00 20.85 ? 85  VAL A CA    1 
ATOM   627  C  C     . VAL A 1 85  ? 6.713   -16.877 -4.037  1.00 21.84 ? 85  VAL A C     1 
ATOM   628  O  O     . VAL A 1 85  ? 7.090   -17.796 -3.299  1.00 21.70 ? 85  VAL A O     1 
ATOM   629  C  CB    . VAL A 1 85  ? 6.011   -15.258 -2.275  1.00 19.48 ? 85  VAL A CB    1 
ATOM   630  C  CG1   . VAL A 1 85  ? 6.938   -15.359 -1.072  1.00 20.43 ? 85  VAL A CG1   1 
ATOM   631  C  CG2   . VAL A 1 85  ? 5.272   -13.932 -2.268  1.00 17.92 ? 85  VAL A CG2   1 
ATOM   632  N  N     . SER A 1 86  ? 6.191   -17.090 -5.242  1.00 22.07 ? 86  SER A N     1 
ATOM   633  C  CA    . SER A 1 86  ? 6.050   -18.438 -5.763  1.00 23.06 ? 86  SER A CA    1 
ATOM   634  C  C     . SER A 1 86  ? 7.414   -18.938 -6.239  1.00 25.58 ? 86  SER A C     1 
ATOM   635  O  O     . SER A 1 86  ? 8.400   -18.200 -6.203  1.00 27.13 ? 86  SER A O     1 
ATOM   636  C  CB    . SER A 1 86  ? 5.041   -18.467 -6.918  1.00 21.80 ? 86  SER A CB    1 
ATOM   637  O  OG    . SER A 1 86  ? 5.576   -17.923 -8.108  1.00 23.16 ? 86  SER A OG    1 
ATOM   638  N  N     . ARG A 1 87  ? 7.465   -20.194 -6.675  1.00 27.11 ? 87  ARG A N     1 
ATOM   639  C  CA    . ARG A 1 87  ? 8.695   -20.795 -7.161  1.00 26.88 ? 87  ARG A CA    1 
ATOM   640  C  C     . ARG A 1 87  ? 8.729   -20.717 -8.688  1.00 26.93 ? 87  ARG A C     1 
ATOM   641  O  O     . ARG A 1 87  ? 9.567   -21.349 -9.338  1.00 27.04 ? 87  ARG A O     1 
ATOM   642  C  CB    . ARG A 1 87  ? 8.769   -22.257 -6.726  1.00 32.09 ? 87  ARG A CB    1 
ATOM   643  C  CG    . ARG A 1 87  ? 8.488   -22.502 -5.246  1.00 37.54 ? 87  ARG A CG    1 
ATOM   644  C  CD    . ARG A 1 87  ? 9.500   -21.798 -4.352  1.00 44.30 ? 87  ARG A CD    1 
ATOM   645  N  NE    . ARG A 1 87  ? 9.324   -22.181 -2.948  1.00 50.00 ? 87  ARG A NE    1 
ATOM   646  C  CZ    . ARG A 1 87  ? 9.958   -21.612 -1.924  1.00 51.82 ? 87  ARG A CZ    1 
ATOM   647  N  NH1   . ARG A 1 87  ? 10.821  -20.618 -2.136  1.00 51.53 ? 87  ARG A NH1   1 
ATOM   648  N  NH2   . ARG A 1 87  ? 9.737   -22.047 -0.686  1.00 52.94 ? 87  ARG A NH2   1 
ATOM   649  N  N     . LYS A 1 88  ? 7.809   -19.944 -9.259  1.00 26.16 ? 88  LYS A N     1 
ATOM   650  C  CA    . LYS A 1 88  ? 7.747   -19.793 -10.708 1.00 24.07 ? 88  LYS A CA    1 
ATOM   651  C  C     . LYS A 1 88  ? 7.622   -18.333 -11.108 1.00 22.83 ? 88  LYS A C     1 
ATOM   652  O  O     . LYS A 1 88  ? 7.394   -17.463 -10.259 1.00 22.84 ? 88  LYS A O     1 
ATOM   653  C  CB    . LYS A 1 88  ? 6.567   -20.582 -11.283 1.00 23.93 ? 88  LYS A CB    1 
ATOM   654  C  CG    . LYS A 1 88  ? 5.201   -20.149 -10.769 1.00 22.35 ? 88  LYS A CG    1 
ATOM   655  C  CD    . LYS A 1 88  ? 4.079   -20.972 -11.411 1.00 21.36 ? 88  LYS A CD    1 
ATOM   656  C  CE    . LYS A 1 88  ? 3.876   -20.641 -12.882 1.00 17.88 ? 88  LYS A CE    1 
ATOM   657  N  NZ    . LYS A 1 88  ? 3.274   -19.293 -13.058 1.00 15.29 ? 88  LYS A NZ    1 
ATOM   658  N  N     . SER A 1 89  ? 7.790   -18.070 -12.399 1.00 19.44 ? 89  SER A N     1 
ATOM   659  C  CA    . SER A 1 89  ? 7.672   -16.717 -12.905 1.00 19.16 ? 89  SER A CA    1 
ATOM   660  C  C     . SER A 1 89  ? 6.205   -16.351 -13.063 1.00 18.02 ? 89  SER A C     1 
ATOM   661  O  O     . SER A 1 89  ? 5.369   -17.190 -13.393 1.00 17.55 ? 89  SER A O     1 
ATOM   662  C  CB    . SER A 1 89  ? 8.374   -16.576 -14.255 1.00 22.04 ? 89  SER A CB    1 
ATOM   663  O  OG    . SER A 1 89  ? 9.781   -16.634 -14.114 1.00 28.09 ? 89  SER A OG    1 
ATOM   664  N  N     . ILE A 1 90  ? 5.916   -15.079 -12.824 1.00 18.83 ? 90  ILE A N     1 
ATOM   665  C  CA    . ILE A 1 90  ? 4.579   -14.528 -12.924 1.00 16.45 ? 90  ILE A CA    1 
ATOM   666  C  C     . ILE A 1 90  ? 4.613   -13.312 -13.839 1.00 17.59 ? 90  ILE A C     1 
ATOM   667  O  O     . ILE A 1 90  ? 5.611   -12.592 -13.899 1.00 17.71 ? 90  ILE A O     1 
ATOM   668  C  CB    . ILE A 1 90  ? 4.082   -14.096 -11.542 1.00 18.31 ? 90  ILE A CB    1 
ATOM   669  C  CG1   . ILE A 1 90  ? 3.932   -15.331 -10.646 1.00 18.42 ? 90  ILE A CG1   1 
ATOM   670  C  CG2   . ILE A 1 90  ? 2.785   -13.313 -11.679 1.00 18.28 ? 90  ILE A CG2   1 
ATOM   671  C  CD1   . ILE A 1 90  ? 3.608   -15.025 -9.202  1.00 18.67 ? 90  ILE A CD1   1 
ATOM   672  N  N     . THR A 1 91  ? 3.510   -13.081 -14.539 1.00 17.15 ? 91  THR A N     1 
ATOM   673  C  CA    . THR A 1 91  ? 3.399   -11.964 -15.457 1.00 15.12 ? 91  THR A CA    1 
ATOM   674  C  C     . THR A 1 91  ? 2.154   -11.123 -15.224 1.00 15.52 ? 91  THR A C     1 
ATOM   675  O  O     . THR A 1 91  ? 1.035   -11.620 -15.287 1.00 14.45 ? 91  THR A O     1 
ATOM   676  C  CB    . THR A 1 91  ? 3.403   -12.468 -16.899 1.00 13.64 ? 91  THR A CB    1 
ATOM   677  O  OG1   . THR A 1 91  ? 4.713   -12.937 -17.222 1.00 20.75 ? 91  THR A OG1   1 
ATOM   678  C  CG2   . THR A 1 91  ? 3.016   -11.368 -17.858 1.00 12.75 ? 91  THR A CG2   1 
ATOM   679  N  N     . LEU A 1 92  ? 2.363   -9.842  -14.946 1.00 18.53 ? 92  LEU A N     1 
ATOM   680  C  CA    . LEU A 1 92  ? 1.266   -8.910  -14.725 1.00 21.73 ? 92  LEU A CA    1 
ATOM   681  C  C     . LEU A 1 92  ? 1.048   -8.126  -16.013 1.00 21.73 ? 92  LEU A C     1 
ATOM   682  O  O     . LEU A 1 92  ? 1.909   -7.351  -16.436 1.00 24.78 ? 92  LEU A O     1 
ATOM   683  C  CB    . LEU A 1 92  ? 1.595   -7.951  -13.574 1.00 21.82 ? 92  LEU A CB    1 
ATOM   684  C  CG    . LEU A 1 92  ? 1.916   -8.606  -12.224 1.00 23.88 ? 92  LEU A CG    1 
ATOM   685  C  CD1   . LEU A 1 92  ? 2.055   -7.536  -11.150 1.00 24.68 ? 92  LEU A CD1   1 
ATOM   686  C  CD2   . LEU A 1 92  ? 0.815   -9.574  -11.846 1.00 22.93 ? 92  LEU A CD2   1 
ATOM   687  N  N     . MET A 1 93  ? -0.108  -8.333  -16.631 1.00 19.45 ? 93  MET A N     1 
ATOM   688  C  CA    . MET A 1 93  ? -0.448  -7.665  -17.881 1.00 18.48 ? 93  MET A CA    1 
ATOM   689  C  C     . MET A 1 93  ? -0.718  -6.172  -17.745 1.00 17.33 ? 93  MET A C     1 
ATOM   690  O  O     . MET A 1 93  ? -1.015  -5.674  -16.657 1.00 16.26 ? 93  MET A O     1 
ATOM   691  C  CB    . MET A 1 93  ? -1.662  -8.346  -18.496 1.00 18.15 ? 93  MET A CB    1 
ATOM   692  C  CG    . MET A 1 93  ? -1.395  -9.776  -18.863 1.00 17.89 ? 93  MET A CG    1 
ATOM   693  S  SD    . MET A 1 93  ? -2.885  -10.611 -19.267 1.00 21.60 ? 93  MET A SD    1 
ATOM   694  C  CE    . MET A 1 93  ? -3.357  -11.229 -17.651 1.00 21.02 ? 93  MET A CE    1 
ATOM   695  N  N     . GLU A 1 94  ? -0.624  -5.470  -18.870 1.00 15.32 ? 94  GLU A N     1 
ATOM   696  C  CA    . GLU A 1 94  ? -0.855  -4.035  -18.905 1.00 16.06 ? 94  GLU A CA    1 
ATOM   697  C  C     . GLU A 1 94  ? -2.305  -3.723  -18.567 1.00 14.48 ? 94  GLU A C     1 
ATOM   698  O  O     . GLU A 1 94  ? -3.217  -4.334  -19.109 1.00 16.48 ? 94  GLU A O     1 
ATOM   699  C  CB    . GLU A 1 94  ? -0.511  -3.479  -20.282 1.00 17.83 ? 94  GLU A CB    1 
ATOM   700  C  CG    . GLU A 1 94  ? -0.566  -1.968  -20.352 1.00 24.71 ? 94  GLU A CG    1 
ATOM   701  C  CD    . GLU A 1 94  ? -0.165  -1.439  -21.716 1.00 28.41 ? 94  GLU A CD    1 
ATOM   702  O  OE1   . GLU A 1 94  ? 0.864   -1.904  -22.251 1.00 29.17 ? 94  GLU A OE1   1 
ATOM   703  O  OE2   . GLU A 1 94  ? -0.874  -0.553  -22.251 1.00 32.59 ? 94  GLU A OE2   1 
ATOM   704  N  N     . ARG A 1 95  ? -2.494  -2.766  -17.662 1.00 13.41 ? 95  ARG A N     1 
ATOM   705  C  CA    . ARG A 1 95  ? -3.808  -2.333  -17.194 1.00 15.12 ? 95  ARG A CA    1 
ATOM   706  C  C     . ARG A 1 95  ? -4.520  -3.366  -16.316 1.00 14.02 ? 95  ARG A C     1 
ATOM   707  O  O     . ARG A 1 95  ? -5.724  -3.274  -16.086 1.00 11.63 ? 95  ARG A O     1 
ATOM   708  C  CB    . ARG A 1 95  ? -4.703  -1.921  -18.372 1.00 16.34 ? 95  ARG A CB    1 
ATOM   709  C  CG    . ARG A 1 95  ? -4.158  -0.725  -19.167 1.00 21.54 ? 95  ARG A CG    1 
ATOM   710  C  CD    . ARG A 1 95  ? -5.210  -0.106  -20.082 1.00 21.60 ? 95  ARG A CD    1 
ATOM   711  N  NE    . ARG A 1 95  ? -6.291  0.516   -19.321 1.00 25.79 ? 95  ARG A NE    1 
ATOM   712  C  CZ    . ARG A 1 95  ? -6.160  1.627   -18.596 1.00 28.53 ? 95  ARG A CZ    1 
ATOM   713  N  NH1   . ARG A 1 95  ? -4.987  2.250   -18.536 1.00 29.64 ? 95  ARG A NH1   1 
ATOM   714  N  NH2   . ARG A 1 95  ? -7.199  2.112   -17.923 1.00 27.48 ? 95  ARG A NH2   1 
ATOM   715  N  N     . GLN A 1 96  ? -3.763  -4.345  -15.831 1.00 15.86 ? 96  GLN A N     1 
ATOM   716  C  CA    . GLN A 1 96  ? -4.294  -5.375  -14.940 1.00 18.06 ? 96  GLN A CA    1 
ATOM   717  C  C     . GLN A 1 96  ? -4.379  -4.750  -13.543 1.00 17.47 ? 96  GLN A C     1 
ATOM   718  O  O     . GLN A 1 96  ? -3.519  -3.959  -13.178 1.00 18.32 ? 96  GLN A O     1 
ATOM   719  C  CB    . GLN A 1 96  ? -3.350  -6.589  -14.886 1.00 18.79 ? 96  GLN A CB    1 
ATOM   720  C  CG    . GLN A 1 96  ? -3.766  -7.656  -13.864 1.00 21.47 ? 96  GLN A CG    1 
ATOM   721  C  CD    . GLN A 1 96  ? -2.793  -8.825  -13.761 1.00 23.27 ? 96  GLN A CD    1 
ATOM   722  O  OE1   . GLN A 1 96  ? -2.107  -9.174  -14.723 1.00 21.91 ? 96  GLN A OE1   1 
ATOM   723  N  NE2   . GLN A 1 96  ? -2.752  -9.454  -12.592 1.00 21.79 ? 96  GLN A NE2   1 
ATOM   724  N  N     . LYS A 1 97  ? -5.410  -5.082  -12.769 1.00 16.29 ? 97  LYS A N     1 
ATOM   725  C  CA    . LYS A 1 97  ? -5.531  -4.535  -11.419 1.00 15.88 ? 97  LYS A CA    1 
ATOM   726  C  C     . LYS A 1 97  ? -4.451  -5.197  -10.574 1.00 15.56 ? 97  LYS A C     1 
ATOM   727  O  O     . LYS A 1 97  ? -4.344  -6.421  -10.549 1.00 16.42 ? 97  LYS A O     1 
ATOM   728  C  CB    . LYS A 1 97  ? -6.905  -4.843  -10.818 1.00 17.09 ? 97  LYS A CB    1 
ATOM   729  C  CG    . LYS A 1 97  ? -8.081  -4.082  -11.424 1.00 20.12 ? 97  LYS A CG    1 
ATOM   730  C  CD    . LYS A 1 97  ? -9.318  -4.289  -10.559 1.00 25.06 ? 97  LYS A CD    1 
ATOM   731  C  CE    . LYS A 1 97  ? -10.501 -3.475  -11.025 1.00 26.14 ? 97  LYS A CE    1 
ATOM   732  N  NZ    . LYS A 1 97  ? -10.971 -3.922  -12.361 1.00 29.51 ? 97  LYS A NZ    1 
ATOM   733  N  N     . ILE A 1 98  ? -3.652  -4.400  -9.879  1.00 14.92 ? 98  ILE A N     1 
ATOM   734  C  CA    . ILE A 1 98  ? -2.579  -4.969  -9.072  1.00 15.47 ? 98  ILE A CA    1 
ATOM   735  C  C     . ILE A 1 98  ? -2.610  -4.598  -7.593  1.00 15.77 ? 98  ILE A C     1 
ATOM   736  O  O     . ILE A 1 98  ? -2.033  -5.299  -6.760  1.00 16.23 ? 98  ILE A O     1 
ATOM   737  C  CB    . ILE A 1 98  ? -1.204  -4.583  -9.642  1.00 12.53 ? 98  ILE A CB    1 
ATOM   738  C  CG1   . ILE A 1 98  ? -1.044  -3.067  -9.626  1.00 10.53 ? 98  ILE A CG1   1 
ATOM   739  C  CG2   . ILE A 1 98  ? -1.065  -5.117  -11.051 1.00 12.47 ? 98  ILE A CG2   1 
ATOM   740  C  CD1   . ILE A 1 98  ? 0.318   -2.612  -10.043 1.00 9.74  ? 98  ILE A CD1   1 
ATOM   741  N  N     . ALA A 1 99  ? -3.279  -3.503  -7.260  1.00 15.43 ? 99  ALA A N     1 
ATOM   742  C  CA    . ALA A 1 99  ? -3.344  -3.084  -5.872  1.00 15.51 ? 99  ALA A CA    1 
ATOM   743  C  C     . ALA A 1 99  ? -4.514  -2.148  -5.632  1.00 16.53 ? 99  ALA A C     1 
ATOM   744  O  O     . ALA A 1 99  ? -5.329  -1.919  -6.522  1.00 17.19 ? 99  ALA A O     1 
ATOM   745  C  CB    . ALA A 1 99  ? -2.032  -2.397  -5.475  1.00 14.73 ? 99  ALA A CB    1 
ATOM   746  N  N     . GLN A 1 100 ? -4.575  -1.620  -4.413  1.00 15.78 ? 100 GLN A N     1 
ATOM   747  C  CA    . GLN A 1 100 ? -5.608  -0.687  -3.989  1.00 16.04 ? 100 GLN A CA    1 
ATOM   748  C  C     . GLN A 1 100 ? -4.949  0.513   -3.341  1.00 16.68 ? 100 GLN A C     1 
ATOM   749  O  O     . GLN A 1 100 ? -3.887  0.396   -2.735  1.00 15.68 ? 100 GLN A O     1 
ATOM   750  C  CB    . GLN A 1 100 ? -6.510  -1.309  -2.934  1.00 18.97 ? 100 GLN A CB    1 
ATOM   751  C  CG    . GLN A 1 100 ? -7.558  -2.252  -3.432  1.00 21.42 ? 100 GLN A CG    1 
ATOM   752  C  CD    . GLN A 1 100 ? -8.485  -2.685  -2.320  1.00 18.31 ? 100 GLN A CD    1 
ATOM   753  O  OE1   . GLN A 1 100 ? -9.253  -1.885  -1.798  1.00 17.12 ? 100 GLN A OE1   1 
ATOM   754  N  NE2   . GLN A 1 100 ? -8.411  -3.955  -1.950  1.00 19.02 ? 100 GLN A NE2   1 
ATOM   755  N  N     . LEU A 1 101 ? -5.595  1.663   -3.456  1.00 15.88 ? 101 LEU A N     1 
ATOM   756  C  CA    . LEU A 1 101 ? -5.099  2.886   -2.847  1.00 15.47 ? 101 LEU A CA    1 
ATOM   757  C  C     . LEU A 1 101 ? -6.201  3.348   -1.900  1.00 16.16 ? 101 LEU A C     1 
ATOM   758  O  O     . LEU A 1 101 ? -7.345  3.557   -2.322  1.00 17.78 ? 101 LEU A O     1 
ATOM   759  C  CB    . LEU A 1 101 ? -4.840  3.961   -3.906  1.00 15.29 ? 101 LEU A CB    1 
ATOM   760  C  CG    . LEU A 1 101 ? -4.537  5.366   -3.369  1.00 15.79 ? 101 LEU A CG    1 
ATOM   761  C  CD1   . LEU A 1 101 ? -3.163  5.405   -2.742  1.00 15.81 ? 101 LEU A CD1   1 
ATOM   762  C  CD2   . LEU A 1 101 ? -4.606  6.369   -4.496  1.00 16.68 ? 101 LEU A CD2   1 
ATOM   763  N  N     . ILE A 1 102 ? -5.876  3.492   -0.623  1.00 13.78 ? 102 ILE A N     1 
ATOM   764  C  CA    . ILE A 1 102 ? -6.881  3.932   0.330   1.00 13.70 ? 102 ILE A CA    1 
ATOM   765  C  C     . ILE A 1 102 ? -6.430  5.223   0.978   1.00 12.91 ? 102 ILE A C     1 
ATOM   766  O  O     . ILE A 1 102 ? -5.298  5.328   1.429   1.00 14.29 ? 102 ILE A O     1 
ATOM   767  C  CB    . ILE A 1 102 ? -7.143  2.835   1.381   1.00 12.02 ? 102 ILE A CB    1 
ATOM   768  C  CG1   . ILE A 1 102 ? -7.670  1.587   0.664   1.00 11.23 ? 102 ILE A CG1   1 
ATOM   769  C  CG2   . ILE A 1 102 ? -8.136  3.324   2.420   1.00 7.79  ? 102 ILE A CG2   1 
ATOM   770  C  CD1   . ILE A 1 102 ? -7.829  0.376   1.527   1.00 12.05 ? 102 ILE A CD1   1 
ATOM   771  N  N     . ILE A 1 103 ? -7.318  6.212   1.006   1.00 13.80 ? 103 ILE A N     1 
ATOM   772  C  CA    . ILE A 1 103 ? -6.987  7.515   1.573   1.00 16.76 ? 103 ILE A CA    1 
ATOM   773  C  C     . ILE A 1 103 ? -7.275  7.612   3.066   1.00 17.29 ? 103 ILE A C     1 
ATOM   774  O  O     . ILE A 1 103 ? -8.427  7.653   3.498   1.00 18.18 ? 103 ILE A O     1 
ATOM   775  C  CB    . ILE A 1 103 ? -7.724  8.634   0.821   1.00 14.55 ? 103 ILE A CB    1 
ATOM   776  C  CG1   . ILE A 1 103 ? -7.592  8.398   -0.682  1.00 13.13 ? 103 ILE A CG1   1 
ATOM   777  C  CG2   . ILE A 1 103 ? -7.125  9.983   1.171   1.00 12.52 ? 103 ILE A CG2   1 
ATOM   778  C  CD1   . ILE A 1 103 ? -8.312  9.408   -1.532  1.00 18.79 ? 103 ILE A CD1   1 
ATOM   779  N  N     . LEU A 1 104 ? -6.199  7.662   3.842   1.00 19.24 ? 104 LEU A N     1 
ATOM   780  C  CA    . LEU A 1 104 ? -6.282  7.718   5.294   1.00 22.09 ? 104 LEU A CA    1 
ATOM   781  C  C     . LEU A 1 104 ? -5.685  8.984   5.887   1.00 22.72 ? 104 LEU A C     1 
ATOM   782  O  O     . LEU A 1 104 ? -4.729  9.549   5.356   1.00 21.99 ? 104 LEU A O     1 
ATOM   783  C  CB    . LEU A 1 104 ? -5.555  6.520   5.906   1.00 21.21 ? 104 LEU A CB    1 
ATOM   784  C  CG    . LEU A 1 104 ? -5.974  5.162   5.368   1.00 21.94 ? 104 LEU A CG    1 
ATOM   785  C  CD1   . LEU A 1 104 ? -5.004  4.107   5.855   1.00 20.52 ? 104 LEU A CD1   1 
ATOM   786  C  CD2   . LEU A 1 104 ? -7.405  4.865   5.814   1.00 23.22 ? 104 LEU A CD2   1 
ATOM   787  N  N     . PRO A 1 105 ? -6.252  9.441   7.007   1.00 22.72 ? 105 PRO A N     1 
ATOM   788  C  CA    . PRO A 1 105 ? -5.745  10.642  7.659   1.00 22.31 ? 105 PRO A CA    1 
ATOM   789  C  C     . PRO A 1 105 ? -4.564  10.213  8.513   1.00 22.96 ? 105 PRO A C     1 
ATOM   790  O  O     . PRO A 1 105 ? -4.496  9.065   8.943   1.00 22.09 ? 105 PRO A O     1 
ATOM   791  C  CB    . PRO A 1 105 ? -6.937  11.095  8.493   1.00 23.12 ? 105 PRO A CB    1 
ATOM   792  C  CG    . PRO A 1 105 ? -7.526  9.787   8.931   1.00 21.55 ? 105 PRO A CG    1 
ATOM   793  C  CD    . PRO A 1 105 ? -7.489  8.968   7.660   1.00 21.42 ? 105 PRO A CD    1 
ATOM   794  N  N     . CYS A 1 106 ? -3.624  11.127  8.729   1.00 24.54 ? 106 CYS A N     1 
ATOM   795  C  CA    . CYS A 1 106 ? -2.444  10.848  9.545   1.00 26.54 ? 106 CYS A CA    1 
ATOM   796  C  C     . CYS A 1 106 ? -2.271  12.027  10.492  1.00 26.08 ? 106 CYS A C     1 
ATOM   797  O  O     . CYS A 1 106 ? -2.523  13.176  10.114  1.00 25.67 ? 106 CYS A O     1 
ATOM   798  C  CB    . CYS A 1 106 ? -1.200  10.701  8.665   1.00 26.20 ? 106 CYS A CB    1 
ATOM   799  S  SG    . CYS A 1 106 ? -0.949  12.098  7.549   1.00 31.49 ? 106 CYS A SG    1 
ATOM   800  N  N     . LYS A 1 107 ? -1.851  11.742  11.718  1.00 23.67 ? 107 LYS A N     1 
ATOM   801  C  CA    . LYS A 1 107 ? -1.675  12.793  12.701  1.00 23.28 ? 107 LYS A CA    1 
ATOM   802  C  C     . LYS A 1 107 ? -0.249  13.282  12.717  1.00 22.97 ? 107 LYS A C     1 
ATOM   803  O  O     . LYS A 1 107 ? 0.692   12.489  12.722  1.00 21.90 ? 107 LYS A O     1 
ATOM   804  C  CB    . LYS A 1 107 ? -2.051  12.297  14.101  1.00 23.70 ? 107 LYS A CB    1 
ATOM   805  C  CG    . LYS A 1 107 ? -2.167  13.412  15.116  1.00 24.01 ? 107 LYS A CG    1 
ATOM   806  C  CD    . LYS A 1 107 ? -2.742  12.930  16.439  1.00 25.41 ? 107 LYS A CD    1 
ATOM   807  C  CE    . LYS A 1 107 ? -3.314  14.106  17.230  1.00 24.42 ? 107 LYS A CE    1 
ATOM   808  N  NZ    . LYS A 1 107 ? -2.380  15.269  17.273  1.00 25.65 ? 107 LYS A NZ    1 
ATOM   809  N  N     . HIS A 1 108 ? -0.080  14.596  12.711  1.00 24.09 ? 108 HIS A N     1 
ATOM   810  C  CA    . HIS A 1 108 ? 1.262   15.126  12.774  1.00 28.49 ? 108 HIS A CA    1 
ATOM   811  C  C     . HIS A 1 108 ? 1.563   15.708  14.147  1.00 30.05 ? 108 HIS A C     1 
ATOM   812  O  O     . HIS A 1 108 ? 0.856   16.591  14.646  1.00 28.70 ? 108 HIS A O     1 
ATOM   813  C  CB    . HIS A 1 108 ? 1.519   16.193  11.718  1.00 27.58 ? 108 HIS A CB    1 
ATOM   814  C  CG    . HIS A 1 108 ? 2.881   16.803  11.836  1.00 29.74 ? 108 HIS A CG    1 
ATOM   815  N  ND1   . HIS A 1 108 ? 3.188   17.753  12.787  1.00 30.28 ? 108 HIS A ND1   1 
ATOM   816  C  CD2   . HIS A 1 108 ? 4.039   16.531  11.191  1.00 29.33 ? 108 HIS A CD2   1 
ATOM   817  C  CE1   . HIS A 1 108 ? 4.474   18.038  12.723  1.00 30.52 ? 108 HIS A CE1   1 
ATOM   818  N  NE2   . HIS A 1 108 ? 5.014   17.308  11.762  1.00 30.02 ? 108 HIS A NE2   1 
ATOM   819  N  N     . GLU A 1 109 ? 2.627   15.192  14.751  1.00 31.21 ? 109 GLU A N     1 
ATOM   820  C  CA    . GLU A 1 109 ? 3.048   15.650  16.057  1.00 32.13 ? 109 GLU A CA    1 
ATOM   821  C  C     . GLU A 1 109 ? 4.545   15.789  16.179  1.00 30.92 ? 109 GLU A C     1 
ATOM   822  O  O     . GLU A 1 109 ? 5.306   15.249  15.369  1.00 32.05 ? 109 GLU A O     1 
ATOM   823  C  CB    . GLU A 1 109 ? 2.515   14.715  17.137  1.00 33.36 ? 109 GLU A CB    1 
ATOM   824  C  CG    . GLU A 1 109 ? 1.071   15.024  17.455  1.00 37.70 ? 109 GLU A CG    1 
ATOM   825  C  CD    . GLU A 1 109 ? 0.584   14.338  18.698  1.00 38.11 ? 109 GLU A CD    1 
ATOM   826  O  OE1   . GLU A 1 109 ? 1.270   14.429  19.747  1.00 38.67 ? 109 GLU A OE1   1 
ATOM   827  O  OE2   . GLU A 1 109 ? -0.500  13.721  18.624  1.00 40.57 ? 109 GLU A OE2   1 
ATOM   828  N  N     . VAL A 1 110 ? 4.959   16.549  17.184  1.00 28.75 ? 110 VAL A N     1 
ATOM   829  C  CA    . VAL A 1 110 ? 6.368   16.756  17.435  1.00 27.04 ? 110 VAL A CA    1 
ATOM   830  C  C     . VAL A 1 110 ? 6.735   15.702  18.466  1.00 24.71 ? 110 VAL A C     1 
ATOM   831  O  O     . VAL A 1 110 ? 5.912   15.325  19.302  1.00 22.50 ? 110 VAL A O     1 
ATOM   832  C  CB    . VAL A 1 110 ? 6.635   18.188  17.969  1.00 29.10 ? 110 VAL A CB    1 
ATOM   833  C  CG1   . VAL A 1 110 ? 5.799   19.193  17.161  1.00 29.02 ? 110 VAL A CG1   1 
ATOM   834  C  CG2   . VAL A 1 110 ? 6.311   18.287  19.454  1.00 28.81 ? 110 VAL A CG2   1 
ATOM   835  N  N     . LEU A 1 111 ? 7.955   15.199  18.380  1.00 22.98 ? 111 LEU A N     1 
ATOM   836  C  CA    . LEU A 1 111 ? 8.408   14.176  19.303  1.00 22.56 ? 111 LEU A CA    1 
ATOM   837  C  C     . LEU A 1 111 ? 9.090   14.819  20.497  1.00 24.05 ? 111 LEU A C     1 
ATOM   838  O  O     . LEU A 1 111 ? 10.132  15.468  20.360  1.00 24.37 ? 111 LEU A O     1 
ATOM   839  C  CB    . LEU A 1 111 ? 9.360   13.216  18.584  1.00 19.89 ? 111 LEU A CB    1 
ATOM   840  C  CG    . LEU A 1 111 ? 8.774   12.611  17.304  1.00 17.08 ? 111 LEU A CG    1 
ATOM   841  C  CD1   . LEU A 1 111 ? 9.788   11.693  16.654  1.00 15.80 ? 111 LEU A CD1   1 
ATOM   842  C  CD2   . LEU A 1 111 ? 7.503   11.853  17.628  1.00 14.83 ? 111 LEU A CD2   1 
ATOM   843  N  N     . GLU A 1 112 ? 8.480   14.640  21.666  1.00 26.68 ? 112 GLU A N     1 
ATOM   844  C  CA    . GLU A 1 112 ? 8.992   15.192  22.915  1.00 29.24 ? 112 GLU A CA    1 
ATOM   845  C  C     . GLU A 1 112 ? 9.720   14.172  23.776  1.00 28.83 ? 112 GLU A C     1 
ATOM   846  O  O     . GLU A 1 112 ? 9.084   13.330  24.415  1.00 28.23 ? 112 GLU A O     1 
ATOM   847  C  CB    . GLU A 1 112 ? 7.848   15.789  23.740  1.00 32.44 ? 112 GLU A CB    1 
ATOM   848  C  CG    . GLU A 1 112 ? 7.670   17.281  23.558  1.00 38.60 ? 112 GLU A CG    1 
ATOM   849  C  CD    . GLU A 1 112 ? 6.572   17.855  24.441  1.00 41.64 ? 112 GLU A CD    1 
ATOM   850  O  OE1   . GLU A 1 112 ? 5.380   17.533  24.211  1.00 42.15 ? 112 GLU A OE1   1 
ATOM   851  O  OE2   . GLU A 1 112 ? 6.909   18.629  25.370  1.00 45.04 ? 112 GLU A OE2   1 
ATOM   852  N  N     . GLN A 1 113 ? 11.048  14.246  23.799  1.00 28.53 ? 113 GLN A N     1 
ATOM   853  C  CA    . GLN A 1 113 ? 11.811  13.324  24.630  1.00 31.17 ? 113 GLN A CA    1 
ATOM   854  C  C     . GLN A 1 113 ? 11.293  13.475  26.069  1.00 31.42 ? 113 GLN A C     1 
ATOM   855  O  O     . GLN A 1 113 ? 11.372  14.549  26.665  1.00 29.97 ? 113 GLN A O     1 
ATOM   856  C  CB    . GLN A 1 113 ? 13.313  13.653  24.562  1.00 33.28 ? 113 GLN A CB    1 
ATOM   857  C  CG    . GLN A 1 113 ? 14.126  12.684  23.693  1.00 36.23 ? 113 GLN A CG    1 
ATOM   858  C  CD    . GLN A 1 113 ? 14.239  11.288  24.310  1.00 37.92 ? 113 GLN A CD    1 
ATOM   859  O  OE1   . GLN A 1 113 ? 14.554  10.314  23.619  1.00 35.50 ? 113 GLN A OE1   1 
ATOM   860  N  NE2   . GLN A 1 113 ? 13.994  11.189  25.622  1.00 39.46 ? 113 GLN A NE2   1 
ATOM   861  N  N     . GLY A 1 114 ? 10.736  12.404  26.615  1.00 30.75 ? 114 GLY A N     1 
ATOM   862  C  CA    . GLY A 1 114 ? 10.225  12.477  27.968  1.00 30.33 ? 114 GLY A CA    1 
ATOM   863  C  C     . GLY A 1 114 ? 10.298  11.140  28.665  1.00 30.78 ? 114 GLY A C     1 
ATOM   864  O  O     . GLY A 1 114 ? 11.154  10.304  28.348  1.00 30.36 ? 114 GLY A O     1 
ATOM   865  N  N     . LYS A 1 115 ? 9.387   10.934  29.608  1.00 31.02 ? 115 LYS A N     1 
ATOM   866  C  CA    . LYS A 1 115 ? 9.341   9.690   30.355  1.00 33.41 ? 115 LYS A CA    1 
ATOM   867  C  C     . LYS A 1 115 ? 7.997   8.986   30.226  1.00 33.56 ? 115 LYS A C     1 
ATOM   868  O  O     . LYS A 1 115 ? 6.951   9.536   30.582  1.00 34.18 ? 115 LYS A O     1 
ATOM   869  C  CB    . LYS A 1 115 ? 9.650   9.953   31.827  1.00 34.73 ? 115 LYS A CB    1 
ATOM   870  C  CG    . LYS A 1 115 ? 11.092  10.349  32.076  1.00 37.55 ? 115 LYS A CG    1 
ATOM   871  C  CD    . LYS A 1 115 ? 12.038  9.217   31.686  1.00 40.99 ? 115 LYS A CD    1 
ATOM   872  C  CE    . LYS A 1 115 ? 13.486  9.558   32.029  1.00 41.71 ? 115 LYS A CE    1 
ATOM   873  N  NZ    . LYS A 1 115 ? 13.647  9.814   33.492  1.00 41.65 ? 115 LYS A NZ    1 
ATOM   874  N  N     . VAL A 1 116 ? 8.036   7.764   29.707  1.00 33.82 ? 116 VAL A N     1 
ATOM   875  C  CA    . VAL A 1 116 ? 6.831   6.966   29.542  1.00 32.75 ? 116 VAL A CA    1 
ATOM   876  C  C     . VAL A 1 116 ? 6.323   6.517   30.912  1.00 32.95 ? 116 VAL A C     1 
ATOM   877  O  O     . VAL A 1 116 ? 7.055   5.906   31.692  1.00 29.71 ? 116 VAL A O     1 
ATOM   878  C  CB    . VAL A 1 116 ? 7.113   5.725   28.653  1.00 33.18 ? 116 VAL A CB    1 
ATOM   879  C  CG1   . VAL A 1 116 ? 6.131   4.613   28.968  1.00 34.33 ? 116 VAL A CG1   1 
ATOM   880  C  CG2   . VAL A 1 116 ? 7.017   6.113   27.181  1.00 32.35 ? 116 VAL A CG2   1 
ATOM   881  N  N     . VAL A 1 117 ? 5.065   6.834   31.192  1.00 34.40 ? 117 VAL A N     1 
ATOM   882  C  CA    . VAL A 1 117 ? 4.430   6.477   32.457  1.00 38.20 ? 117 VAL A CA    1 
ATOM   883  C  C     . VAL A 1 117 ? 3.667   5.153   32.319  1.00 38.77 ? 117 VAL A C     1 
ATOM   884  O  O     . VAL A 1 117 ? 2.882   4.981   31.383  1.00 41.37 ? 117 VAL A O     1 
ATOM   885  C  CB    . VAL A 1 117 ? 3.433   7.581   32.883  1.00 39.80 ? 117 VAL A CB    1 
ATOM   886  C  CG1   . VAL A 1 117 ? 2.792   7.236   34.219  1.00 39.75 ? 117 VAL A CG1   1 
ATOM   887  C  CG2   . VAL A 1 117 ? 4.156   8.924   32.947  1.00 41.15 ? 117 VAL A CG2   1 
ATOM   888  N  N     . MET A 1 118 ? 3.897   4.220   33.238  1.00 37.74 ? 118 MET A N     1 
ATOM   889  C  CA    . MET A 1 118 ? 3.200   2.936   33.191  1.00 37.36 ? 118 MET A CA    1 
ATOM   890  C  C     . MET A 1 118 ? 1.765   3.167   33.661  1.00 36.83 ? 118 MET A C     1 
ATOM   891  O  O     . MET A 1 118 ? 1.329   2.605   34.669  1.00 36.54 ? 118 MET A O     1 
ATOM   892  C  CB    . MET A 1 118 ? 3.891   1.923   34.109  1.00 37.62 ? 118 MET A CB    1 
ATOM   893  C  CG    . MET A 1 118 ? 5.388   1.830   33.896  1.00 38.20 ? 118 MET A CG    1 
ATOM   894  S  SD    . MET A 1 118 ? 5.816   1.512   32.165  1.00 39.56 ? 118 MET A SD    1 
ATOM   895  C  CE    . MET A 1 118 ? 5.602   -0.345  32.097  1.00 36.44 ? 118 MET A CE    1 
ATOM   896  N  N     . ASP A 1 119 ? 1.038   3.994   32.914  1.00 35.59 ? 119 ASP A N     1 
ATOM   897  C  CA    . ASP A 1 119 ? -0.336  4.341   33.251  1.00 35.27 ? 119 ASP A CA    1 
ATOM   898  C  C     . ASP A 1 119 ? -1.370  3.573   32.439  1.00 34.54 ? 119 ASP A C     1 
ATOM   899  O  O     . ASP A 1 119 ? -2.384  4.152   32.048  1.00 34.80 ? 119 ASP A O     1 
ATOM   900  C  CB    . ASP A 1 119 ? -0.568  5.829   32.999  1.00 35.78 ? 119 ASP A CB    1 
ATOM   901  C  CG    . ASP A 1 119 ? -0.502  6.172   31.518  1.00 36.12 ? 119 ASP A CG    1 
ATOM   902  O  OD1   . ASP A 1 119 ? -0.932  7.280   31.132  1.00 36.12 ? 119 ASP A OD1   1 
ATOM   903  O  OD2   . ASP A 1 119 ? -0.011  5.325   30.740  1.00 34.50 ? 119 ASP A OD2   1 
ATOM   904  N  N     . SER A 1 120 ? -1.143  2.289   32.180  1.00 32.34 ? 120 SER A N     1 
ATOM   905  C  CA    . SER A 1 120 ? -2.113  1.523   31.400  1.00 31.83 ? 120 SER A CA    1 
ATOM   906  C  C     . SER A 1 120 ? -2.175  0.056   31.809  1.00 31.54 ? 120 SER A C     1 
ATOM   907  O  O     . SER A 1 120 ? -1.251  -0.468  32.426  1.00 30.51 ? 120 SER A O     1 
ATOM   908  C  CB    . SER A 1 120 ? -1.767  1.605   29.912  1.00 30.84 ? 120 SER A CB    1 
ATOM   909  O  OG    . SER A 1 120 ? -0.579  0.882   29.646  1.00 29.40 ? 120 SER A OG    1 
ATOM   910  N  N     . GLU A 1 121 ? -3.274  -0.607  31.444  1.00 31.53 ? 121 GLU A N     1 
ATOM   911  C  CA    . GLU A 1 121 ? -3.440  -2.015  31.765  1.00 33.30 ? 121 GLU A CA    1 
ATOM   912  C  C     . GLU A 1 121 ? -2.952  -2.882  30.598  1.00 33.41 ? 121 GLU A C     1 
ATOM   913  O  O     . GLU A 1 121 ? -3.738  -3.438  29.828  1.00 36.53 ? 121 GLU A O     1 
ATOM   914  C  CB    . GLU A 1 121 ? -4.906  -2.322  32.090  1.00 33.77 ? 121 GLU A CB    1 
ATOM   915  C  CG    . GLU A 1 121 ? -5.839  -2.343  30.901  1.00 36.86 ? 121 GLU A CG    1 
ATOM   916  C  CD    . GLU A 1 121 ? -7.242  -2.777  31.289  1.00 39.49 ? 121 GLU A CD    1 
ATOM   917  O  OE1   . GLU A 1 121 ? -8.058  -1.894  31.649  1.00 41.40 ? 121 GLU A OE1   1 
ATOM   918  O  OE2   . GLU A 1 121 ? -7.519  -4.002  31.247  1.00 39.02 ? 121 GLU A OE2   1 
ATOM   919  N  N     . ARG A 1 122 ? -1.634  -2.968  30.483  1.00 32.03 ? 122 ARG A N     1 
ATOM   920  C  CA    . ARG A 1 122 ? -0.925  -3.736  29.460  1.00 30.25 ? 122 ARG A CA    1 
ATOM   921  C  C     . ARG A 1 122 ? 0.506   -3.286  29.623  1.00 29.67 ? 122 ARG A C     1 
ATOM   922  O  O     . ARG A 1 122 ? 1.422   -4.090  29.740  1.00 29.60 ? 122 ARG A O     1 
ATOM   923  C  CB    . ARG A 1 122 ? -1.369  -3.383  28.038  1.00 27.30 ? 122 ARG A CB    1 
ATOM   924  C  CG    . ARG A 1 122 ? -0.354  -3.856  26.982  1.00 24.42 ? 122 ARG A CG    1 
ATOM   925  C  CD    . ARG A 1 122 ? -0.599  -3.273  25.600  1.00 23.01 ? 122 ARG A CD    1 
ATOM   926  N  NE    . ARG A 1 122 ? -1.549  -4.054  24.803  1.00 19.99 ? 122 ARG A NE    1 
ATOM   927  C  CZ    . ARG A 1 122 ? -1.297  -5.257  24.292  1.00 18.31 ? 122 ARG A CZ    1 
ATOM   928  N  NH1   . ARG A 1 122 ? -0.120  -5.826  24.493  1.00 19.21 ? 122 ARG A NH1   1 
ATOM   929  N  NH2   . ARG A 1 122 ? -2.209  -5.888  23.564  1.00 15.70 ? 122 ARG A NH2   1 
ATOM   930  N  N     . GLY A 1 123 ? 0.660   -1.966  29.626  1.00 30.09 ? 123 GLY A N     1 
ATOM   931  C  CA    . GLY A 1 123 ? 1.944   -1.330  29.787  1.00 31.41 ? 123 GLY A CA    1 
ATOM   932  C  C     . GLY A 1 123 ? 3.141   -1.948  29.097  1.00 32.72 ? 123 GLY A C     1 
ATOM   933  O  O     . GLY A 1 123 ? 3.519   -1.561  27.997  1.00 34.48 ? 123 GLY A O     1 
ATOM   934  N  N     . ASP A 1 124 ? 3.741   -2.914  29.768  1.00 32.63 ? 124 ASP A N     1 
ATOM   935  C  CA    . ASP A 1 124 ? 4.942   -3.569  29.272  1.00 32.81 ? 124 ASP A CA    1 
ATOM   936  C  C     . ASP A 1 124 ? 4.689   -4.708  28.283  1.00 31.92 ? 124 ASP A C     1 
ATOM   937  O  O     . ASP A 1 124 ? 5.461   -4.910  27.350  1.00 31.55 ? 124 ASP A O     1 
ATOM   938  C  CB    . ASP A 1 124 ? 5.721   -4.108  30.479  1.00 33.72 ? 124 ASP A CB    1 
ATOM   939  C  CG    . ASP A 1 124 ? 7.172   -4.367  30.174  1.00 34.40 ? 124 ASP A CG    1 
ATOM   940  O  OD1   . ASP A 1 124 ? 7.467   -4.917  29.085  1.00 37.01 ? 124 ASP A OD1   1 
ATOM   941  O  OD2   . ASP A 1 124 ? 8.018   -4.021  31.033  1.00 35.70 ? 124 ASP A OD2   1 
ATOM   942  N  N     . ASN A 1 125 ? 3.601   -5.439  28.503  1.00 31.93 ? 125 ASN A N     1 
ATOM   943  C  CA    . ASN A 1 125 ? 3.231   -6.614  27.709  1.00 32.97 ? 125 ASN A CA    1 
ATOM   944  C  C     . ASN A 1 125 ? 3.089   -6.526  26.182  1.00 33.07 ? 125 ASN A C     1 
ATOM   945  O  O     . ASN A 1 125 ? 2.561   -5.554  25.632  1.00 32.99 ? 125 ASN A O     1 
ATOM   946  C  CB    . ASN A 1 125 ? 1.941   -7.207  28.283  1.00 34.46 ? 125 ASN A CB    1 
ATOM   947  C  CG    . ASN A 1 125 ? 2.023   -7.408  29.788  1.00 35.92 ? 125 ASN A CG    1 
ATOM   948  O  OD1   . ASN A 1 125 ? 2.836   -8.200  30.280  1.00 36.18 ? 125 ASN A OD1   1 
ATOM   949  N  ND2   . ASN A 1 125 ? 1.186   -6.685  30.528  1.00 35.72 ? 125 ASN A ND2   1 
ATOM   950  N  N     . GLY A 1 126 ? 3.555   -7.582  25.516  1.00 33.91 ? 126 GLY A N     1 
ATOM   951  C  CA    . GLY A 1 126 ? 3.488   -7.688  24.068  1.00 35.39 ? 126 GLY A CA    1 
ATOM   952  C  C     . GLY A 1 126 ? 3.988   -9.042  23.585  1.00 36.94 ? 126 GLY A C     1 
ATOM   953  O  O     . GLY A 1 126 ? 4.625   -9.786  24.346  1.00 37.94 ? 126 GLY A O     1 
ATOM   954  N  N     . TYR A 1 127 ? 3.677   -9.375  22.333  1.00 36.65 ? 127 TYR A N     1 
ATOM   955  C  CA    . TYR A 1 127 ? 4.114   -10.621 21.694  1.00 37.66 ? 127 TYR A CA    1 
ATOM   956  C  C     . TYR A 1 127 ? 3.463   -11.930 22.188  1.00 38.77 ? 127 TYR A C     1 
ATOM   957  O  O     . TYR A 1 127 ? 4.145   -12.949 22.376  1.00 38.62 ? 127 TYR A O     1 
ATOM   958  C  CB    . TYR A 1 127 ? 5.643   -10.730 21.792  1.00 36.57 ? 127 TYR A CB    1 
ATOM   959  C  CG    . TYR A 1 127 ? 6.348   -9.462  21.339  1.00 38.39 ? 127 TYR A CG    1 
ATOM   960  C  CD1   . TYR A 1 127 ? 6.645   -8.440  22.252  1.00 38.35 ? 127 TYR A CD1   1 
ATOM   961  C  CD2   . TYR A 1 127 ? 6.660   -9.254  19.987  1.00 37.73 ? 127 TYR A CD2   1 
ATOM   962  C  CE1   . TYR A 1 127 ? 7.243   -7.243  21.830  1.00 37.51 ? 127 TYR A CE1   1 
ATOM   963  C  CE2   . TYR A 1 127 ? 7.259   -8.055  19.559  1.00 37.01 ? 127 TYR A CE2   1 
ATOM   964  C  CZ    . TYR A 1 127 ? 7.544   -7.056  20.483  1.00 38.11 ? 127 TYR A CZ    1 
ATOM   965  O  OH    . TYR A 1 127 ? 8.129   -5.879  20.056  1.00 38.03 ? 127 TYR A OH    1 
ATOM   966  N  N     . GLY A 1 128 ? 2.143   -11.899 22.381  1.00 39.57 ? 128 GLY A N     1 
ATOM   967  C  CA    . GLY A 1 128 ? 1.411   -13.081 22.825  1.00 41.11 ? 128 GLY A CA    1 
ATOM   968  C  C     . GLY A 1 128 ? 0.963   -13.011 24.274  1.00 43.08 ? 128 GLY A C     1 
ATOM   969  O  O     . GLY A 1 128 ? 1.049   -14.013 25.001  1.00 42.93 ? 128 GLY A O     1 
ATOM   970  N  N     . SER A 1 129 ? 0.465   -11.840 24.685  1.00 44.35 ? 129 SER A N     1 
ATOM   971  C  CA    . SER A 1 129 ? 0.026   -11.608 26.073  1.00 46.26 ? 129 SER A CA    1 
ATOM   972  C  C     . SER A 1 129 ? -1.166  -12.419 26.600  1.00 46.40 ? 129 SER A C     1 
ATOM   973  O  O     . SER A 1 129 ? -1.244  -12.683 27.806  1.00 47.48 ? 129 SER A O     1 
ATOM   974  C  CB    . SER A 1 129 ? -0.244  -10.113 26.298  1.00 47.13 ? 129 SER A CB    1 
ATOM   975  O  OG    . SER A 1 129 ? -1.005  -9.556  25.228  1.00 48.64 ? 129 SER A OG    1 
ATOM   976  N  N     . THR A 1 130 ? -2.095  -12.807 25.732  1.00 45.97 ? 130 THR A N     1 
ATOM   977  C  CA    . THR A 1 130 ? -3.231  -13.604 26.185  1.00 45.97 ? 130 THR A CA    1 
ATOM   978  C  C     . THR A 1 130 ? -3.098  -15.068 25.747  1.00 45.93 ? 130 THR A C     1 
ATOM   979  O  O     . THR A 1 130 ? -3.991  -15.888 25.986  1.00 46.38 ? 130 THR A O     1 
ATOM   980  C  CB    . THR A 1 130 ? -4.563  -13.018 25.638  1.00 46.84 ? 130 THR A CB    1 
ATOM   981  O  OG1   . THR A 1 130 ? -4.614  -13.175 24.212  1.00 47.16 ? 130 THR A OG1   1 
ATOM   982  C  CG2   . THR A 1 130 ? -4.655  -11.536 25.966  1.00 48.10 ? 130 THR A CG2   1 
ATOM   983  N  N     . GLY A 1 131 ? -1.971  -15.395 25.117  1.00 46.26 ? 131 GLY A N     1 
ATOM   984  C  CA    . GLY A 1 131 ? -1.747  -16.753 24.635  1.00 45.40 ? 131 GLY A CA    1 
ATOM   985  C  C     . GLY A 1 131 ? -2.105  -16.917 23.156  1.00 44.70 ? 131 GLY A C     1 
ATOM   986  O  O     . GLY A 1 131 ? -2.122  -15.942 22.398  1.00 46.13 ? 131 GLY A O     1 
ATOM   987  N  N     . VAL A 1 132 ? -2.368  -18.145 22.724  1.00 41.79 ? 132 VAL A N     1 
ATOM   988  C  CA    . VAL A 1 132 ? -2.762  -18.405 21.345  1.00 38.08 ? 132 VAL A CA    1 
ATOM   989  C  C     . VAL A 1 132 ? -4.266  -18.332 21.335  1.00 36.35 ? 132 VAL A C     1 
ATOM   990  O  O     . VAL A 1 132 ? -4.863  -17.928 20.347  1.00 36.40 ? 132 VAL A O     1 
ATOM   991  C  CB    . VAL A 1 132 ? -2.297  -19.798 20.897  1.00 39.06 ? 132 VAL A CB    1 
ATOM   992  C  CG1   . VAL A 1 132 ? -3.173  -20.347 19.779  1.00 38.33 ? 132 VAL A CG1   1 
ATOM   993  C  CG2   . VAL A 1 132 ? -0.862  -19.702 20.473  1.00 38.24 ? 132 VAL A CG2   1 
ATOM   994  N  N     . PHE A 1 133 ? -4.861  -18.727 22.459  1.00 35.12 ? 133 PHE A N     1 
ATOM   995  C  CA    . PHE A 1 133 ? -6.312  -18.703 22.649  1.00 34.40 ? 133 PHE A CA    1 
ATOM   996  C  C     . PHE A 1 133 ? -6.731  -17.673 23.712  1.00 34.63 ? 133 PHE A C     1 
ATOM   997  O  O     . PHE A 1 133 ? -7.701  -16.948 23.403  1.00 35.02 ? 133 PHE A O     1 
ATOM   998  C  CB    . PHE A 1 133 ? -6.867  -20.091 23.055  1.00 35.85 ? 133 PHE A CB    1 
ATOM   999  C  CG    . PHE A 1 133 ? -6.484  -21.205 22.116  1.00 34.68 ? 133 PHE A CG    1 
ATOM   1000 C  CD1   . PHE A 1 133 ? -5.268  -21.873 22.266  1.00 32.91 ? 133 PHE A CD1   1 
ATOM   1001 C  CD2   . PHE A 1 133 ? -7.333  -21.557 21.060  1.00 34.35 ? 133 PHE A CD2   1 
ATOM   1002 C  CE1   . PHE A 1 133 ? -4.888  -22.873 21.379  1.00 32.97 ? 133 PHE A CE1   1 
ATOM   1003 C  CE2   . PHE A 1 133 ? -6.957  -22.564 20.161  1.00 34.82 ? 133 PHE A CE2   1 
ATOM   1004 C  CZ    . PHE A 1 133 ? -5.732  -23.220 20.327  1.00 33.09 ? 133 PHE A CZ    1 
HETATM 1005 MG MG    . MG  B 2 .   ? 4.144   -8.070  3.341   1.00 36.02 ? 137 MG  A MG    1 
HETATM 1006 N  N1    . UDP C 3 .   ? 6.373   5.356   -2.849  1.00 20.36 ? 138 UDP A N1    1 
HETATM 1007 C  C2    . UDP C 3 .   ? 5.643   4.739   -3.897  1.00 19.86 ? 138 UDP A C2    1 
HETATM 1008 N  N3    . UDP C 3 .   ? 5.194   3.443   -3.618  1.00 18.87 ? 138 UDP A N3    1 
HETATM 1009 C  C4    . UDP C 3 .   ? 5.420   2.722   -2.432  1.00 20.09 ? 138 UDP A C4    1 
HETATM 1010 C  C5    . UDP C 3 .   ? 6.192   3.413   -1.382  1.00 20.43 ? 138 UDP A C5    1 
HETATM 1011 C  C6    . UDP C 3 .   ? 6.638   4.679   -1.624  1.00 20.36 ? 138 UDP A C6    1 
HETATM 1012 O  O2    . UDP C 3 .   ? 5.393   5.283   -4.961  1.00 21.35 ? 138 UDP A O2    1 
HETATM 1013 O  O4    . UDP C 3 .   ? 4.968   1.601   -2.348  1.00 21.48 ? 138 UDP A O4    1 
HETATM 1014 C  "C1'" . UDP C 3 .   ? 6.887   6.744   -3.064  1.00 17.78 ? 138 UDP A "C1'" 1 
HETATM 1015 C  "C2'" . UDP C 3 .   ? 5.897   7.810   -2.580  1.00 17.64 ? 138 UDP A "C2'" 1 
HETATM 1016 C  "C3'" . UDP C 3 .   ? 6.529   8.323   -1.314  1.00 18.64 ? 138 UDP A "C3'" 1 
HETATM 1017 C  "C4'" . UDP C 3 .   ? 8.004   8.125   -1.531  1.00 19.93 ? 138 UDP A "C4'" 1 
HETATM 1018 O  "O4'" . UDP C 3 .   ? 8.127   6.973   -2.411  1.00 20.78 ? 138 UDP A "O4'" 1 
HETATM 1019 O  "O3'" . UDP C 3 .   ? 6.295   9.700   -1.121  1.00 18.87 ? 138 UDP A "O3'" 1 
HETATM 1020 C  "C5'" . UDP C 3 .   ? 8.736   7.832   -0.239  1.00 23.94 ? 138 UDP A "C5'" 1 
HETATM 1021 O  "O5'" . UDP C 3 .   ? 10.057  7.652   -0.513  1.00 28.99 ? 138 UDP A "O5'" 1 
HETATM 1022 P  PA    . UDP C 3 .   ? 11.246  8.133   0.475   1.00 30.42 ? 138 UDP A PA    1 
HETATM 1023 O  O1A   . UDP C 3 .   ? 12.553  7.958   -0.175  1.00 29.81 ? 138 UDP A O1A   1 
HETATM 1024 O  O2A   . UDP C 3 .   ? 11.009  9.492   0.912   1.00 34.25 ? 138 UDP A O2A   1 
HETATM 1025 O  O3A   . UDP C 3 .   ? 11.191  7.258   1.734   1.00 36.54 ? 138 UDP A O3A   1 
HETATM 1026 P  PB    . UDP C 3 .   ? 10.919  5.731   1.950   1.00 40.77 ? 138 UDP A PB    1 
HETATM 1027 O  O1B   . UDP C 3 .   ? 12.141  4.981   1.442   1.00 34.72 ? 138 UDP A O1B   1 
HETATM 1028 O  O2B   . UDP C 3 .   ? 9.562   5.240   1.279   1.00 36.08 ? 138 UDP A O2B   1 
HETATM 1029 O  O3B   . UDP C 3 .   ? 10.733  5.634   3.444   1.00 40.25 ? 138 UDP A O3B   1 
HETATM 1030 O  O     . HOH D 4 .   ? -11.217 -6.520  -12.872 1.00 54.71 ? 201 HOH A O     1 
HETATM 1031 O  O     . HOH D 4 .   ? 4.191   -0.646  -2.891  1.00 15.39 ? 202 HOH A O     1 
HETATM 1032 O  O     . HOH D 4 .   ? -2.701  -6.957  -4.568  1.00 11.28 ? 203 HOH A O     1 
HETATM 1033 O  O     . HOH D 4 .   ? 10.897  -17.591 -5.132  1.00 29.61 ? 204 HOH A O     1 
HETATM 1034 O  O     . HOH D 4 .   ? 6.269   9.212   5.430   1.00 14.15 ? 205 HOH A O     1 
HETATM 1035 O  O     . HOH D 4 .   ? 0.203   13.738  -3.232  1.00 22.10 ? 206 HOH A O     1 
HETATM 1036 O  O     . HOH D 4 .   ? -0.653  -8.335  -0.100  1.00 22.06 ? 207 HOH A O     1 
HETATM 1037 O  O     . HOH D 4 .   ? -3.720  -6.313  -21.376 1.00 20.33 ? 208 HOH A O     1 
HETATM 1038 O  O     . HOH D 4 .   ? -1.679  -6.268  1.407   1.00 12.14 ? 209 HOH A O     1 
HETATM 1039 O  O     . HOH D 4 .   ? 15.616  8.983   25.732  1.00 35.42 ? 210 HOH A O     1 
HETATM 1040 O  O     . HOH D 4 .   ? 7.958   7.389   3.104   1.00 24.01 ? 211 HOH A O     1 
HETATM 1041 O  O     . HOH D 4 .   ? -18.605 -2.749  -0.854  1.00 16.95 ? 213 HOH A O     1 
HETATM 1042 O  O     . HOH D 4 .   ? -1.938  20.247  5.383   1.00 42.25 ? 214 HOH A O     1 
HETATM 1043 O  O     . HOH D 4 .   ? 13.135  -9.549  -14.264 1.00 29.54 ? 215 HOH A O     1 
HETATM 1044 O  O     . HOH D 4 .   ? -11.266 -2.074  -4.485  1.00 30.13 ? 216 HOH A O     1 
HETATM 1045 O  O     . HOH D 4 .   ? 14.274  7.239   2.075   1.00 31.52 ? 217 HOH A O     1 
HETATM 1046 O  O     . HOH D 4 .   ? -8.535  -2.598  -16.003 1.00 19.92 ? 218 HOH A O     1 
HETATM 1047 O  O     . HOH D 4 .   ? 1.069   -4.758  2.088   1.00 17.66 ? 219 HOH A O     1 
HETATM 1048 O  O     . HOH D 4 .   ? 1.475   10.441  11.414  1.00 25.10 ? 220 HOH A O     1 
HETATM 1049 O  O     . HOH D 4 .   ? -1.156  -3.260  33.729  1.00 33.33 ? 221 HOH A O     1 
HETATM 1050 O  O     . HOH D 4 .   ? -15.221 0.571   -6.289  1.00 22.23 ? 222 HOH A O     1 
HETATM 1051 O  O     . HOH D 4 .   ? 10.552  -5.177  21.169  1.00 19.58 ? 223 HOH A O     1 
HETATM 1052 O  O     . HOH D 4 .   ? 14.454  13.971  27.649  1.00 29.36 ? 224 HOH A O     1 
HETATM 1053 O  O     . HOH D 4 .   ? 6.468   2.521   2.005   1.00 18.86 ? 225 HOH A O     1 
HETATM 1054 O  O     . HOH D 4 .   ? 6.515   20.179  12.949  1.00 33.42 ? 226 HOH A O     1 
HETATM 1055 O  O     . HOH D 4 .   ? 1.247   -18.560 -11.316 1.00 24.95 ? 227 HOH A O     1 
HETATM 1056 O  O     . HOH D 4 .   ? -5.952  17.221  -5.220  1.00 37.85 ? 228 HOH A O     1 
HETATM 1057 O  O     . HOH D 4 .   ? 3.054   -3.329  -21.902 1.00 14.46 ? 229 HOH A O     1 
HETATM 1058 O  O     . HOH D 4 .   ? 13.474  9.442   -2.272  1.00 61.14 ? 230 HOH A O     1 
HETATM 1059 O  O     . HOH D 4 .   ? -20.387 5.286   -5.100  1.00 28.76 ? 231 HOH A O     1 
HETATM 1060 O  O     . HOH D 4 .   ? 9.331   -25.301 -4.069  1.00 24.92 ? 232 HOH A O     1 
HETATM 1061 O  O     . HOH D 4 .   ? -11.845 15.765  5.547   1.00 37.77 ? 233 HOH A O     1 
HETATM 1062 O  O     . HOH D 4 .   ? -5.858  -5.834  30.880  1.00 34.83 ? 234 HOH A O     1 
HETATM 1063 O  O     . HOH D 4 .   ? 1.706   -2.092  2.188   1.00 18.33 ? 235 HOH A O     1 
HETATM 1064 O  O     . HOH D 4 .   ? -11.678 0.904   -8.062  1.00 29.26 ? 236 HOH A O     1 
HETATM 1065 O  O     . HOH D 4 .   ? -12.343 -0.258  -5.703  1.00 37.91 ? 237 HOH A O     1 
HETATM 1066 O  O     . HOH D 4 .   ? -0.929  15.260  9.449   1.00 30.40 ? 238 HOH A O     1 
HETATM 1067 O  O     . HOH D 4 .   ? -0.788  -8.403  -3.005  1.00 27.10 ? 239 HOH A O     1 
HETATM 1068 O  O     . HOH D 4 .   ? 1.753   11.760  -6.542  1.00 30.01 ? 240 HOH A O     1 
HETATM 1069 O  O     . HOH D 4 .   ? -14.503 7.835   -7.137  1.00 28.21 ? 241 HOH A O     1 
HETATM 1070 O  O     . HOH D 4 .   ? -1.080  6.618   -16.845 1.00 22.79 ? 242 HOH A O     1 
HETATM 1071 O  O     . HOH D 4 .   ? 4.234   8.764   -15.052 1.00 35.84 ? 243 HOH A O     1 
HETATM 1072 O  O     . HOH D 4 .   ? 10.376  12.875  34.055  1.00 34.74 ? 244 HOH A O     1 
HETATM 1073 O  O     . HOH D 4 .   ? -4.804  10.563  -19.443 1.00 49.23 ? 245 HOH A O     1 
HETATM 1074 O  O     . HOH D 4 .   ? 5.434   -14.676 20.006  1.00 33.56 ? 246 HOH A O     1 
HETATM 1075 O  O     . HOH D 4 .   ? -0.050  1.775   -21.115 1.00 36.53 ? 247 HOH A O     1 
HETATM 1076 O  O     . HOH D 4 .   ? 9.075   -6.435  -17.374 1.00 38.72 ? 248 HOH A O     1 
HETATM 1077 O  O     . HOH D 4 .   ? -3.915  0.657   34.190  1.00 27.23 ? 249 HOH A O     1 
HETATM 1078 O  O     . HOH D 4 .   ? 1.589   -8.806  32.847  1.00 32.92 ? 250 HOH A O     1 
HETATM 1079 O  O     . HOH D 4 .   ? -10.778 -13.991 -8.725  1.00 51.09 ? 251 HOH A O     1 
HETATM 1080 O  O     . HOH D 4 .   ? -2.021  8.284   29.282  1.00 31.35 ? 252 HOH A O     1 
HETATM 1081 O  O     . HOH D 4 .   ? 14.753  -14.108 -3.607  1.00 37.56 ? 253 HOH A O     1 
HETATM 1082 O  O     . HOH D 4 .   ? 0.255   2.615   -24.000 1.00 30.39 ? 254 HOH A O     1 
HETATM 1083 O  O     . HOH D 4 .   ? -6.072  14.575  8.686   1.00 45.25 ? 255 HOH A O     1 
# 
